data_6AQG
#
_entry.id   6AQG
#
_cell.length_a   94.120
_cell.length_b   97.200
_cell.length_c   105.830
_cell.angle_alpha   90.050
_cell.angle_beta   104.280
_cell.angle_gamma   117.860
#
_symmetry.space_group_name_H-M   'P 1'
#
loop_
_entity.id
_entity.type
_entity.pdbx_description
1 polymer 'Lysine--tRNA ligase'
2 non-polymer LYSINE
3 non-polymer cladosporin
4 non-polymer (4S)-2-METHYL-2,4-PENTANEDIOL
5 water water
#
_entity_poly.entity_id   1
_entity_poly.type   'polypeptide(L)'
_entity_poly.pdbx_seq_one_letter_code
;MAHHHHHHMSSAESNIPEQFRIRRDKRARLLAEGYDPYPVAIERTHTLAEIRATYADLPTDSATEDIVGVAGRVVFARNT
GKLCFATLQDGDGTQLQAMISLDEVGRESLDRWKADVDIGDVVYVHGTVISSRRGELSVLADSWRMAAKALRPLPVAHKE
MSEESRVRQRYVDLIVRPQAREVARQRIAVIRAVRNALERRGFLEVETPMLQTLAGGAAARPFVTHSNALDIDLYLRIAP
ELFLKRCIVGGFDRVFELNRVFRNEGSDSTHSPEFSMLETYQTYGTYDDSALITRELIQEVADEAIGTRQLSMPDGSVYD
IDGEWATMEMYSSLSEALGEQITPETTVARLRDIASGLDVEIDNSVFGHGKLVEELWEHAVGNKLTAPTFVKDFPVETTP
LTRQHRSIPGVTEKWDLYVRGVELATGYSELNDPVVQRDRFADQARAAAAGDDEAMQLDEDFLTALEYGMPPCTGTGMGI
DRLLMCLTGLSIRETVLFPIVRPHSN
;
_entity_poly.pdbx_strand_id   A,B,C,D
#
# COMPACT_ATOMS: atom_id res chain seq x y z
N PRO A 17 -29.96 13.72 -28.73
CA PRO A 17 -29.23 12.46 -28.85
C PRO A 17 -28.91 12.17 -30.31
N GLU A 18 -29.94 12.25 -31.17
CA GLU A 18 -29.67 12.53 -32.57
C GLU A 18 -28.96 13.88 -32.69
N GLN A 19 -29.38 14.87 -31.89
CA GLN A 19 -28.71 16.16 -31.90
C GLN A 19 -27.27 16.07 -31.42
N PHE A 20 -26.99 15.17 -30.47
CA PHE A 20 -25.62 15.04 -29.95
C PHE A 20 -24.67 14.53 -31.03
N ARG A 21 -25.10 13.54 -31.82
CA ARG A 21 -24.23 13.00 -32.86
C ARG A 21 -23.87 14.07 -33.89
N ILE A 22 -24.86 14.85 -34.33
CA ILE A 22 -24.62 15.92 -35.29
C ILE A 22 -23.56 16.89 -34.79
N ARG A 23 -23.71 17.37 -33.55
CA ARG A 23 -22.78 18.38 -33.04
C ARG A 23 -21.39 17.80 -32.87
N ARG A 24 -21.29 16.56 -32.41
CA ARG A 24 -19.99 15.92 -32.27
C ARG A 24 -19.30 15.80 -33.62
N ASP A 25 -20.06 15.53 -34.69
CA ASP A 25 -19.49 15.48 -36.04
C ASP A 25 -18.94 16.82 -36.47
N LYS A 26 -19.66 17.89 -36.17
CA LYS A 26 -19.15 19.23 -36.47
C LYS A 26 -17.84 19.51 -35.74
N ARG A 27 -17.79 19.21 -34.45
CA ARG A 27 -16.57 19.42 -33.68
C ARG A 27 -15.37 18.78 -34.36
N ALA A 28 -15.49 17.50 -34.72
CA ALA A 28 -14.39 16.78 -35.34
C ALA A 28 -14.04 17.38 -36.70
N ARG A 29 -15.06 17.77 -37.47
CA ARG A 29 -14.81 18.38 -38.77
C ARG A 29 -14.02 19.67 -38.66
N LEU A 30 -14.38 20.52 -37.67
CA LEU A 30 -13.62 21.74 -37.46
C LEU A 30 -12.17 21.45 -37.08
N LEU A 31 -11.96 20.52 -36.14
CA LEU A 31 -10.60 20.18 -35.72
C LEU A 31 -9.78 19.64 -36.87
N ALA A 32 -10.41 18.93 -37.80
CA ALA A 32 -9.70 18.35 -38.93
C ALA A 32 -9.52 19.32 -40.10
N GLU A 33 -10.29 20.39 -40.15
CA GLU A 33 -10.12 21.46 -41.13
C GLU A 33 -9.20 22.57 -40.63
N GLY A 34 -8.70 22.49 -39.40
CA GLY A 34 -7.80 23.49 -38.86
C GLY A 34 -8.48 24.63 -38.14
N TYR A 35 -9.79 24.54 -37.93
CA TYR A 35 -10.56 25.58 -37.23
C TYR A 35 -10.78 25.09 -35.80
N ASP A 36 -10.01 25.64 -34.87
CA ASP A 36 -9.99 25.16 -33.50
C ASP A 36 -11.32 25.44 -32.80
N PRO A 37 -12.12 24.42 -32.50
CA PRO A 37 -13.41 24.65 -31.82
C PRO A 37 -13.28 24.86 -30.31
N TYR A 38 -12.07 24.78 -29.75
CA TYR A 38 -11.82 25.13 -28.35
C TYR A 38 -10.50 25.88 -28.30
N PRO A 39 -10.45 27.06 -28.91
CA PRO A 39 -9.16 27.77 -29.01
C PRO A 39 -8.71 28.27 -27.65
N VAL A 40 -7.40 28.51 -27.55
CA VAL A 40 -6.82 29.17 -26.40
C VAL A 40 -6.35 30.55 -26.84
N ALA A 41 -6.33 31.49 -25.88
CA ALA A 41 -5.77 32.83 -26.00
C ALA A 41 -6.67 33.85 -26.68
N ILE A 42 -7.98 33.59 -26.81
CA ILE A 42 -8.90 34.63 -27.24
C ILE A 42 -8.87 35.76 -26.23
N GLU A 43 -8.64 36.98 -26.72
CA GLU A 43 -8.72 38.18 -25.90
C GLU A 43 -10.11 38.78 -26.05
N ARG A 44 -10.80 39.00 -24.93
CA ARG A 44 -12.10 39.64 -24.91
C ARG A 44 -11.94 41.06 -24.40
N THR A 45 -12.35 42.05 -25.21
CA THR A 45 -12.07 43.44 -24.86
C THR A 45 -13.11 44.03 -23.93
N HIS A 46 -14.35 43.55 -24.00
CA HIS A 46 -15.42 44.04 -23.14
C HIS A 46 -16.34 42.89 -22.81
N THR A 47 -16.90 42.93 -21.60
CA THR A 47 -18.09 42.12 -21.35
C THR A 47 -19.28 42.78 -22.06
N LEU A 48 -20.36 42.01 -22.21
CA LEU A 48 -21.55 42.56 -22.85
C LEU A 48 -22.19 43.63 -21.97
N ALA A 49 -22.15 43.43 -20.65
CA ALA A 49 -22.64 44.46 -19.73
C ALA A 49 -21.89 45.77 -19.92
N GLU A 50 -20.58 45.68 -20.17
CA GLU A 50 -19.80 46.89 -20.44
C GLU A 50 -20.26 47.58 -21.72
N ILE A 51 -20.56 46.78 -22.76
CA ILE A 51 -21.03 47.38 -24.01
C ILE A 51 -22.36 48.07 -23.79
N ARG A 52 -23.29 47.39 -23.11
CA ARG A 52 -24.62 47.97 -22.91
C ARG A 52 -24.55 49.23 -22.06
N ALA A 53 -23.63 49.27 -21.08
CA ALA A 53 -23.53 50.46 -20.23
C ALA A 53 -22.94 51.63 -20.99
N THR A 54 -21.88 51.39 -21.76
CA THR A 54 -21.20 52.47 -22.47
C THR A 54 -22.11 53.11 -23.53
N TYR A 55 -22.85 52.29 -24.27
CA TYR A 55 -23.59 52.75 -25.44
C TYR A 55 -25.08 52.83 -25.18
N ALA A 56 -25.48 53.05 -23.93
CA ALA A 56 -26.89 53.11 -23.57
C ALA A 56 -27.63 54.25 -24.25
N ASP A 57 -26.93 55.32 -24.65
CA ASP A 57 -27.56 56.46 -25.31
C ASP A 57 -27.28 56.50 -26.80
N LEU A 58 -27.10 55.34 -27.43
CA LEU A 58 -26.82 55.30 -28.85
C LEU A 58 -28.13 55.47 -29.62
N PRO A 59 -28.23 56.45 -30.52
CA PRO A 59 -29.47 56.65 -31.26
C PRO A 59 -29.78 55.47 -32.17
N THR A 60 -31.08 55.23 -32.37
CA THR A 60 -31.52 54.14 -33.24
C THR A 60 -30.95 54.31 -34.64
N ASP A 61 -30.50 53.19 -35.22
CA ASP A 61 -30.09 53.13 -36.63
C ASP A 61 -28.84 53.96 -36.89
N SER A 62 -27.91 53.96 -35.93
CA SER A 62 -26.66 54.71 -36.05
C SER A 62 -25.47 53.80 -35.74
N ALA A 63 -24.30 54.20 -36.24
CA ALA A 63 -23.09 53.40 -36.14
C ALA A 63 -21.96 54.20 -35.49
N THR A 64 -21.10 53.50 -34.76
CA THR A 64 -19.87 54.10 -34.24
C THR A 64 -18.67 53.57 -35.02
N GLU A 65 -17.51 54.15 -34.76
CA GLU A 65 -16.24 53.69 -35.30
C GLU A 65 -15.40 52.97 -34.25
N ASP A 66 -16.03 52.42 -33.21
CA ASP A 66 -15.34 51.75 -32.12
C ASP A 66 -15.36 50.25 -32.35
N ILE A 67 -14.18 49.65 -32.45
CA ILE A 67 -14.07 48.22 -32.68
C ILE A 67 -13.92 47.52 -31.34
N VAL A 68 -14.71 46.46 -31.13
CA VAL A 68 -14.71 45.67 -29.92
C VAL A 68 -14.66 44.19 -30.30
N GLY A 69 -14.14 43.38 -29.38
CA GLY A 69 -14.16 41.95 -29.55
C GLY A 69 -14.86 41.29 -28.38
N VAL A 70 -16.10 40.85 -28.59
CA VAL A 70 -16.91 40.31 -27.51
C VAL A 70 -16.98 38.79 -27.67
N ALA A 71 -17.44 38.13 -26.62
CA ALA A 71 -17.70 36.70 -26.63
C ALA A 71 -19.00 36.43 -25.87
N GLY A 72 -19.70 35.37 -26.27
CA GLY A 72 -20.95 35.07 -25.61
C GLY A 72 -21.58 33.83 -26.20
N ARG A 73 -22.59 33.34 -25.48
CA ARG A 73 -23.30 32.14 -25.86
C ARG A 73 -24.44 32.52 -26.80
N VAL A 74 -24.52 31.83 -27.94
CA VAL A 74 -25.61 32.05 -28.88
C VAL A 74 -26.89 31.45 -28.29
N VAL A 75 -27.88 32.30 -28.02
CA VAL A 75 -29.15 31.84 -27.50
C VAL A 75 -30.32 32.01 -28.47
N PHE A 76 -30.17 32.83 -29.53
CA PHE A 76 -31.15 33.02 -30.58
C PHE A 76 -30.43 33.27 -31.89
N ALA A 77 -31.06 32.91 -33.00
CA ALA A 77 -30.45 33.14 -34.29
C ALA A 77 -31.54 33.28 -35.36
N ARG A 78 -31.27 34.15 -36.35
CA ARG A 78 -32.10 34.32 -37.53
C ARG A 78 -31.18 34.36 -38.75
N ASN A 79 -31.60 33.68 -39.82
CA ASN A 79 -30.81 33.60 -41.05
C ASN A 79 -31.60 34.20 -42.19
N THR A 80 -30.94 35.05 -42.99
CA THR A 80 -31.49 35.54 -44.26
C THR A 80 -30.38 35.49 -45.30
N GLY A 81 -30.62 36.14 -46.43
CA GLY A 81 -29.74 36.01 -47.58
C GLY A 81 -28.29 36.38 -47.32
N LYS A 82 -28.02 37.67 -47.18
CA LYS A 82 -26.66 38.16 -46.98
C LYS A 82 -26.41 38.62 -45.54
N LEU A 83 -27.29 38.26 -44.59
CA LEU A 83 -27.24 38.86 -43.27
C LEU A 83 -27.84 37.92 -42.24
N CYS A 84 -27.01 37.47 -41.29
CA CYS A 84 -27.44 36.64 -40.18
C CYS A 84 -27.38 37.40 -38.87
N PHE A 85 -28.37 37.19 -38.03
CA PHE A 85 -28.45 37.77 -36.70
C PHE A 85 -28.33 36.69 -35.65
N ALA A 86 -27.80 37.06 -34.49
CA ALA A 86 -27.69 36.14 -33.37
C ALA A 86 -27.67 36.94 -32.07
N THR A 87 -28.42 36.45 -31.09
CA THR A 87 -28.42 37.04 -29.76
C THR A 87 -27.37 36.32 -28.91
N LEU A 88 -26.35 37.06 -28.47
CA LEU A 88 -25.34 36.52 -27.56
C LEU A 88 -25.74 36.84 -26.13
N GLN A 89 -25.45 35.91 -25.21
CA GLN A 89 -25.74 36.09 -23.80
C GLN A 89 -24.46 35.83 -23.03
N ASP A 90 -24.00 36.84 -22.28
CA ASP A 90 -22.84 36.65 -21.43
C ASP A 90 -23.21 35.83 -20.20
N GLY A 91 -22.18 35.42 -19.44
CA GLY A 91 -22.43 34.59 -18.27
C GLY A 91 -23.39 35.20 -17.26
N ASP A 92 -23.39 36.53 -17.15
CA ASP A 92 -24.30 37.20 -16.22
C ASP A 92 -25.72 37.33 -16.75
N GLY A 93 -25.99 36.91 -17.98
CA GLY A 93 -27.30 37.04 -18.55
C GLY A 93 -27.49 38.20 -19.51
N THR A 94 -26.54 39.13 -19.54
CA THR A 94 -26.66 40.29 -20.43
C THR A 94 -26.62 39.84 -21.88
N GLN A 95 -27.48 40.44 -22.70
CA GLN A 95 -27.61 40.05 -24.09
C GLN A 95 -27.23 41.20 -25.01
N LEU A 96 -26.70 40.83 -26.18
CA LEU A 96 -26.28 41.76 -27.21
C LEU A 96 -26.44 41.08 -28.55
N GLN A 97 -26.75 41.84 -29.59
CA GLN A 97 -26.95 41.27 -30.91
C GLN A 97 -25.64 41.25 -31.69
N ALA A 98 -25.40 40.15 -32.40
CA ALA A 98 -24.30 40.05 -33.35
C ALA A 98 -24.86 39.98 -34.77
N MET A 99 -24.27 40.76 -35.68
CA MET A 99 -24.73 40.85 -37.05
C MET A 99 -23.61 40.37 -37.97
N ILE A 100 -23.89 39.33 -38.74
CA ILE A 100 -22.93 38.70 -39.65
C ILE A 100 -23.37 39.04 -41.06
N SER A 101 -22.75 40.05 -41.68
CA SER A 101 -23.13 40.52 -43.00
C SER A 101 -22.20 40.00 -44.09
N LEU A 102 -22.77 39.73 -45.27
CA LEU A 102 -21.98 39.32 -46.43
C LEU A 102 -20.90 40.35 -46.75
N ASP A 103 -21.31 41.60 -47.02
CA ASP A 103 -20.37 42.66 -47.36
C ASP A 103 -19.41 43.01 -46.23
N GLU A 104 -19.47 42.32 -45.08
CA GLU A 104 -18.61 42.66 -43.95
C GLU A 104 -17.60 41.58 -43.60
N VAL A 105 -18.03 40.32 -43.57
CA VAL A 105 -17.12 39.21 -43.25
C VAL A 105 -16.73 38.40 -44.48
N GLY A 106 -17.47 38.49 -45.57
CA GLY A 106 -17.07 37.79 -46.76
C GLY A 106 -17.82 36.48 -46.94
N ARG A 107 -17.95 36.06 -48.20
CA ARG A 107 -18.64 34.83 -48.56
C ARG A 107 -18.14 33.64 -47.74
N GLU A 108 -16.84 33.38 -47.76
CA GLU A 108 -16.29 32.20 -47.10
C GLU A 108 -16.64 32.19 -45.62
N SER A 109 -16.54 33.34 -44.96
CA SER A 109 -16.79 33.41 -43.51
C SER A 109 -18.27 33.33 -43.17
N LEU A 110 -19.14 33.89 -44.02
CA LEU A 110 -20.57 33.85 -43.73
C LEU A 110 -21.12 32.44 -43.85
N ASP A 111 -20.74 31.72 -44.91
CA ASP A 111 -21.16 30.33 -45.06
C ASP A 111 -20.76 29.50 -43.85
N ARG A 112 -19.54 29.72 -43.35
CA ARG A 112 -19.09 28.97 -42.17
C ARG A 112 -19.95 29.30 -40.96
N TRP A 113 -20.42 30.55 -40.84
CA TRP A 113 -21.30 30.89 -39.74
C TRP A 113 -22.59 30.06 -39.80
N LYS A 114 -23.18 29.96 -40.98
CA LYS A 114 -24.47 29.28 -41.11
C LYS A 114 -24.35 27.79 -40.86
N ALA A 115 -23.24 27.17 -41.30
CA ALA A 115 -23.06 25.74 -41.18
C ALA A 115 -22.48 25.31 -39.84
N ASP A 116 -21.73 26.16 -39.15
CA ASP A 116 -20.97 25.73 -37.99
C ASP A 116 -21.57 26.15 -36.65
N VAL A 117 -22.26 27.28 -36.58
CA VAL A 117 -22.74 27.84 -35.31
C VAL A 117 -24.13 27.30 -35.00
N ASP A 118 -24.30 26.81 -33.77
CA ASP A 118 -25.56 26.26 -33.25
C ASP A 118 -25.93 26.96 -31.95
N ILE A 119 -27.22 26.86 -31.59
CA ILE A 119 -27.66 27.40 -30.30
C ILE A 119 -26.90 26.71 -29.18
N GLY A 120 -26.39 27.50 -28.25
CA GLY A 120 -25.60 27.02 -27.14
C GLY A 120 -24.10 27.20 -27.31
N ASP A 121 -23.62 27.30 -28.56
CA ASP A 121 -22.20 27.50 -28.81
C ASP A 121 -21.72 28.82 -28.22
N VAL A 122 -20.48 28.82 -27.73
CA VAL A 122 -19.79 30.04 -27.33
C VAL A 122 -18.98 30.53 -28.52
N VAL A 123 -19.20 31.79 -28.92
CA VAL A 123 -18.54 32.38 -30.07
C VAL A 123 -17.93 33.72 -29.68
N TYR A 124 -16.94 34.12 -30.46
CA TYR A 124 -16.26 35.40 -30.34
C TYR A 124 -16.57 36.21 -31.59
N VAL A 125 -16.88 37.50 -31.40
CA VAL A 125 -17.26 38.37 -32.51
C VAL A 125 -16.48 39.67 -32.41
N HIS A 126 -15.75 40.00 -33.47
CA HIS A 126 -14.94 41.21 -33.55
C HIS A 126 -15.56 42.13 -34.59
N GLY A 127 -15.80 43.37 -34.21
CA GLY A 127 -16.45 44.29 -35.11
C GLY A 127 -16.71 45.62 -34.45
N THR A 128 -17.54 46.42 -35.11
CA THR A 128 -17.83 47.77 -34.67
C THR A 128 -19.21 47.82 -34.00
N VAL A 129 -19.34 48.71 -33.02
CA VAL A 129 -20.60 48.85 -32.29
C VAL A 129 -21.55 49.73 -33.09
N ILE A 130 -22.78 49.24 -33.30
CA ILE A 130 -23.81 49.98 -34.02
C ILE A 130 -25.15 49.79 -33.31
N SER A 131 -26.15 50.52 -33.77
CA SER A 131 -27.54 50.31 -33.39
C SER A 131 -28.31 49.95 -34.65
N SER A 132 -28.96 48.79 -34.64
CA SER A 132 -29.66 48.33 -35.83
C SER A 132 -30.81 49.26 -36.18
N ARG A 133 -31.37 49.03 -37.38
CA ARG A 133 -32.55 49.79 -37.81
C ARG A 133 -33.67 49.67 -36.79
N ARG A 134 -33.81 48.50 -36.18
CA ARG A 134 -34.83 48.27 -35.16
C ARG A 134 -34.43 48.81 -33.79
N GLY A 135 -33.31 49.52 -33.69
CA GLY A 135 -32.85 50.02 -32.41
C GLY A 135 -32.25 48.98 -31.49
N GLU A 136 -31.70 47.90 -32.04
CA GLU A 136 -31.07 46.86 -31.25
C GLU A 136 -29.57 47.10 -31.18
N LEU A 137 -29.04 47.26 -29.98
CA LEU A 137 -27.61 47.43 -29.81
C LEU A 137 -26.88 46.18 -30.31
N SER A 138 -25.94 46.37 -31.23
CA SER A 138 -25.34 45.26 -31.94
C SER A 138 -23.85 45.47 -32.13
N VAL A 139 -23.15 44.39 -32.46
CA VAL A 139 -21.78 44.42 -32.95
C VAL A 139 -21.81 43.97 -34.39
N LEU A 140 -21.43 44.87 -35.30
CA LEU A 140 -21.35 44.52 -36.72
C LEU A 140 -20.03 43.80 -36.95
N ALA A 141 -20.10 42.48 -37.07
CA ALA A 141 -18.90 41.68 -37.20
C ALA A 141 -18.13 41.98 -38.48
N ASP A 142 -16.81 42.11 -38.34
CA ASP A 142 -15.89 41.94 -39.45
C ASP A 142 -15.18 40.58 -39.40
N SER A 143 -15.28 39.85 -38.30
CA SER A 143 -14.72 38.51 -38.18
C SER A 143 -15.33 37.81 -36.96
N TRP A 144 -15.21 36.48 -36.95
CA TRP A 144 -15.73 35.70 -35.84
C TRP A 144 -14.94 34.40 -35.72
N ARG A 145 -14.97 33.80 -34.53
CA ARG A 145 -14.33 32.52 -34.27
C ARG A 145 -15.21 31.71 -33.34
N MET A 146 -15.21 30.40 -33.53
CA MET A 146 -15.75 29.51 -32.51
C MET A 146 -14.92 29.62 -31.24
N ALA A 147 -15.57 29.83 -30.08
CA ALA A 147 -14.88 29.87 -28.80
C ALA A 147 -15.02 28.57 -28.00
N ALA A 148 -16.17 27.91 -28.09
CA ALA A 148 -16.41 26.65 -27.41
C ALA A 148 -17.61 26.01 -28.12
N LYS A 149 -17.36 25.02 -28.97
CA LYS A 149 -18.46 24.27 -29.57
C LYS A 149 -19.22 23.52 -28.47
N ALA A 150 -20.55 23.62 -28.51
CA ALA A 150 -21.40 22.92 -27.56
C ALA A 150 -21.95 21.65 -28.20
N LEU A 151 -21.76 20.52 -27.54
CA LEU A 151 -22.24 19.26 -28.08
C LEU A 151 -23.68 18.96 -27.69
N ARG A 152 -24.22 19.64 -26.67
CA ARG A 152 -25.60 19.42 -26.28
C ARG A 152 -26.41 20.70 -26.42
N PRO A 153 -27.61 20.62 -26.98
CA PRO A 153 -28.46 21.82 -27.07
C PRO A 153 -29.02 22.24 -25.71
N LEU A 154 -29.18 23.55 -25.55
CA LEU A 154 -29.85 24.08 -24.38
C LEU A 154 -31.35 23.73 -24.43
N PRO A 155 -32.00 23.63 -23.27
CA PRO A 155 -33.46 23.55 -23.26
C PRO A 155 -34.06 24.77 -23.95
N VAL A 156 -35.16 24.55 -24.69
CA VAL A 156 -35.81 25.66 -25.39
C VAL A 156 -36.29 26.73 -24.41
N ALA A 157 -36.73 26.34 -23.21
CA ALA A 157 -37.08 27.29 -22.16
C ALA A 157 -36.92 26.64 -20.79
N HIS A 158 -36.71 27.46 -19.76
CA HIS A 158 -36.46 26.89 -18.45
C HIS A 158 -37.67 26.16 -17.90
N LYS A 159 -38.88 26.51 -18.37
CA LYS A 159 -40.08 25.77 -17.99
C LYS A 159 -39.95 24.28 -18.29
N GLU A 160 -39.14 23.91 -19.29
CA GLU A 160 -39.01 22.51 -19.70
C GLU A 160 -38.12 21.69 -18.77
N MET A 161 -37.46 22.30 -17.78
CA MET A 161 -36.65 21.59 -16.81
C MET A 161 -37.47 21.35 -15.54
N SER A 162 -37.61 20.08 -15.16
CA SER A 162 -38.14 19.75 -13.84
C SER A 162 -37.27 20.35 -12.73
N GLU A 163 -37.83 20.42 -11.52
CA GLU A 163 -37.07 20.90 -10.38
C GLU A 163 -35.86 20.02 -10.09
N GLU A 164 -36.02 18.70 -10.18
CA GLU A 164 -34.87 17.82 -9.94
C GLU A 164 -33.80 18.03 -11.00
N SER A 165 -34.21 18.27 -12.26
CA SER A 165 -33.25 18.56 -13.33
C SER A 165 -32.44 19.82 -13.02
N ARG A 166 -33.07 20.82 -12.42
CA ARG A 166 -32.34 22.04 -12.06
C ARG A 166 -31.23 21.76 -11.05
N VAL A 167 -31.49 20.84 -10.12
CA VAL A 167 -30.51 20.50 -9.11
C VAL A 167 -29.43 19.60 -9.70
N ARG A 168 -29.82 18.66 -10.56
CA ARG A 168 -28.81 17.78 -11.17
C ARG A 168 -27.95 18.50 -12.20
N GLN A 169 -28.45 19.58 -12.80
CA GLN A 169 -27.67 20.29 -13.83
C GLN A 169 -27.81 21.78 -13.61
N ARG A 170 -27.33 22.23 -12.44
CA ARG A 170 -27.38 23.65 -12.13
C ARG A 170 -26.70 24.50 -13.20
N TYR A 171 -25.67 23.95 -13.87
CA TYR A 171 -24.96 24.71 -14.90
C TYR A 171 -25.86 25.00 -16.11
N VAL A 172 -26.80 24.11 -16.42
CA VAL A 172 -27.80 24.47 -17.44
C VAL A 172 -28.82 25.45 -16.86
N ASP A 173 -29.23 25.23 -15.61
CA ASP A 173 -30.27 26.05 -15.00
C ASP A 173 -29.84 27.51 -14.90
N LEU A 174 -28.57 27.76 -14.55
CA LEU A 174 -28.07 29.12 -14.51
C LEU A 174 -28.08 29.79 -15.88
N ILE A 175 -27.94 29.02 -16.96
CA ILE A 175 -27.93 29.63 -18.29
C ILE A 175 -29.33 30.01 -18.73
N VAL A 176 -30.33 29.17 -18.45
CA VAL A 176 -31.65 29.39 -19.03
C VAL A 176 -32.67 30.03 -18.09
N ARG A 177 -32.43 30.07 -16.78
CA ARG A 177 -33.43 30.62 -15.86
C ARG A 177 -32.90 31.85 -15.13
N PRO A 178 -33.36 33.06 -15.48
CA PRO A 178 -32.91 34.27 -14.75
C PRO A 178 -33.08 34.17 -13.24
N GLN A 179 -34.15 33.56 -12.74
CA GLN A 179 -34.31 33.44 -11.30
C GLN A 179 -33.20 32.60 -10.66
N ALA A 180 -32.58 31.69 -11.42
CA ALA A 180 -31.51 30.89 -10.84
C ALA A 180 -30.25 31.72 -10.65
N ARG A 181 -29.94 32.60 -11.61
CA ARG A 181 -28.83 33.52 -11.42
C ARG A 181 -29.11 34.47 -10.26
N GLU A 182 -30.37 34.89 -10.11
CA GLU A 182 -30.69 35.86 -9.06
C GLU A 182 -30.55 35.24 -7.67
N VAL A 183 -30.98 33.99 -7.49
CA VAL A 183 -30.82 33.35 -6.19
C VAL A 183 -29.34 33.16 -5.87
N ALA A 184 -28.54 32.75 -6.86
CA ALA A 184 -27.11 32.57 -6.62
C ALA A 184 -26.46 33.88 -6.20
N ARG A 185 -26.90 34.98 -6.79
CA ARG A 185 -26.35 36.28 -6.42
C ARG A 185 -26.79 36.67 -5.02
N GLN A 186 -28.06 36.41 -4.68
CA GLN A 186 -28.55 36.75 -3.35
C GLN A 186 -27.79 36.00 -2.28
N ARG A 187 -27.56 34.69 -2.49
CA ARG A 187 -26.79 33.91 -1.53
C ARG A 187 -25.43 34.57 -1.29
N ILE A 188 -24.73 34.93 -2.36
CA ILE A 188 -23.41 35.51 -2.18
C ILE A 188 -23.51 36.83 -1.42
N ALA A 189 -24.55 37.62 -1.72
CA ALA A 189 -24.71 38.93 -1.09
C ALA A 189 -25.13 38.80 0.38
N VAL A 190 -25.99 37.84 0.69
CA VAL A 190 -26.39 37.62 2.08
C VAL A 190 -25.19 37.28 2.94
N ILE A 191 -24.31 36.40 2.44
CA ILE A 191 -23.20 35.96 3.26
C ILE A 191 -22.21 37.08 3.46
N ARG A 192 -21.99 37.89 2.42
CA ARG A 192 -21.13 39.06 2.57
C ARG A 192 -21.73 40.07 3.56
N ALA A 193 -23.04 40.30 3.48
CA ALA A 193 -23.69 41.22 4.43
C ALA A 193 -23.59 40.70 5.86
N VAL A 194 -23.71 39.39 6.06
CA VAL A 194 -23.56 38.81 7.40
C VAL A 194 -22.19 39.12 7.97
N ARG A 195 -21.14 38.91 7.17
CA ARG A 195 -19.77 39.20 7.61
C ARG A 195 -19.58 40.70 7.88
N ASN A 196 -20.20 41.55 7.07
CA ASN A 196 -20.09 42.99 7.27
C ASN A 196 -20.72 43.39 8.60
N ALA A 197 -21.90 42.85 8.89
CA ALA A 197 -22.57 43.19 10.14
C ALA A 197 -21.77 42.74 11.35
N LEU A 198 -21.05 41.61 11.25
CA LEU A 198 -20.25 41.16 12.38
C LEU A 198 -18.95 41.93 12.51
N GLU A 199 -18.36 42.35 11.39
CA GLU A 199 -17.16 43.18 11.43
C GLU A 199 -17.44 44.56 12.05
N ARG A 200 -18.58 45.18 11.69
CA ARG A 200 -18.94 46.45 12.33
C ARG A 200 -18.98 46.33 13.85
N ARG A 201 -19.27 45.14 14.36
CA ARG A 201 -19.39 44.93 15.80
C ARG A 201 -18.12 44.34 16.42
N GLY A 202 -17.00 44.33 15.69
CA GLY A 202 -15.74 43.87 16.26
C GLY A 202 -15.54 42.36 16.33
N PHE A 203 -16.35 41.55 15.66
CA PHE A 203 -16.10 40.10 15.62
C PHE A 203 -15.00 39.74 14.62
N LEU A 204 -14.14 38.81 15.01
CA LEU A 204 -13.07 38.27 14.17
C LEU A 204 -13.45 36.88 13.69
N GLU A 205 -13.15 36.57 12.43
CA GLU A 205 -13.47 35.26 11.86
C GLU A 205 -12.28 34.32 11.98
N VAL A 206 -12.52 33.10 12.49
CA VAL A 206 -11.47 32.09 12.64
C VAL A 206 -11.88 30.82 11.91
N GLU A 207 -10.92 29.90 11.79
CA GLU A 207 -11.14 28.57 11.24
C GLU A 207 -10.93 27.54 12.34
N THR A 208 -11.93 26.71 12.58
CA THR A 208 -11.69 25.62 13.54
C THR A 208 -11.84 24.30 12.77
N PRO A 209 -11.44 23.15 13.32
CA PRO A 209 -11.29 21.95 12.48
C PRO A 209 -12.61 21.33 12.07
N MET A 210 -12.62 20.78 10.85
CA MET A 210 -13.78 20.05 10.37
C MET A 210 -13.70 18.56 10.63
N LEU A 211 -12.51 17.96 10.61
CA LEU A 211 -12.34 16.58 11.06
C LEU A 211 -11.95 16.61 12.52
N GLN A 212 -12.68 15.85 13.34
CA GLN A 212 -12.57 15.88 14.78
C GLN A 212 -12.48 14.46 15.31
N THR A 213 -11.72 14.27 16.40
CA THR A 213 -11.67 12.96 17.03
C THR A 213 -12.92 12.67 17.85
N LEU A 214 -13.68 13.70 18.21
CA LEU A 214 -14.95 13.52 18.89
C LEU A 214 -15.84 14.70 18.53
N ALA A 215 -17.01 14.42 17.93
CA ALA A 215 -17.87 15.47 17.37
C ALA A 215 -18.94 15.87 18.37
N GLY A 216 -18.75 17.02 19.01
CA GLY A 216 -19.77 17.53 19.93
C GLY A 216 -20.31 18.88 19.52
N GLY A 217 -21.01 19.57 20.43
CA GLY A 217 -21.53 20.91 20.19
C GLY A 217 -22.94 20.96 19.65
N ALA A 218 -23.56 19.82 19.36
CA ALA A 218 -24.94 19.76 18.92
C ALA A 218 -25.43 18.35 19.21
N ALA A 219 -26.69 18.10 18.90
CA ALA A 219 -27.30 16.79 19.07
C ALA A 219 -27.62 16.26 17.67
N ALA A 220 -26.76 15.40 17.14
CA ALA A 220 -26.91 14.86 15.80
C ALA A 220 -25.95 13.68 15.61
N ARG A 221 -26.35 12.75 14.77
CA ARG A 221 -25.43 11.68 14.39
C ARG A 221 -24.37 12.22 13.44
N PRO A 222 -23.11 11.83 13.62
CA PRO A 222 -22.04 12.37 12.79
C PRO A 222 -21.79 11.52 11.55
N PHE A 223 -21.11 12.11 10.57
CA PHE A 223 -20.45 11.28 9.57
C PHE A 223 -19.12 10.79 10.14
N VAL A 224 -18.81 9.51 9.89
CA VAL A 224 -17.60 8.86 10.41
C VAL A 224 -16.72 8.45 9.23
N THR A 225 -15.40 8.60 9.42
CA THR A 225 -14.45 8.29 8.35
C THR A 225 -13.15 7.81 8.97
N HIS A 226 -12.44 6.98 8.23
CA HIS A 226 -11.21 6.37 8.73
C HIS A 226 -10.01 7.20 8.30
N SER A 227 -9.11 7.48 9.25
CA SER A 227 -7.91 8.24 8.97
C SER A 227 -6.74 7.31 8.64
N ASN A 228 -6.12 7.53 7.49
CA ASN A 228 -4.94 6.75 7.15
C ASN A 228 -3.71 7.24 7.92
N ALA A 229 -3.60 8.56 8.11
CA ALA A 229 -2.41 9.14 8.73
C ALA A 229 -2.35 8.86 10.22
N LEU A 230 -3.51 8.85 10.89
CA LEU A 230 -3.54 8.62 12.32
C LEU A 230 -3.97 7.22 12.69
N ASP A 231 -4.58 6.48 11.76
CA ASP A 231 -4.94 5.09 12.01
C ASP A 231 -6.02 5.02 13.09
N ILE A 232 -7.07 5.85 12.94
CA ILE A 232 -8.27 5.85 13.80
C ILE A 232 -9.44 6.40 13.01
N ASP A 233 -10.64 6.23 13.57
CA ASP A 233 -11.86 6.87 13.07
C ASP A 233 -11.91 8.34 13.45
N LEU A 234 -12.30 9.17 12.49
CA LEU A 234 -12.54 10.60 12.67
C LEU A 234 -13.99 10.92 12.33
N TYR A 235 -14.44 12.08 12.81
CA TYR A 235 -15.80 12.54 12.62
C TYR A 235 -15.79 13.91 11.95
N LEU A 236 -16.63 14.09 10.94
CA LEU A 236 -16.92 15.44 10.46
C LEU A 236 -17.67 16.19 11.53
N ARG A 237 -17.38 17.48 11.68
CA ARG A 237 -17.99 18.23 12.78
C ARG A 237 -19.48 18.43 12.54
N ILE A 238 -20.26 18.27 13.61
CA ILE A 238 -21.66 18.67 13.61
C ILE A 238 -21.84 20.11 14.06
N ALA A 239 -20.81 20.72 14.67
CA ALA A 239 -20.83 22.13 15.08
C ALA A 239 -19.41 22.57 15.44
N PRO A 240 -19.09 23.86 15.31
CA PRO A 240 -17.78 24.37 15.80
C PRO A 240 -17.76 24.81 17.26
N GLU A 241 -18.89 24.68 17.98
CA GLU A 241 -19.09 25.29 19.29
C GLU A 241 -17.95 24.98 20.30
N LEU A 242 -17.54 23.72 20.42
CA LEU A 242 -16.56 23.38 21.47
C LEU A 242 -15.18 23.97 21.18
N PHE A 243 -14.85 24.14 19.90
CA PHE A 243 -13.60 24.77 19.54
C PHE A 243 -13.68 26.28 19.58
N LEU A 244 -14.84 26.87 19.26
CA LEU A 244 -14.96 28.31 19.44
C LEU A 244 -14.87 28.68 20.91
N LYS A 245 -15.39 27.82 21.82
CA LYS A 245 -15.26 28.13 23.24
C LYS A 245 -13.81 28.04 23.71
N ARG A 246 -13.02 27.13 23.12
CA ARG A 246 -11.60 27.09 23.43
C ARG A 246 -10.95 28.41 23.01
N CYS A 247 -11.40 28.97 21.89
CA CYS A 247 -10.93 30.28 21.47
C CYS A 247 -11.24 31.34 22.51
N ILE A 248 -12.42 31.27 23.14
CA ILE A 248 -12.77 32.24 24.16
C ILE A 248 -11.86 32.06 25.38
N VAL A 249 -11.58 30.81 25.77
CA VAL A 249 -10.63 30.57 26.86
C VAL A 249 -9.28 31.19 26.53
N GLY A 250 -8.85 31.09 25.27
CA GLY A 250 -7.55 31.56 24.84
C GLY A 250 -7.43 33.06 24.69
N GLY A 251 -8.54 33.79 24.70
CA GLY A 251 -8.48 35.24 24.67
C GLY A 251 -9.15 35.90 23.48
N PHE A 252 -9.73 35.19 22.53
CA PHE A 252 -10.57 35.85 21.54
C PHE A 252 -11.74 36.48 22.26
N ASP A 253 -12.00 37.75 21.99
CA ASP A 253 -13.04 38.42 22.73
C ASP A 253 -14.39 38.35 22.03
N ARG A 254 -14.38 38.52 20.71
CA ARG A 254 -15.56 38.40 19.85
C ARG A 254 -15.12 37.64 18.61
N VAL A 255 -15.73 36.50 18.36
CA VAL A 255 -15.18 35.57 17.38
C VAL A 255 -16.35 34.89 16.69
N PHE A 256 -16.21 34.62 15.40
CA PHE A 256 -17.25 33.86 14.71
C PHE A 256 -16.63 32.90 13.69
N GLU A 257 -17.46 31.98 13.22
CA GLU A 257 -17.09 31.12 12.10
C GLU A 257 -18.33 30.88 11.25
N LEU A 258 -18.24 31.21 9.97
CA LEU A 258 -19.32 31.02 9.01
C LEU A 258 -18.83 30.00 7.99
N ASN A 259 -19.31 28.77 8.07
CA ASN A 259 -18.78 27.69 7.24
C ASN A 259 -19.65 26.46 7.43
N ARG A 260 -19.21 25.35 6.84
CA ARG A 260 -19.96 24.10 6.75
C ARG A 260 -19.95 23.32 8.06
N VAL A 261 -21.07 22.64 8.33
CA VAL A 261 -21.16 21.56 9.31
C VAL A 261 -21.83 20.38 8.61
N PHE A 262 -21.82 19.22 9.26
CA PHE A 262 -22.28 17.99 8.60
C PHE A 262 -23.04 17.17 9.62
N ARG A 263 -24.31 16.86 9.33
CA ARG A 263 -25.13 16.05 10.24
C ARG A 263 -25.74 14.89 9.48
N ASN A 264 -25.50 13.68 9.96
CA ASN A 264 -25.76 12.47 9.18
C ASN A 264 -27.21 12.02 9.42
N GLU A 265 -28.12 12.86 8.96
CA GLU A 265 -29.54 12.69 9.26
C GLU A 265 -30.32 12.83 7.94
N GLY A 266 -31.63 13.02 8.06
CA GLY A 266 -32.49 13.05 6.92
C GLY A 266 -32.46 14.38 6.17
N SER A 267 -33.10 14.34 5.01
CA SER A 267 -33.15 15.44 4.05
C SER A 267 -34.60 15.85 3.83
N ASP A 268 -34.88 17.15 3.92
CA ASP A 268 -36.21 17.66 3.53
C ASP A 268 -36.05 19.14 3.20
N SER A 269 -37.17 19.87 3.14
CA SER A 269 -37.15 21.24 2.64
C SER A 269 -36.46 22.22 3.59
N THR A 270 -36.18 21.83 4.85
CA THR A 270 -35.45 22.68 5.78
C THR A 270 -34.17 22.03 6.30
N HIS A 271 -33.82 20.83 5.84
CA HIS A 271 -32.68 20.05 6.32
C HIS A 271 -31.87 19.49 5.15
N SER A 272 -30.58 19.76 5.15
CA SER A 272 -29.64 19.15 4.23
C SER A 272 -28.48 18.62 5.06
N PRO A 273 -28.08 17.34 4.93
CA PRO A 273 -26.99 16.81 5.77
C PRO A 273 -25.72 17.64 5.76
N GLU A 274 -25.37 18.28 4.66
CA GLU A 274 -24.29 19.26 4.62
C GLU A 274 -24.91 20.64 4.51
N PHE A 275 -24.59 21.55 5.44
CA PHE A 275 -25.16 22.90 5.32
C PHE A 275 -24.23 23.94 5.94
N SER A 276 -24.49 25.19 5.61
CA SER A 276 -23.70 26.32 6.07
C SER A 276 -24.32 26.95 7.32
N MET A 277 -23.49 27.24 8.31
CA MET A 277 -23.98 27.81 9.55
C MET A 277 -23.04 28.91 9.99
N LEU A 278 -23.58 29.84 10.77
CA LEU A 278 -22.81 30.85 11.48
C LEU A 278 -22.86 30.55 12.98
N GLU A 279 -21.70 30.65 13.66
CA GLU A 279 -21.69 30.67 15.12
C GLU A 279 -20.86 31.87 15.57
N THR A 280 -21.36 32.61 16.57
CA THR A 280 -20.68 33.77 17.13
C THR A 280 -20.52 33.61 18.64
N TYR A 281 -19.43 34.16 19.19
CA TYR A 281 -19.23 34.17 20.65
C TYR A 281 -18.74 35.54 21.08
N GLN A 282 -19.28 36.04 22.19
CA GLN A 282 -19.02 37.41 22.65
C GLN A 282 -18.86 37.38 24.16
N THR A 283 -17.69 37.79 24.67
CA THR A 283 -17.50 37.80 26.12
C THR A 283 -18.31 38.93 26.76
N TYR A 284 -18.70 38.70 28.03
CA TYR A 284 -19.38 39.66 28.88
C TYR A 284 -20.68 40.14 28.23
N GLY A 285 -21.40 39.19 27.63
CA GLY A 285 -22.78 39.39 27.27
C GLY A 285 -23.56 38.16 27.64
N THR A 286 -24.87 38.31 27.74
CA THR A 286 -25.81 37.22 28.00
C THR A 286 -26.70 36.97 26.79
N TYR A 287 -27.56 35.97 26.89
CA TYR A 287 -28.50 35.70 25.80
C TYR A 287 -29.43 36.87 25.48
N ASP A 288 -29.63 37.85 26.39
CA ASP A 288 -30.39 39.03 26.01
C ASP A 288 -29.62 39.91 25.04
N ASP A 289 -28.30 40.00 25.22
CA ASP A 289 -27.48 40.80 24.32
C ASP A 289 -27.38 40.15 22.95
N SER A 290 -27.31 38.83 22.88
CA SER A 290 -27.19 38.20 21.56
C SER A 290 -28.52 38.17 20.83
N ALA A 291 -29.65 38.17 21.56
CA ALA A 291 -30.94 38.30 20.89
C ALA A 291 -31.06 39.65 20.18
N LEU A 292 -30.59 40.72 20.82
CA LEU A 292 -30.60 42.04 20.19
C LEU A 292 -29.72 42.07 18.94
N ILE A 293 -28.47 41.62 19.08
CA ILE A 293 -27.57 41.62 17.93
C ILE A 293 -28.11 40.76 16.80
N THR A 294 -28.69 39.59 17.12
CA THR A 294 -29.17 38.71 16.05
C THR A 294 -30.32 39.36 15.27
N ARG A 295 -31.23 40.06 15.95
CA ARG A 295 -32.31 40.73 15.23
C ARG A 295 -31.73 41.81 14.31
N GLU A 296 -30.84 42.64 14.85
CA GLU A 296 -30.32 43.75 14.07
C GLU A 296 -29.53 43.25 12.88
N LEU A 297 -28.73 42.19 13.09
CA LEU A 297 -27.96 41.61 12.01
C LEU A 297 -28.88 41.15 10.87
N ILE A 298 -29.91 40.39 11.20
CA ILE A 298 -30.84 39.89 10.17
C ILE A 298 -31.48 41.06 9.43
N GLN A 299 -31.84 42.12 10.15
CA GLN A 299 -32.48 43.26 9.52
C GLN A 299 -31.50 44.04 8.68
N GLU A 300 -30.24 44.16 9.14
CA GLU A 300 -29.23 44.81 8.32
C GLU A 300 -28.94 43.98 7.06
N VAL A 301 -28.92 42.66 7.20
CA VAL A 301 -28.68 41.79 6.05
C VAL A 301 -29.79 41.95 5.03
N ALA A 302 -31.05 41.97 5.50
CA ALA A 302 -32.16 42.22 4.61
C ALA A 302 -31.96 43.53 3.84
N ASP A 303 -31.64 44.62 4.55
CA ASP A 303 -31.41 45.89 3.88
C ASP A 303 -30.31 45.78 2.82
N GLU A 304 -29.17 45.19 3.19
CA GLU A 304 -28.02 45.24 2.32
C GLU A 304 -28.17 44.29 1.13
N ALA A 305 -28.67 43.08 1.37
CA ALA A 305 -28.65 42.05 0.35
C ALA A 305 -29.97 41.90 -0.41
N ILE A 306 -31.09 42.26 0.20
CA ILE A 306 -32.40 42.12 -0.43
C ILE A 306 -33.01 43.47 -0.80
N GLY A 307 -32.66 44.53 -0.11
CA GLY A 307 -33.15 45.85 -0.43
C GLY A 307 -34.40 46.24 0.31
N THR A 308 -34.92 45.40 1.20
CA THR A 308 -36.15 45.76 1.91
C THR A 308 -36.31 44.89 3.13
N ARG A 309 -37.13 45.38 4.07
CA ARG A 309 -37.62 44.62 5.22
C ARG A 309 -39.06 44.16 5.05
N GLN A 310 -39.71 44.55 3.96
CA GLN A 310 -41.01 44.02 3.57
C GLN A 310 -40.74 42.99 2.46
N LEU A 311 -40.65 41.72 2.83
CA LEU A 311 -40.08 40.71 1.93
C LEU A 311 -41.15 40.16 0.99
N SER A 312 -40.89 40.24 -0.31
CA SER A 312 -41.77 39.61 -1.30
C SER A 312 -41.59 38.11 -1.26
N MET A 313 -42.67 37.40 -1.07
CA MET A 313 -42.58 35.96 -1.05
C MET A 313 -43.08 35.38 -2.38
N PRO A 314 -42.72 34.13 -2.69
CA PRO A 314 -43.13 33.57 -4.00
C PRO A 314 -44.64 33.55 -4.21
N ASP A 315 -45.45 33.38 -3.16
CA ASP A 315 -46.90 33.36 -3.29
C ASP A 315 -47.53 34.74 -3.43
N GLY A 316 -46.74 35.80 -3.64
CA GLY A 316 -47.26 37.14 -3.74
C GLY A 316 -47.47 37.88 -2.43
N SER A 317 -47.33 37.21 -1.29
CA SER A 317 -47.47 37.88 0.01
C SER A 317 -46.22 38.67 0.37
N VAL A 318 -46.40 39.60 1.30
CA VAL A 318 -45.33 40.45 1.82
C VAL A 318 -45.13 40.11 3.30
N TYR A 319 -43.90 39.80 3.68
CA TYR A 319 -43.58 39.38 5.03
C TYR A 319 -42.73 40.45 5.71
N ASP A 320 -43.28 41.02 6.77
CA ASP A 320 -42.69 42.17 7.44
C ASP A 320 -41.72 41.67 8.51
N ILE A 321 -40.42 41.94 8.35
CA ILE A 321 -39.44 41.61 9.38
C ILE A 321 -38.86 42.85 10.07
N ASP A 322 -39.43 44.02 9.83
CA ASP A 322 -38.94 45.24 10.45
C ASP A 322 -39.40 45.33 11.91
N GLY A 323 -38.75 46.22 12.66
CA GLY A 323 -39.22 46.55 13.99
C GLY A 323 -38.72 45.60 15.05
N GLU A 324 -39.29 45.74 16.24
CA GLU A 324 -38.97 44.87 17.35
C GLU A 324 -39.81 43.60 17.29
N TRP A 325 -39.22 42.51 17.72
CA TRP A 325 -39.88 41.20 17.61
C TRP A 325 -40.41 40.74 18.97
N ALA A 326 -41.55 40.05 18.94
CA ALA A 326 -42.12 39.50 20.16
C ALA A 326 -41.16 38.51 20.84
N THR A 327 -41.26 38.42 22.16
CA THR A 327 -40.51 37.48 22.99
C THR A 327 -41.48 36.77 23.92
N MET A 328 -41.27 35.47 24.15
CA MET A 328 -42.11 34.71 25.06
C MET A 328 -41.28 33.63 25.75
N GLU A 329 -41.78 33.18 26.90
CA GLU A 329 -41.16 32.11 27.67
C GLU A 329 -41.78 30.79 27.27
N MET A 330 -40.95 29.75 27.17
CA MET A 330 -41.49 28.45 26.74
C MET A 330 -42.58 27.96 27.69
N TYR A 331 -42.29 27.92 28.99
CA TYR A 331 -43.24 27.30 29.91
C TYR A 331 -44.50 28.13 30.04
N SER A 332 -44.36 29.45 30.12
CA SER A 332 -45.52 30.30 30.33
CA SER A 332 -45.53 30.28 30.34
C SER A 332 -46.42 30.36 29.08
N SER A 333 -45.80 30.45 27.90
CA SER A 333 -46.62 30.48 26.68
C SER A 333 -47.29 29.12 26.44
N LEU A 334 -46.57 28.03 26.69
CA LEU A 334 -47.22 26.73 26.65
C LEU A 334 -48.39 26.66 27.63
N SER A 335 -48.19 27.15 28.86
CA SER A 335 -49.26 27.08 29.86
C SER A 335 -50.49 27.84 29.39
N GLU A 336 -50.30 29.02 28.81
CA GLU A 336 -51.42 29.81 28.30
C GLU A 336 -52.16 29.05 27.20
N ALA A 337 -51.43 28.46 26.27
CA ALA A 337 -52.08 27.75 25.17
C ALA A 337 -52.92 26.58 25.68
N LEU A 338 -52.44 25.88 26.71
CA LEU A 338 -53.14 24.70 27.21
C LEU A 338 -54.23 25.01 28.24
N GLY A 339 -54.20 26.18 28.87
CA GLY A 339 -55.07 26.38 30.01
C GLY A 339 -54.64 25.66 31.28
N GLU A 340 -53.36 25.31 31.40
CA GLU A 340 -52.86 24.57 32.56
C GLU A 340 -51.43 25.00 32.82
N GLN A 341 -51.06 25.17 34.09
CA GLN A 341 -49.72 25.62 34.43
C GLN A 341 -48.73 24.47 34.28
N ILE A 342 -47.79 24.60 33.35
CA ILE A 342 -46.71 23.64 33.17
C ILE A 342 -45.44 24.25 33.78
N THR A 343 -44.71 23.46 34.56
CA THR A 343 -43.51 23.89 35.25
C THR A 343 -42.43 22.84 35.06
N PRO A 344 -41.19 23.14 35.43
CA PRO A 344 -40.16 22.08 35.44
C PRO A 344 -40.53 20.86 36.27
N GLU A 345 -41.51 20.95 37.16
CA GLU A 345 -41.88 19.80 37.98
C GLU A 345 -43.02 18.98 37.40
N THR A 346 -43.61 19.41 36.28
CA THR A 346 -44.67 18.61 35.67
C THR A 346 -44.13 17.23 35.27
N THR A 347 -44.88 16.17 35.60
CA THR A 347 -44.33 14.84 35.40
C THR A 347 -44.37 14.44 33.92
N VAL A 348 -43.48 13.51 33.59
CA VAL A 348 -43.50 12.85 32.28
C VAL A 348 -44.87 12.24 32.01
N ALA A 349 -45.46 11.57 33.02
CA ALA A 349 -46.80 10.99 32.83
C ALA A 349 -47.83 12.07 32.50
N ARG A 350 -47.78 13.22 33.18
CA ARG A 350 -48.76 14.27 32.89
C ARG A 350 -48.58 14.80 31.47
N LEU A 351 -47.34 14.99 31.05
CA LEU A 351 -47.07 15.52 29.72
C LEU A 351 -47.55 14.57 28.62
N ARG A 352 -47.40 13.26 28.82
CA ARG A 352 -47.89 12.31 27.82
C ARG A 352 -49.41 12.27 27.75
N ASP A 353 -50.10 12.42 28.90
CA ASP A 353 -51.55 12.48 28.85
C ASP A 353 -52.04 13.74 28.15
N ILE A 354 -51.32 14.86 28.29
CA ILE A 354 -51.72 16.08 27.60
C ILE A 354 -51.55 15.92 26.11
N ALA A 355 -50.45 15.31 25.68
CA ALA A 355 -50.18 15.10 24.27
C ALA A 355 -51.23 14.20 23.64
N SER A 356 -51.58 13.09 24.30
CA SER A 356 -52.55 12.18 23.74
C SER A 356 -53.93 12.81 23.67
N GLY A 357 -54.28 13.67 24.63
CA GLY A 357 -55.53 14.41 24.57
C GLY A 357 -55.58 15.47 23.48
N LEU A 358 -54.42 15.92 22.99
CA LEU A 358 -54.36 16.84 21.85
C LEU A 358 -54.04 16.13 20.54
N ASP A 359 -54.01 14.80 20.54
CA ASP A 359 -53.66 14.01 19.37
C ASP A 359 -52.32 14.44 18.80
N VAL A 360 -51.31 14.45 19.66
CA VAL A 360 -49.94 14.75 19.27
C VAL A 360 -49.18 13.43 19.21
N GLU A 361 -48.67 13.10 18.03
CA GLU A 361 -47.86 11.90 17.89
C GLU A 361 -46.51 12.12 18.58
N ILE A 362 -46.15 11.20 19.46
CA ILE A 362 -44.87 11.21 20.16
C ILE A 362 -44.06 10.02 19.67
N ASP A 363 -43.04 10.30 18.86
CA ASP A 363 -42.17 9.25 18.36
C ASP A 363 -41.56 8.47 19.53
N ASN A 364 -41.35 7.16 19.31
CA ASN A 364 -40.74 6.34 20.35
C ASN A 364 -39.35 6.84 20.75
N SER A 365 -38.76 7.74 19.95
CA SER A 365 -37.50 8.37 20.32
C SER A 365 -37.69 9.39 21.45
N VAL A 366 -38.71 10.23 21.33
CA VAL A 366 -38.92 11.40 22.18
C VAL A 366 -39.33 10.95 23.58
N PHE A 367 -38.44 11.13 24.56
CA PHE A 367 -38.80 10.84 25.94
C PHE A 367 -38.09 11.82 26.87
N GLY A 368 -38.57 11.89 28.10
CA GLY A 368 -38.01 12.80 29.06
C GLY A 368 -38.79 14.11 29.14
N HIS A 369 -38.79 14.70 30.33
CA HIS A 369 -39.54 15.93 30.57
C HIS A 369 -39.19 17.00 29.53
N GLY A 370 -37.90 17.27 29.35
CA GLY A 370 -37.49 18.36 28.47
C GLY A 370 -37.98 18.21 27.05
N LYS A 371 -37.80 17.01 26.46
CA LYS A 371 -38.23 16.80 25.08
C LYS A 371 -39.75 16.85 24.95
N LEU A 372 -40.48 16.37 25.96
CA LEU A 372 -41.93 16.43 25.90
C LEU A 372 -42.41 17.87 25.98
N VAL A 373 -41.77 18.71 26.79
CA VAL A 373 -42.19 20.11 26.87
C VAL A 373 -41.95 20.82 25.54
N GLU A 374 -40.80 20.57 24.90
CA GLU A 374 -40.51 21.23 23.63
C GLU A 374 -41.49 20.76 22.56
N GLU A 375 -41.78 19.47 22.54
CA GLU A 375 -42.73 18.92 21.57
C GLU A 375 -44.10 19.56 21.72
N LEU A 376 -44.60 19.65 22.97
CA LEU A 376 -45.90 20.27 23.20
C LEU A 376 -45.86 21.75 22.84
N TRP A 377 -44.77 22.45 23.17
CA TRP A 377 -44.69 23.86 22.82
C TRP A 377 -44.72 24.05 21.31
N GLU A 378 -44.01 23.21 20.57
CA GLU A 378 -44.00 23.32 19.12
C GLU A 378 -45.39 23.08 18.54
N HIS A 379 -46.15 22.17 19.14
CA HIS A 379 -47.47 21.89 18.62
C HIS A 379 -48.48 22.97 19.00
N ALA A 380 -48.45 23.43 20.25
CA ALA A 380 -49.48 24.33 20.73
C ALA A 380 -49.17 25.80 20.50
N VAL A 381 -47.89 26.15 20.30
CA VAL A 381 -47.47 27.55 20.14
C VAL A 381 -46.62 27.72 18.88
N GLY A 382 -45.51 26.98 18.80
CA GLY A 382 -44.53 27.22 17.75
C GLY A 382 -45.11 27.15 16.34
N ASN A 383 -45.90 26.11 16.06
CA ASN A 383 -46.44 25.96 14.72
C ASN A 383 -47.49 27.00 14.36
N LYS A 384 -47.98 27.77 15.32
CA LYS A 384 -49.00 28.76 15.05
C LYS A 384 -48.45 30.18 14.96
N LEU A 385 -47.12 30.33 15.08
CA LEU A 385 -46.49 31.63 14.99
C LEU A 385 -46.42 32.08 13.54
N THR A 386 -46.73 33.35 13.30
CA THR A 386 -46.50 33.95 11.99
C THR A 386 -45.33 34.92 12.00
N ALA A 387 -45.37 35.90 12.89
CA ALA A 387 -44.38 36.98 12.95
C ALA A 387 -43.07 36.48 13.58
N PRO A 388 -41.96 37.17 13.32
CA PRO A 388 -40.67 36.76 13.92
C PRO A 388 -40.76 36.77 15.44
N THR A 389 -40.32 35.67 16.06
CA THR A 389 -40.57 35.46 17.49
C THR A 389 -39.39 34.75 18.17
N PHE A 390 -38.99 35.27 19.33
CA PHE A 390 -38.05 34.61 20.22
C PHE A 390 -38.83 33.84 21.27
N VAL A 391 -38.47 32.57 21.48
CA VAL A 391 -38.92 31.80 22.65
C VAL A 391 -37.71 31.52 23.53
N LYS A 392 -37.86 31.72 24.84
CA LYS A 392 -36.71 31.68 25.73
C LYS A 392 -37.00 30.86 27.00
N ASP A 393 -35.89 30.47 27.66
CA ASP A 393 -35.88 29.79 28.96
C ASP A 393 -36.28 28.33 28.79
N PHE A 394 -35.31 27.47 28.47
CA PHE A 394 -35.60 26.11 28.02
C PHE A 394 -35.45 25.13 29.15
N PRO A 395 -36.03 23.93 29.04
CA PRO A 395 -35.78 22.88 30.04
C PRO A 395 -34.30 22.52 30.09
N VAL A 396 -33.80 22.30 31.31
CA VAL A 396 -32.37 22.04 31.46
C VAL A 396 -31.97 20.71 30.83
N GLU A 397 -32.88 19.72 30.78
CA GLU A 397 -32.56 18.41 30.21
C GLU A 397 -32.12 18.48 28.75
N THR A 398 -32.65 19.42 27.97
CA THR A 398 -32.36 19.47 26.55
C THR A 398 -31.33 20.54 26.18
N THR A 399 -30.70 21.17 27.16
CA THR A 399 -29.75 22.25 26.91
C THR A 399 -28.47 22.04 27.73
N PRO A 400 -27.72 20.97 27.44
CA PRO A 400 -26.54 20.64 28.28
C PRO A 400 -25.43 21.66 28.23
N LEU A 401 -25.37 22.54 27.24
CA LEU A 401 -24.27 23.49 27.14
C LEU A 401 -24.68 24.90 27.54
N THR A 402 -25.91 25.07 28.05
CA THR A 402 -26.46 26.38 28.35
C THR A 402 -26.43 26.62 29.86
N ARG A 403 -26.01 27.81 30.27
CA ARG A 403 -26.02 28.18 31.69
C ARG A 403 -27.43 28.09 32.26
N GLN A 404 -27.54 27.64 33.50
CA GLN A 404 -28.83 27.63 34.17
C GLN A 404 -29.30 29.07 34.39
N HIS A 405 -30.62 29.26 34.42
CA HIS A 405 -31.21 30.59 34.58
C HIS A 405 -30.75 31.24 35.89
N ARG A 406 -30.48 32.54 35.83
CA ARG A 406 -29.97 33.27 36.99
C ARG A 406 -30.95 33.31 38.16
N SER A 407 -32.24 33.09 37.93
CA SER A 407 -33.19 33.14 39.05
C SER A 407 -34.33 32.13 39.00
N ILE A 408 -34.63 31.50 37.88
CA ILE A 408 -35.77 30.58 37.76
C ILE A 408 -35.26 29.15 37.77
N PRO A 409 -35.76 28.29 38.67
CA PRO A 409 -35.25 26.91 38.75
C PRO A 409 -35.66 26.05 37.57
N GLY A 410 -34.78 25.14 37.20
CA GLY A 410 -35.08 24.14 36.19
C GLY A 410 -34.99 24.59 34.75
N VAL A 411 -34.71 25.86 34.46
CA VAL A 411 -34.57 26.29 33.07
C VAL A 411 -33.20 26.92 32.83
N THR A 412 -32.84 27.05 31.55
CA THR A 412 -31.56 27.59 31.11
C THR A 412 -31.76 28.82 30.26
N GLU A 413 -30.72 29.66 30.19
CA GLU A 413 -30.80 30.92 29.45
C GLU A 413 -30.45 30.69 27.98
N LYS A 414 -31.43 30.10 27.29
CA LYS A 414 -31.38 29.88 25.85
C LYS A 414 -32.60 30.55 25.21
N TRP A 415 -32.43 31.06 23.98
CA TRP A 415 -33.56 31.42 23.14
C TRP A 415 -33.43 30.74 21.78
N ASP A 416 -34.59 30.45 21.16
CA ASP A 416 -34.73 30.09 19.76
C ASP A 416 -35.50 31.19 19.03
N LEU A 417 -35.08 31.50 17.80
CA LEU A 417 -35.72 32.48 16.94
C LEU A 417 -36.44 31.77 15.79
N TYR A 418 -37.74 32.02 15.66
CA TYR A 418 -38.55 31.54 14.54
C TYR A 418 -38.91 32.71 13.62
N VAL A 419 -38.63 32.55 12.33
CA VAL A 419 -38.96 33.55 11.31
C VAL A 419 -39.68 32.82 10.17
N ARG A 420 -40.86 33.32 9.79
CA ARG A 420 -41.69 32.67 8.78
C ARG A 420 -41.88 31.18 9.06
N GLY A 421 -42.15 30.84 10.32
CA GLY A 421 -42.31 29.43 10.66
C GLY A 421 -41.04 28.61 10.71
N VAL A 422 -39.88 29.17 10.37
CA VAL A 422 -38.63 28.43 10.31
C VAL A 422 -37.83 28.67 11.59
N GLU A 423 -37.29 27.60 12.17
CA GLU A 423 -36.32 27.75 13.26
C GLU A 423 -35.01 28.26 12.68
N LEU A 424 -34.67 29.50 12.96
CA LEU A 424 -33.59 30.20 12.25
C LEU A 424 -32.30 30.30 13.05
N ALA A 425 -32.38 30.58 14.34
CA ALA A 425 -31.19 30.89 15.12
C ALA A 425 -31.47 30.58 16.59
N THR A 426 -30.40 30.53 17.37
CA THR A 426 -30.49 30.23 18.79
C THR A 426 -29.35 30.98 19.48
N GLY A 427 -29.55 31.33 20.74
CA GLY A 427 -28.50 31.95 21.54
C GLY A 427 -28.54 31.50 22.99
N TYR A 428 -27.35 31.40 23.59
CA TYR A 428 -27.20 30.99 24.99
C TYR A 428 -26.44 32.04 25.80
N SER A 429 -26.76 32.16 27.09
CA SER A 429 -25.72 32.48 28.08
C SER A 429 -24.91 31.22 28.28
N GLU A 430 -23.61 31.27 28.01
CA GLU A 430 -22.84 30.03 27.90
C GLU A 430 -22.53 29.47 29.27
N LEU A 431 -22.66 28.15 29.42
CA LEU A 431 -22.23 27.46 30.63
C LEU A 431 -20.70 27.48 30.69
N ASN A 432 -20.12 28.19 31.67
CA ASN A 432 -18.67 28.23 31.81
C ASN A 432 -18.17 27.58 33.10
N ASP A 433 -19.06 27.12 33.98
CA ASP A 433 -18.67 26.39 35.19
C ASP A 433 -18.27 24.95 34.81
N PRO A 434 -16.99 24.58 34.96
CA PRO A 434 -16.57 23.24 34.52
C PRO A 434 -17.16 22.09 35.32
N VAL A 435 -17.51 22.31 36.59
CA VAL A 435 -18.05 21.22 37.41
C VAL A 435 -19.48 20.92 36.99
N VAL A 436 -20.30 21.96 36.85
CA VAL A 436 -21.67 21.80 36.37
C VAL A 436 -21.68 21.21 34.96
N GLN A 437 -20.76 21.65 34.09
CA GLN A 437 -20.72 21.10 32.73
C GLN A 437 -20.48 19.60 32.77
N ARG A 438 -19.58 19.14 33.65
CA ARG A 438 -19.35 17.71 33.83
C ARG A 438 -20.63 17.01 34.31
N ASP A 439 -21.40 17.64 35.20
CA ASP A 439 -22.70 17.10 35.57
C ASP A 439 -23.63 17.00 34.37
N ARG A 440 -23.65 18.02 33.49
CA ARG A 440 -24.54 17.97 32.34
C ARG A 440 -24.18 16.79 31.44
N PHE A 441 -22.90 16.55 31.22
CA PHE A 441 -22.51 15.39 30.42
C PHE A 441 -22.95 14.09 31.07
N ALA A 442 -22.98 14.03 32.41
CA ALA A 442 -23.42 12.79 33.03
C ALA A 442 -24.91 12.56 32.78
N ASP A 443 -25.71 13.63 32.79
CA ASP A 443 -27.12 13.51 32.44
C ASP A 443 -27.31 13.09 30.98
N GLN A 444 -26.41 13.52 30.09
CA GLN A 444 -26.45 13.06 28.71
C GLN A 444 -26.07 11.59 28.63
N ALA A 445 -25.15 11.14 29.47
CA ALA A 445 -24.78 9.73 29.49
C ALA A 445 -25.95 8.85 29.89
N ARG A 446 -26.73 9.29 30.88
CA ARG A 446 -27.93 8.53 31.26
C ARG A 446 -28.97 8.54 30.14
N ALA A 447 -29.12 9.68 29.46
CA ALA A 447 -30.02 9.71 28.30
C ALA A 447 -29.59 8.71 27.25
N ALA A 448 -28.27 8.67 26.96
CA ALA A 448 -27.77 7.75 25.95
C ALA A 448 -27.87 6.30 26.40
N ALA A 449 -27.76 6.05 27.72
CA ALA A 449 -27.99 4.70 28.22
C ALA A 449 -29.44 4.27 28.01
N ALA A 450 -30.36 5.23 28.02
CA ALA A 450 -31.76 4.95 27.74
C ALA A 450 -32.07 4.82 26.25
N GLY A 451 -31.07 4.95 25.38
CA GLY A 451 -31.25 4.73 23.95
C GLY A 451 -31.17 5.95 23.05
N ASP A 452 -30.91 7.14 23.58
CA ASP A 452 -30.77 8.34 22.76
C ASP A 452 -29.39 8.35 22.11
N ASP A 453 -29.33 8.08 20.80
CA ASP A 453 -28.07 8.10 20.06
C ASP A 453 -27.72 9.48 19.50
N GLU A 454 -28.52 10.50 19.82
CA GLU A 454 -28.14 11.90 19.57
C GLU A 454 -27.52 12.55 20.80
N ALA A 455 -27.53 11.90 21.96
CA ALA A 455 -26.99 12.49 23.18
C ALA A 455 -25.49 12.73 23.04
N MET A 456 -25.02 13.80 23.68
CA MET A 456 -23.63 14.18 23.61
C MET A 456 -22.78 13.28 24.49
N GLN A 457 -21.59 12.94 23.99
CA GLN A 457 -20.62 12.20 24.78
C GLN A 457 -19.68 13.17 25.46
N LEU A 458 -19.16 12.75 26.62
CA LEU A 458 -18.27 13.59 27.40
C LEU A 458 -16.96 13.82 26.63
N ASP A 459 -16.57 15.09 26.52
CA ASP A 459 -15.37 15.56 25.82
C ASP A 459 -14.42 16.09 26.89
N GLU A 460 -13.42 15.28 27.23
CA GLU A 460 -12.55 15.59 28.35
C GLU A 460 -11.66 16.80 28.06
N ASP A 461 -11.17 16.95 26.82
CA ASP A 461 -10.33 18.11 26.54
C ASP A 461 -11.14 19.41 26.54
N PHE A 462 -12.41 19.36 26.17
CA PHE A 462 -13.23 20.56 26.29
C PHE A 462 -13.37 20.95 27.75
N LEU A 463 -13.65 19.98 28.62
CA LEU A 463 -13.72 20.26 30.06
C LEU A 463 -12.40 20.80 30.57
N THR A 464 -11.28 20.23 30.12
CA THR A 464 -9.97 20.75 30.52
C THR A 464 -9.82 22.23 30.18
N ALA A 465 -10.27 22.64 28.99
CA ALA A 465 -10.22 24.06 28.64
C ALA A 465 -11.06 24.91 29.59
N LEU A 466 -12.26 24.43 29.95
CA LEU A 466 -13.10 25.16 30.89
C LEU A 466 -12.45 25.27 32.27
N GLU A 467 -11.66 24.26 32.64
CA GLU A 467 -10.98 24.24 33.93
C GLU A 467 -9.84 25.25 34.02
N TYR A 468 -9.42 25.83 32.91
CA TYR A 468 -8.51 26.96 32.95
C TYR A 468 -9.22 28.29 33.12
N GLY A 469 -10.56 28.29 33.06
CA GLY A 469 -11.33 29.52 33.22
C GLY A 469 -11.77 30.16 31.92
N MET A 470 -13.04 29.98 31.56
CA MET A 470 -13.62 30.67 30.40
C MET A 470 -14.39 31.91 30.87
N PRO A 471 -14.08 33.11 30.38
CA PRO A 471 -14.86 34.29 30.78
C PRO A 471 -16.33 34.08 30.43
N PRO A 472 -17.24 34.73 31.15
CA PRO A 472 -18.66 34.63 30.78
C PRO A 472 -18.87 35.15 29.37
N CYS A 473 -19.76 34.50 28.63
CA CYS A 473 -19.97 34.88 27.24
C CYS A 473 -21.34 34.45 26.78
N THR A 474 -21.73 34.94 25.61
CA THR A 474 -22.94 34.50 24.94
C THR A 474 -22.61 34.08 23.52
N GLY A 475 -23.15 32.93 23.11
CA GLY A 475 -22.95 32.41 21.78
C GLY A 475 -24.27 32.33 21.01
N THR A 476 -24.17 32.41 19.69
CA THR A 476 -25.33 32.21 18.82
C THR A 476 -24.99 31.22 17.70
N GLY A 477 -26.04 30.61 17.16
CA GLY A 477 -25.92 29.80 15.97
C GLY A 477 -27.04 30.16 15.02
N MET A 478 -26.73 30.16 13.73
CA MET A 478 -27.73 30.48 12.73
C MET A 478 -27.48 29.67 11.47
N GLY A 479 -28.54 29.04 10.95
CA GLY A 479 -28.44 28.36 9.67
C GLY A 479 -28.43 29.36 8.55
N ILE A 480 -27.35 29.37 7.75
CA ILE A 480 -27.20 30.37 6.68
C ILE A 480 -28.15 30.07 5.53
N ASP A 481 -28.29 28.79 5.16
CA ASP A 481 -29.28 28.44 4.15
C ASP A 481 -30.69 28.79 4.63
N ARG A 482 -30.96 28.53 5.91
CA ARG A 482 -32.25 28.90 6.48
C ARG A 482 -32.45 30.41 6.47
N LEU A 483 -31.39 31.17 6.70
CA LEU A 483 -31.53 32.62 6.59
C LEU A 483 -32.00 33.01 5.20
N LEU A 484 -31.39 32.43 4.17
CA LEU A 484 -31.79 32.75 2.81
C LEU A 484 -33.21 32.27 2.53
N MET A 485 -33.59 31.10 3.05
CA MET A 485 -34.98 30.65 2.92
C MET A 485 -35.95 31.67 3.53
N CYS A 486 -35.58 32.23 4.68
CA CYS A 486 -36.47 33.17 5.36
C CYS A 486 -36.63 34.45 4.57
N LEU A 487 -35.53 34.90 3.94
CA LEU A 487 -35.53 36.13 3.18
C LEU A 487 -36.23 35.99 1.82
N THR A 488 -36.27 34.79 1.25
CA THR A 488 -36.74 34.59 -0.12
C THR A 488 -37.96 33.70 -0.23
N GLY A 489 -38.30 32.94 0.80
CA GLY A 489 -39.31 31.90 0.70
C GLY A 489 -38.90 30.65 -0.05
N LEU A 490 -37.61 30.42 -0.30
CA LEU A 490 -37.21 29.23 -1.03
C LEU A 490 -36.92 28.08 -0.06
N SER A 491 -36.89 26.86 -0.61
CA SER A 491 -36.48 25.69 0.15
C SER A 491 -34.95 25.55 0.11
N ILE A 492 -34.42 24.76 1.05
CA ILE A 492 -32.98 24.73 1.27
C ILE A 492 -32.23 24.31 0.01
N ARG A 493 -32.80 23.41 -0.78
CA ARG A 493 -32.10 22.97 -1.97
CA ARG A 493 -32.21 22.91 -2.02
C ARG A 493 -32.18 23.96 -3.13
N GLU A 494 -33.05 24.98 -3.07
CA GLU A 494 -32.98 25.98 -4.13
C GLU A 494 -31.90 27.02 -3.86
N THR A 495 -31.41 27.13 -2.62
CA THR A 495 -30.46 28.17 -2.23
C THR A 495 -28.99 27.75 -2.35
N VAL A 496 -28.74 26.47 -2.62
CA VAL A 496 -27.39 25.92 -2.71
C VAL A 496 -27.11 25.65 -4.18
N LEU A 497 -25.94 26.06 -4.66
CA LEU A 497 -25.61 25.78 -6.08
C LEU A 497 -25.73 24.31 -6.43
N PHE A 498 -25.08 23.42 -5.66
CA PHE A 498 -24.98 22.00 -6.01
C PHE A 498 -25.43 21.08 -4.88
N PRO A 499 -26.73 21.03 -4.57
CA PRO A 499 -27.19 20.08 -3.56
C PRO A 499 -26.96 18.63 -3.98
N ILE A 500 -26.81 17.78 -2.98
CA ILE A 500 -26.41 16.40 -3.25
C ILE A 500 -27.56 15.65 -3.92
N VAL A 501 -27.23 14.85 -4.93
CA VAL A 501 -28.21 14.00 -5.60
C VAL A 501 -27.67 12.58 -5.63
N ARG A 502 -28.56 11.60 -5.50
CA ARG A 502 -28.15 10.20 -5.62
C ARG A 502 -27.80 9.89 -7.07
N PRO A 503 -26.61 9.33 -7.34
CA PRO A 503 -26.21 9.02 -8.74
C PRO A 503 -26.94 7.80 -9.32
N PRO B 17 4.59 4.95 12.98
CA PRO B 17 5.64 5.35 13.92
C PRO B 17 5.06 5.52 15.34
N GLU B 18 4.34 6.63 15.57
CA GLU B 18 3.50 6.70 16.75
C GLU B 18 2.42 5.63 16.69
N GLN B 19 2.00 5.24 15.49
CA GLN B 19 1.04 4.15 15.33
C GLN B 19 1.50 2.89 16.05
N PHE B 20 2.81 2.60 16.00
CA PHE B 20 3.35 1.38 16.62
C PHE B 20 3.08 1.36 18.12
N ARG B 21 3.28 2.50 18.80
CA ARG B 21 3.16 2.51 20.25
C ARG B 21 1.71 2.31 20.70
N ILE B 22 0.76 2.97 20.04
CA ILE B 22 -0.66 2.77 20.37
C ILE B 22 -1.03 1.29 20.24
N ARG B 23 -0.61 0.65 19.14
CA ARG B 23 -1.01 -0.74 18.92
C ARG B 23 -0.35 -1.67 19.92
N ARG B 24 0.92 -1.42 20.26
CA ARG B 24 1.58 -2.25 21.27
C ARG B 24 0.95 -2.07 22.64
N ASP B 25 0.48 -0.86 22.94
CA ASP B 25 -0.26 -0.65 24.19
C ASP B 25 -1.55 -1.46 24.18
N LYS B 26 -2.28 -1.46 23.06
CA LYS B 26 -3.47 -2.30 22.94
C LYS B 26 -3.12 -3.77 23.18
N ARG B 27 -2.02 -4.24 22.58
CA ARG B 27 -1.62 -5.64 22.76
C ARG B 27 -1.42 -5.97 24.24
N ALA B 28 -0.60 -5.17 24.93
CA ALA B 28 -0.33 -5.42 26.34
C ALA B 28 -1.61 -5.38 27.17
N ARG B 29 -2.51 -4.44 26.85
CA ARG B 29 -3.77 -4.33 27.59
C ARG B 29 -4.62 -5.59 27.42
N LEU B 30 -4.71 -6.11 26.20
CA LEU B 30 -5.49 -7.32 25.97
C LEU B 30 -4.96 -8.50 26.78
N LEU B 31 -3.65 -8.68 26.80
CA LEU B 31 -3.07 -9.80 27.55
C LEU B 31 -3.28 -9.65 29.05
N ALA B 32 -3.35 -8.41 29.54
CA ALA B 32 -3.53 -8.18 30.97
C ALA B 32 -4.98 -8.31 31.40
N GLU B 33 -5.93 -7.96 30.52
CA GLU B 33 -7.34 -8.17 30.81
C GLU B 33 -7.78 -9.61 30.57
N GLY B 34 -6.95 -10.44 29.95
CA GLY B 34 -7.28 -11.83 29.74
C GLY B 34 -7.90 -12.15 28.40
N TYR B 35 -7.75 -11.26 27.41
CA TYR B 35 -8.20 -11.50 26.05
C TYR B 35 -6.96 -11.80 25.20
N ASP B 36 -6.73 -13.09 24.94
CA ASP B 36 -5.51 -13.55 24.29
C ASP B 36 -5.37 -12.97 22.88
N PRO B 37 -4.44 -12.04 22.66
CA PRO B 37 -4.24 -11.48 21.31
C PRO B 37 -3.46 -12.38 20.35
N TYR B 38 -2.89 -13.50 20.83
CA TYR B 38 -2.26 -14.49 19.97
C TYR B 38 -2.64 -15.87 20.48
N PRO B 39 -3.91 -16.24 20.38
CA PRO B 39 -4.38 -17.49 20.97
C PRO B 39 -3.98 -18.70 20.14
N VAL B 40 -3.93 -19.84 20.82
CA VAL B 40 -3.70 -21.11 20.15
C VAL B 40 -5.01 -21.87 20.10
N ALA B 41 -5.14 -22.76 19.10
CA ALA B 41 -6.23 -23.72 18.94
C ALA B 41 -7.48 -23.14 18.33
N ILE B 42 -7.42 -21.97 17.68
CA ILE B 42 -8.57 -21.49 16.91
C ILE B 42 -8.87 -22.46 15.79
N GLU B 43 -10.12 -22.93 15.72
CA GLU B 43 -10.56 -23.85 14.68
C GLU B 43 -11.29 -23.05 13.60
N ARG B 44 -10.82 -23.16 12.37
CA ARG B 44 -11.40 -22.47 11.22
C ARG B 44 -12.13 -23.50 10.36
N THR B 45 -13.44 -23.32 10.19
CA THR B 45 -14.23 -24.32 9.47
C THR B 45 -14.15 -24.18 7.97
N HIS B 46 -13.94 -22.96 7.45
CA HIS B 46 -13.86 -22.76 6.02
C HIS B 46 -12.88 -21.64 5.72
N THR B 47 -12.19 -21.77 4.60
CA THR B 47 -11.50 -20.62 4.03
C THR B 47 -12.53 -19.70 3.39
N LEU B 48 -12.12 -18.45 3.16
CA LEU B 48 -13.04 -17.50 2.56
C LEU B 48 -13.36 -17.89 1.12
N ALA B 49 -12.40 -18.47 0.41
CA ALA B 49 -12.67 -18.95 -0.94
C ALA B 49 -13.69 -20.09 -0.92
N GLU B 50 -13.63 -20.96 0.08
CA GLU B 50 -14.63 -22.03 0.18
C GLU B 50 -16.01 -21.45 0.40
N ILE B 51 -16.11 -20.39 1.20
CA ILE B 51 -17.41 -19.73 1.40
C ILE B 51 -17.88 -19.13 0.09
N ARG B 52 -17.01 -18.35 -0.57
CA ARG B 52 -17.41 -17.67 -1.80
C ARG B 52 -17.86 -18.65 -2.87
N ALA B 53 -17.21 -19.82 -2.94
CA ALA B 53 -17.57 -20.81 -3.94
C ALA B 53 -18.92 -21.45 -3.61
N THR B 54 -19.12 -21.81 -2.33
CA THR B 54 -20.33 -22.52 -1.94
C THR B 54 -21.59 -21.67 -2.12
N TYR B 55 -21.50 -20.37 -1.88
CA TYR B 55 -22.67 -19.49 -1.86
C TYR B 55 -22.65 -18.47 -2.99
N ALA B 56 -22.11 -18.84 -4.14
CA ALA B 56 -22.05 -17.89 -5.25
C ALA B 56 -23.42 -17.49 -5.76
N ASP B 57 -24.46 -18.27 -5.46
CA ASP B 57 -25.81 -18.00 -5.95
C ASP B 57 -26.77 -17.60 -4.84
N LEU B 58 -26.26 -17.12 -3.72
CA LEU B 58 -27.15 -16.60 -2.67
C LEU B 58 -27.83 -15.36 -3.21
N PRO B 59 -29.16 -15.31 -3.25
CA PRO B 59 -29.84 -14.09 -3.72
C PRO B 59 -29.50 -12.89 -2.84
N THR B 60 -29.61 -11.70 -3.43
CA THR B 60 -29.31 -10.48 -2.70
C THR B 60 -30.24 -10.32 -1.51
N ASP B 61 -29.66 -9.98 -0.35
CA ASP B 61 -30.42 -9.69 0.86
C ASP B 61 -31.27 -10.89 1.31
N SER B 62 -30.58 -11.99 1.57
CA SER B 62 -31.21 -13.17 2.15
C SER B 62 -30.25 -13.85 3.11
N ALA B 63 -30.80 -14.72 3.94
CA ALA B 63 -30.05 -15.35 5.02
C ALA B 63 -30.11 -16.87 4.91
N THR B 64 -29.08 -17.52 5.45
CA THR B 64 -29.06 -18.97 5.62
C THR B 64 -28.96 -19.29 7.10
N GLU B 65 -29.21 -20.54 7.44
CA GLU B 65 -29.04 -21.02 8.81
C GLU B 65 -27.71 -21.72 9.02
N ASP B 66 -26.76 -21.58 8.10
CA ASP B 66 -25.49 -22.29 8.15
C ASP B 66 -24.49 -21.49 8.98
N ILE B 67 -24.02 -22.07 10.07
CA ILE B 67 -23.01 -21.46 10.90
C ILE B 67 -21.64 -21.82 10.36
N VAL B 68 -20.76 -20.82 10.26
CA VAL B 68 -19.37 -21.04 9.86
C VAL B 68 -18.47 -20.31 10.84
N GLY B 69 -17.19 -20.64 10.78
CA GLY B 69 -16.18 -19.93 11.52
C GLY B 69 -15.01 -19.62 10.61
N VAL B 70 -14.77 -18.34 10.38
CA VAL B 70 -13.79 -17.89 9.38
C VAL B 70 -12.73 -17.05 10.07
N ALA B 71 -11.64 -16.81 9.35
CA ALA B 71 -10.55 -16.01 9.86
C ALA B 71 -9.92 -15.27 8.69
N GLY B 72 -9.42 -14.07 8.97
CA GLY B 72 -8.76 -13.30 7.94
C GLY B 72 -8.32 -11.95 8.45
N ARG B 73 -7.59 -11.26 7.58
CA ARG B 73 -7.02 -9.97 7.91
C ARG B 73 -8.01 -8.86 7.64
N VAL B 74 -8.26 -8.01 8.62
CA VAL B 74 -9.12 -6.84 8.42
C VAL B 74 -8.40 -5.87 7.50
N VAL B 75 -8.98 -5.60 6.33
CA VAL B 75 -8.40 -4.63 5.41
C VAL B 75 -9.27 -3.37 5.25
N PHE B 76 -10.54 -3.40 5.64
CA PHE B 76 -11.46 -2.27 5.56
C PHE B 76 -12.43 -2.34 6.73
N ALA B 77 -12.87 -1.18 7.20
CA ALA B 77 -13.84 -1.14 8.29
C ALA B 77 -14.71 0.10 8.19
N ARG B 78 -16.01 -0.08 8.41
CA ARG B 78 -16.99 1.00 8.55
C ARG B 78 -17.72 0.80 9.86
N ASN B 79 -17.70 1.81 10.73
CA ASN B 79 -18.34 1.73 12.04
C ASN B 79 -19.53 2.69 12.08
N THR B 80 -20.66 2.21 12.56
CA THR B 80 -21.81 3.05 12.85
C THR B 80 -22.30 2.67 14.24
N GLY B 81 -23.53 3.08 14.57
CA GLY B 81 -24.03 2.98 15.93
C GLY B 81 -24.13 1.59 16.49
N LYS B 82 -24.96 0.74 15.90
CA LYS B 82 -25.18 -0.62 16.37
C LYS B 82 -24.63 -1.68 15.42
N LEU B 83 -23.92 -1.27 14.38
CA LEU B 83 -23.55 -2.20 13.30
C LEU B 83 -22.19 -1.82 12.74
N CYS B 84 -21.23 -2.74 12.82
CA CYS B 84 -19.91 -2.55 12.27
C CYS B 84 -19.69 -3.49 11.09
N PHE B 85 -19.13 -2.94 10.01
CA PHE B 85 -18.76 -3.71 8.84
C PHE B 85 -17.24 -3.83 8.80
N ALA B 86 -16.76 -4.95 8.27
CA ALA B 86 -15.33 -5.14 8.08
C ALA B 86 -15.09 -6.09 6.93
N THR B 87 -14.13 -5.74 6.08
CA THR B 87 -13.73 -6.61 4.99
C THR B 87 -12.55 -7.46 5.48
N LEU B 88 -12.74 -8.78 5.46
CA LEU B 88 -11.70 -9.74 5.79
C LEU B 88 -11.05 -10.22 4.51
N GLN B 89 -9.73 -10.36 4.53
CA GLN B 89 -8.97 -10.85 3.39
C GLN B 89 -8.21 -12.10 3.82
N ASP B 90 -8.46 -13.21 3.13
CA ASP B 90 -7.71 -14.43 3.42
C ASP B 90 -6.32 -14.37 2.79
N GLY B 91 -5.49 -15.37 3.12
CA GLY B 91 -4.12 -15.36 2.65
C GLY B 91 -4.01 -15.35 1.14
N ASP B 92 -4.92 -16.05 0.46
CA ASP B 92 -4.98 -16.10 -1.00
C ASP B 92 -5.53 -14.81 -1.63
N GLY B 93 -5.93 -13.82 -0.83
CA GLY B 93 -6.49 -12.60 -1.36
C GLY B 93 -8.01 -12.57 -1.45
N THR B 94 -8.69 -13.68 -1.21
CA THR B 94 -10.14 -13.69 -1.25
C THR B 94 -10.72 -12.86 -0.12
N GLN B 95 -11.77 -12.11 -0.41
CA GLN B 95 -12.35 -11.18 0.56
C GLN B 95 -13.78 -11.58 0.90
N LEU B 96 -14.17 -11.26 2.13
CA LEU B 96 -15.52 -11.54 2.62
C LEU B 96 -15.85 -10.50 3.67
N GLN B 97 -17.13 -10.13 3.74
CA GLN B 97 -17.55 -9.12 4.70
C GLN B 97 -17.92 -9.76 6.04
N ALA B 98 -17.52 -9.11 7.13
CA ALA B 98 -17.92 -9.49 8.48
C ALA B 98 -18.87 -8.44 9.04
N MET B 99 -19.97 -8.89 9.64
CA MET B 99 -20.99 -8.00 10.17
C MET B 99 -21.11 -8.18 11.67
N ILE B 100 -20.74 -7.14 12.42
CA ILE B 100 -20.81 -7.14 13.88
C ILE B 100 -21.96 -6.21 14.27
N SER B 101 -23.03 -6.77 14.83
CA SER B 101 -24.21 -5.98 15.16
C SER B 101 -24.56 -6.11 16.63
N LEU B 102 -25.12 -5.02 17.18
CA LEU B 102 -25.53 -4.98 18.58
C LEU B 102 -26.47 -6.14 18.92
N ASP B 103 -27.57 -6.26 18.17
CA ASP B 103 -28.57 -7.27 18.50
C ASP B 103 -28.08 -8.69 18.28
N GLU B 104 -26.85 -8.87 17.82
CA GLU B 104 -26.31 -10.19 17.52
C GLU B 104 -25.12 -10.56 18.39
N VAL B 105 -24.15 -9.65 18.54
CA VAL B 105 -22.96 -9.94 19.33
C VAL B 105 -23.09 -9.45 20.77
N GLY B 106 -24.06 -8.60 21.07
CA GLY B 106 -24.18 -8.02 22.38
C GLY B 106 -23.35 -6.75 22.52
N ARG B 107 -23.62 -6.04 23.61
CA ARG B 107 -22.97 -4.73 23.81
C ARG B 107 -21.52 -4.90 24.23
N GLU B 108 -21.25 -5.78 25.19
CA GLU B 108 -19.87 -6.00 25.64
C GLU B 108 -18.95 -6.35 24.48
N SER B 109 -19.44 -7.15 23.53
CA SER B 109 -18.63 -7.59 22.41
C SER B 109 -18.49 -6.52 21.34
N LEU B 110 -19.57 -5.78 21.07
CA LEU B 110 -19.52 -4.73 20.04
C LEU B 110 -18.57 -3.61 20.44
N ASP B 111 -18.63 -3.20 21.71
CA ASP B 111 -17.71 -2.16 22.18
C ASP B 111 -16.26 -2.60 22.03
N ARG B 112 -15.97 -3.86 22.37
CA ARG B 112 -14.60 -4.34 22.24
C ARG B 112 -14.17 -4.37 20.78
N TRP B 113 -15.08 -4.71 19.87
CA TRP B 113 -14.73 -4.72 18.45
C TRP B 113 -14.22 -3.35 18.02
N LYS B 114 -14.91 -2.29 18.44
CA LYS B 114 -14.55 -0.95 18.01
C LYS B 114 -13.25 -0.50 18.66
N ALA B 115 -13.03 -0.86 19.92
CA ALA B 115 -11.85 -0.42 20.64
C ALA B 115 -10.61 -1.26 20.31
N ASP B 116 -10.77 -2.55 20.03
CA ASP B 116 -9.65 -3.46 19.93
C ASP B 116 -9.15 -3.71 18.50
N VAL B 117 -10.03 -3.76 17.51
CA VAL B 117 -9.66 -4.21 16.17
C VAL B 117 -9.13 -3.03 15.34
N ASP B 118 -8.00 -3.25 14.67
CA ASP B 118 -7.38 -2.28 13.78
C ASP B 118 -7.16 -2.90 12.41
N ILE B 119 -7.02 -2.05 11.39
CA ILE B 119 -6.67 -2.54 10.05
C ILE B 119 -5.38 -3.35 10.14
N GLY B 120 -5.38 -4.53 9.53
CA GLY B 120 -4.25 -5.41 9.54
C GLY B 120 -4.31 -6.52 10.56
N ASP B 121 -5.11 -6.36 11.63
CA ASP B 121 -5.28 -7.45 12.57
C ASP B 121 -5.90 -8.66 11.89
N VAL B 122 -5.48 -9.85 12.33
CA VAL B 122 -6.14 -11.10 11.95
C VAL B 122 -7.22 -11.40 12.97
N VAL B 123 -8.43 -11.69 12.51
CA VAL B 123 -9.54 -11.93 13.43
C VAL B 123 -10.30 -13.18 13.02
N TYR B 124 -10.94 -13.80 14.02
CA TYR B 124 -11.81 -14.94 13.84
C TYR B 124 -13.25 -14.50 14.02
N VAL B 125 -14.14 -14.94 13.13
CA VAL B 125 -15.55 -14.57 13.19
C VAL B 125 -16.40 -15.82 13.04
N HIS B 126 -17.31 -16.05 13.98
CA HIS B 126 -18.23 -17.17 13.97
C HIS B 126 -19.64 -16.64 13.83
N GLY B 127 -20.42 -17.21 12.91
CA GLY B 127 -21.76 -16.73 12.69
C GLY B 127 -22.42 -17.39 11.50
N THR B 128 -23.49 -16.77 11.02
CA THR B 128 -24.29 -17.30 9.92
C THR B 128 -23.96 -16.59 8.61
N VAL B 129 -23.95 -17.35 7.51
CA VAL B 129 -23.71 -16.82 6.18
C VAL B 129 -24.97 -16.15 5.67
N ILE B 130 -24.85 -14.90 5.22
CA ILE B 130 -25.95 -14.12 4.68
C ILE B 130 -25.46 -13.35 3.46
N SER B 131 -26.40 -12.69 2.79
CA SER B 131 -26.10 -11.70 1.76
C SER B 131 -26.66 -10.37 2.23
N SER B 132 -25.83 -9.32 2.15
CA SER B 132 -26.22 -8.01 2.65
C SER B 132 -27.36 -7.43 1.82
N ARG B 133 -27.84 -6.27 2.26
CA ARG B 133 -28.81 -5.53 1.46
C ARG B 133 -28.20 -5.07 0.14
N ARG B 134 -26.89 -4.81 0.12
CA ARG B 134 -26.19 -4.43 -1.09
C ARG B 134 -25.67 -5.63 -1.88
N GLY B 135 -26.11 -6.84 -1.54
CA GLY B 135 -25.64 -8.03 -2.21
C GLY B 135 -24.24 -8.50 -1.83
N GLU B 136 -23.62 -7.92 -0.80
CA GLU B 136 -22.30 -8.35 -0.36
C GLU B 136 -22.41 -9.62 0.49
N LEU B 137 -21.69 -10.66 0.08
CA LEU B 137 -21.68 -11.91 0.84
C LEU B 137 -20.98 -11.68 2.18
N SER B 138 -21.64 -12.09 3.27
CA SER B 138 -21.17 -11.72 4.60
C SER B 138 -21.40 -12.86 5.58
N VAL B 139 -20.62 -12.83 6.66
CA VAL B 139 -20.89 -13.62 7.85
C VAL B 139 -21.49 -12.70 8.89
N LEU B 140 -22.69 -13.02 9.36
CA LEU B 140 -23.35 -12.29 10.44
C LEU B 140 -22.85 -12.85 11.76
N ALA B 141 -21.94 -12.11 12.40
CA ALA B 141 -21.27 -12.60 13.59
C ALA B 141 -22.25 -12.75 14.75
N ASP B 142 -22.11 -13.85 15.48
CA ASP B 142 -22.61 -13.94 16.85
C ASP B 142 -21.49 -13.89 17.88
N SER B 143 -20.23 -13.96 17.45
CA SER B 143 -19.07 -13.82 18.32
C SER B 143 -17.83 -13.65 17.44
N TRP B 144 -16.75 -13.18 18.06
CA TRP B 144 -15.51 -12.94 17.35
C TRP B 144 -14.37 -12.97 18.38
N ARG B 145 -13.17 -13.25 17.89
CA ARG B 145 -11.97 -13.29 18.70
C ARG B 145 -10.82 -12.68 17.92
N MET B 146 -9.94 -11.98 18.62
CA MET B 146 -8.66 -11.63 18.05
C MET B 146 -7.86 -12.90 17.73
N ALA B 147 -7.34 -13.00 16.51
CA ALA B 147 -6.50 -14.13 16.13
C ALA B 147 -5.02 -13.79 16.15
N ALA B 148 -4.65 -12.59 15.70
CA ALA B 148 -3.26 -12.15 15.74
C ALA B 148 -3.26 -10.63 15.69
N LYS B 149 -2.95 -9.99 16.81
CA LYS B 149 -2.89 -8.53 16.83
C LYS B 149 -1.70 -8.04 16.00
N ALA B 150 -1.94 -7.08 15.11
CA ALA B 150 -0.91 -6.48 14.28
C ALA B 150 -0.36 -5.22 14.94
N LEU B 151 0.96 -5.19 15.14
CA LEU B 151 1.59 -4.04 15.75
C LEU B 151 1.92 -2.93 14.75
N ARG B 152 2.01 -3.25 13.46
CA ARG B 152 2.25 -2.23 12.46
C ARG B 152 1.11 -2.18 11.47
N PRO B 153 0.72 -1.01 11.00
CA PRO B 153 -0.37 -0.92 10.01
C PRO B 153 0.10 -1.28 8.62
N LEU B 154 -0.84 -1.78 7.81
CA LEU B 154 -0.57 -2.00 6.41
C LEU B 154 -0.44 -0.68 5.66
N PRO B 155 0.40 -0.64 4.62
CA PRO B 155 0.38 0.53 3.72
C PRO B 155 -1.03 0.71 3.15
N VAL B 156 -1.38 1.97 2.89
CA VAL B 156 -2.75 2.27 2.45
C VAL B 156 -3.01 1.65 1.08
N ALA B 157 -2.01 1.61 0.21
CA ALA B 157 -2.12 0.96 -1.10
C ALA B 157 -0.74 0.54 -1.58
N HIS B 158 -0.70 -0.45 -2.48
CA HIS B 158 0.60 -1.02 -2.85
C HIS B 158 1.45 0.01 -3.59
N LYS B 159 0.82 0.97 -4.27
CA LYS B 159 1.62 2.00 -4.93
C LYS B 159 2.50 2.77 -3.94
N GLU B 160 2.17 2.74 -2.63
CA GLU B 160 2.99 3.45 -1.65
C GLU B 160 4.30 2.74 -1.32
N MET B 161 4.49 1.51 -1.77
CA MET B 161 5.72 0.77 -1.53
C MET B 161 6.64 0.95 -2.74
N SER B 162 7.86 1.43 -2.49
CA SER B 162 8.89 1.42 -3.52
C SER B 162 9.21 -0.02 -3.95
N GLU B 163 9.87 -0.14 -5.11
CA GLU B 163 10.31 -1.46 -5.58
C GLU B 163 11.25 -2.12 -4.58
N GLU B 164 12.17 -1.37 -4.00
CA GLU B 164 13.09 -1.99 -3.04
C GLU B 164 12.36 -2.41 -1.76
N SER B 165 11.31 -1.69 -1.37
CA SER B 165 10.52 -2.07 -0.20
C SER B 165 9.79 -3.40 -0.42
N ARG B 166 9.27 -3.61 -1.63
CA ARG B 166 8.65 -4.90 -1.96
C ARG B 166 9.61 -6.06 -1.76
N VAL B 167 10.89 -5.84 -2.02
CA VAL B 167 11.87 -6.93 -1.91
C VAL B 167 12.28 -7.10 -0.46
N ARG B 168 12.53 -6.00 0.23
CA ARG B 168 12.90 -6.09 1.64
C ARG B 168 11.75 -6.58 2.50
N GLN B 169 10.51 -6.38 2.06
CA GLN B 169 9.36 -6.79 2.85
C GLN B 169 8.33 -7.48 1.95
N ARG B 170 8.75 -8.58 1.33
CA ARG B 170 7.85 -9.35 0.48
C ARG B 170 6.59 -9.76 1.22
N TYR B 171 6.68 -9.98 2.53
CA TYR B 171 5.50 -10.39 3.29
C TYR B 171 4.44 -9.29 3.35
N VAL B 172 4.85 -8.01 3.29
CA VAL B 172 3.85 -6.95 3.16
C VAL B 172 3.34 -6.85 1.72
N ASP B 173 4.26 -6.91 0.76
CA ASP B 173 3.93 -6.90 -0.67
C ASP B 173 2.84 -7.93 -1.00
N LEU B 174 3.02 -9.18 -0.57
CA LEU B 174 2.03 -10.22 -0.85
C LEU B 174 0.65 -9.90 -0.28
N ILE B 175 0.58 -9.08 0.77
CA ILE B 175 -0.72 -8.79 1.36
C ILE B 175 -1.44 -7.71 0.57
N VAL B 176 -0.73 -6.69 0.09
CA VAL B 176 -1.39 -5.52 -0.49
C VAL B 176 -1.32 -5.45 -2.01
N ARG B 177 -0.48 -6.25 -2.67
CA ARG B 177 -0.35 -6.17 -4.14
C ARG B 177 -0.83 -7.48 -4.79
N PRO B 178 -2.03 -7.49 -5.38
CA PRO B 178 -2.51 -8.70 -6.07
C PRO B 178 -1.51 -9.29 -7.06
N GLN B 179 -0.77 -8.45 -7.78
CA GLN B 179 0.19 -8.96 -8.74
C GLN B 179 1.35 -9.70 -8.08
N ALA B 180 1.65 -9.37 -6.81
CA ALA B 180 2.71 -10.12 -6.13
C ALA B 180 2.28 -11.54 -5.83
N ARG B 181 1.02 -11.73 -5.40
CA ARG B 181 0.50 -13.08 -5.23
C ARG B 181 0.47 -13.83 -6.55
N GLU B 182 0.15 -13.13 -7.65
CA GLU B 182 0.05 -13.80 -8.94
C GLU B 182 1.41 -14.28 -9.44
N VAL B 183 2.45 -13.46 -9.29
CA VAL B 183 3.78 -13.89 -9.68
C VAL B 183 4.26 -15.07 -8.82
N ALA B 184 4.01 -15.00 -7.51
CA ALA B 184 4.40 -16.11 -6.64
C ALA B 184 3.70 -17.39 -7.06
N ARG B 185 2.43 -17.30 -7.44
CA ARG B 185 1.69 -18.46 -7.89
C ARG B 185 2.24 -18.97 -9.22
N GLN B 186 2.59 -18.07 -10.13
CA GLN B 186 3.12 -18.47 -11.43
C GLN B 186 4.43 -19.24 -11.28
N ARG B 187 5.34 -18.73 -10.43
CA ARG B 187 6.61 -19.40 -10.20
C ARG B 187 6.41 -20.85 -9.78
N ILE B 188 5.53 -21.07 -8.79
CA ILE B 188 5.27 -22.42 -8.29
C ILE B 188 4.69 -23.28 -9.40
N ALA B 189 3.74 -22.74 -10.17
CA ALA B 189 3.13 -23.48 -11.27
C ALA B 189 4.14 -23.74 -12.40
N VAL B 190 5.04 -22.80 -12.67
CA VAL B 190 6.02 -23.02 -13.72
C VAL B 190 6.95 -24.17 -13.34
N ILE B 191 7.37 -24.23 -12.08
CA ILE B 191 8.30 -25.26 -11.63
C ILE B 191 7.61 -26.62 -11.64
N ARG B 192 6.34 -26.66 -11.23
CA ARG B 192 5.60 -27.90 -11.28
C ARG B 192 5.41 -28.36 -12.74
N ALA B 193 5.07 -27.44 -13.65
CA ALA B 193 4.91 -27.80 -15.06
C ALA B 193 6.22 -28.33 -15.69
N VAL B 194 7.37 -27.76 -15.31
CA VAL B 194 8.67 -28.26 -15.81
C VAL B 194 8.86 -29.73 -15.40
N ARG B 195 8.66 -30.02 -14.11
CA ARG B 195 8.80 -31.38 -13.61
C ARG B 195 7.84 -32.33 -14.31
N ASN B 196 6.58 -31.93 -14.51
CA ASN B 196 5.63 -32.79 -15.20
C ASN B 196 6.09 -33.06 -16.63
N ALA B 197 6.62 -32.04 -17.31
CA ALA B 197 7.04 -32.25 -18.69
C ALA B 197 8.21 -33.21 -18.77
N LEU B 198 9.09 -33.20 -17.76
CA LEU B 198 10.21 -34.13 -17.77
C LEU B 198 9.81 -35.54 -17.36
N GLU B 199 8.85 -35.67 -16.43
CA GLU B 199 8.31 -36.97 -16.05
C GLU B 199 7.59 -37.65 -17.21
N ARG B 200 6.78 -36.90 -17.96
CA ARG B 200 6.16 -37.46 -19.16
C ARG B 200 7.20 -38.11 -20.09
N ARG B 201 8.44 -37.62 -20.08
CA ARG B 201 9.47 -38.14 -20.98
C ARG B 201 10.45 -39.07 -20.28
N GLY B 202 10.15 -39.54 -19.08
CA GLY B 202 10.97 -40.55 -18.45
C GLY B 202 12.20 -40.08 -17.70
N PHE B 203 12.37 -38.77 -17.49
CA PHE B 203 13.50 -38.30 -16.69
C PHE B 203 13.27 -38.50 -15.20
N LEU B 204 14.32 -38.87 -14.48
CA LEU B 204 14.27 -39.09 -13.04
C LEU B 204 15.00 -37.96 -12.33
N GLU B 205 14.42 -37.46 -11.23
CA GLU B 205 15.04 -36.36 -10.50
C GLU B 205 15.99 -36.85 -9.42
N VAL B 206 17.21 -36.35 -9.41
CA VAL B 206 18.19 -36.74 -8.42
C VAL B 206 18.69 -35.49 -7.68
N GLU B 207 19.44 -35.74 -6.60
CA GLU B 207 20.13 -34.70 -5.84
C GLU B 207 21.63 -34.94 -5.93
N THR B 208 22.37 -33.94 -6.39
CA THR B 208 23.82 -34.03 -6.33
C THR B 208 24.32 -32.93 -5.38
N PRO B 209 25.59 -32.96 -4.94
CA PRO B 209 25.97 -32.14 -3.79
C PRO B 209 26.14 -30.67 -4.13
N MET B 210 25.82 -29.83 -3.13
CA MET B 210 25.96 -28.39 -3.28
C MET B 210 27.29 -27.87 -2.75
N LEU B 211 27.85 -28.49 -1.72
CA LEU B 211 29.19 -28.18 -1.27
C LEU B 211 30.14 -29.15 -1.96
N GLN B 212 31.16 -28.62 -2.62
CA GLN B 212 32.06 -29.37 -3.48
C GLN B 212 33.48 -28.99 -3.11
N THR B 213 34.40 -29.93 -3.32
CA THR B 213 35.80 -29.65 -3.05
C THR B 213 36.46 -28.95 -4.24
N LEU B 214 35.83 -29.05 -5.40
CA LEU B 214 36.26 -28.33 -6.59
C LEU B 214 34.98 -28.08 -7.39
N ALA B 215 34.71 -26.83 -7.73
CA ALA B 215 33.44 -26.46 -8.36
C ALA B 215 33.64 -26.28 -9.87
N GLY B 216 33.12 -27.20 -10.65
CA GLY B 216 33.25 -27.08 -12.09
C GLY B 216 31.91 -27.09 -12.78
N GLY B 217 31.92 -27.29 -14.11
CA GLY B 217 30.69 -27.38 -14.88
C GLY B 217 30.16 -26.07 -15.42
N ALA B 218 30.83 -24.96 -15.15
CA ALA B 218 30.48 -23.65 -15.70
C ALA B 218 31.73 -22.79 -15.59
N ALA B 219 31.66 -21.59 -16.13
CA ALA B 219 32.74 -20.62 -16.00
C ALA B 219 32.24 -19.50 -15.10
N ALA B 220 32.70 -19.47 -13.85
CA ALA B 220 32.24 -18.49 -12.88
C ALA B 220 33.06 -18.61 -11.61
N ARG B 221 33.28 -17.49 -10.94
CA ARG B 221 33.91 -17.52 -9.63
C ARG B 221 32.96 -18.16 -8.62
N PRO B 222 33.47 -18.98 -7.72
CA PRO B 222 32.62 -19.64 -6.73
C PRO B 222 32.52 -18.85 -5.42
N PHE B 223 31.54 -19.24 -4.60
CA PHE B 223 31.60 -18.91 -3.18
C PHE B 223 32.47 -19.95 -2.48
N VAL B 224 33.36 -19.49 -1.62
CA VAL B 224 34.30 -20.33 -0.87
C VAL B 224 33.90 -20.30 0.60
N THR B 225 33.91 -21.47 1.25
CA THR B 225 33.63 -21.53 2.68
C THR B 225 34.54 -22.54 3.35
N HIS B 226 34.78 -22.35 4.64
CA HIS B 226 35.68 -23.21 5.40
C HIS B 226 34.90 -24.31 6.09
N SER B 227 35.34 -25.56 5.89
CA SER B 227 34.74 -26.72 6.53
C SER B 227 35.40 -26.94 7.89
N ASN B 228 34.60 -26.93 8.96
CA ASN B 228 35.16 -27.26 10.28
C ASN B 228 35.40 -28.76 10.42
N ALA B 229 34.60 -29.59 9.74
CA ALA B 229 34.72 -31.03 9.85
C ALA B 229 35.91 -31.57 9.09
N LEU B 230 36.21 -31.02 7.91
CA LEU B 230 37.24 -31.58 7.05
C LEU B 230 38.55 -30.80 7.08
N ASP B 231 38.56 -29.57 7.59
CA ASP B 231 39.76 -28.76 7.68
C ASP B 231 40.22 -28.19 6.35
N ILE B 232 39.29 -27.97 5.41
CA ILE B 232 39.64 -27.50 4.07
C ILE B 232 38.61 -26.48 3.62
N ASP B 233 38.97 -25.76 2.55
CA ASP B 233 38.03 -24.91 1.82
C ASP B 233 37.07 -25.74 0.99
N LEU B 234 35.77 -25.46 1.13
CA LEU B 234 34.75 -26.00 0.26
C LEU B 234 34.20 -24.90 -0.63
N TYR B 235 33.49 -25.32 -1.67
CA TYR B 235 32.93 -24.42 -2.67
C TYR B 235 31.47 -24.75 -2.87
N LEU B 236 30.62 -23.72 -2.89
CA LEU B 236 29.27 -23.90 -3.39
C LEU B 236 29.31 -24.18 -4.88
N ARG B 237 28.43 -25.05 -5.35
CA ARG B 237 28.49 -25.41 -6.76
C ARG B 237 28.07 -24.25 -7.65
N ILE B 238 28.78 -24.10 -8.76
CA ILE B 238 28.35 -23.21 -9.84
C ILE B 238 27.51 -23.96 -10.85
N ALA B 239 27.47 -25.31 -10.78
CA ALA B 239 26.67 -26.16 -11.69
C ALA B 239 26.67 -27.59 -11.20
N PRO B 240 25.61 -28.35 -11.45
CA PRO B 240 25.61 -29.79 -11.12
C PRO B 240 26.20 -30.69 -12.20
N GLU B 241 26.67 -30.10 -13.31
CA GLU B 241 26.97 -30.85 -14.54
C GLU B 241 27.93 -32.04 -14.30
N LEU B 242 29.02 -31.82 -13.59
CA LEU B 242 30.03 -32.88 -13.48
C LEU B 242 29.51 -34.08 -12.68
N PHE B 243 28.62 -33.83 -11.74
CA PHE B 243 28.05 -34.91 -10.97
C PHE B 243 26.91 -35.61 -11.68
N LEU B 244 26.10 -34.86 -12.46
CA LEU B 244 25.11 -35.52 -13.29
C LEU B 244 25.74 -36.40 -14.35
N LYS B 245 26.92 -36.01 -14.85
CA LYS B 245 27.61 -36.87 -15.80
C LYS B 245 28.08 -38.17 -15.13
N ARG B 246 28.51 -38.09 -13.86
CA ARG B 246 28.82 -39.31 -13.10
C ARG B 246 27.61 -40.22 -13.00
N CYS B 247 26.42 -39.63 -12.80
CA CYS B 247 25.17 -40.40 -12.79
C CYS B 247 24.96 -41.13 -14.10
N ILE B 248 25.31 -40.50 -15.22
CA ILE B 248 25.19 -41.14 -16.53
C ILE B 248 26.19 -42.30 -16.66
N VAL B 249 27.42 -42.11 -16.17
CA VAL B 249 28.38 -43.23 -16.14
C VAL B 249 27.81 -44.38 -15.31
N GLY B 250 27.17 -44.05 -14.19
CA GLY B 250 26.68 -45.07 -13.28
C GLY B 250 25.44 -45.77 -13.77
N GLY B 251 24.77 -45.23 -14.78
CA GLY B 251 23.66 -45.94 -15.37
C GLY B 251 22.32 -45.23 -15.36
N PHE B 252 22.20 -44.02 -14.84
CA PHE B 252 20.98 -43.26 -15.08
C PHE B 252 20.84 -43.03 -16.58
N ASP B 253 19.64 -43.26 -17.09
CA ASP B 253 19.43 -43.09 -18.52
C ASP B 253 18.93 -41.69 -18.86
N ARG B 254 17.95 -41.18 -18.10
CA ARG B 254 17.41 -39.84 -18.27
C ARG B 254 17.27 -39.23 -16.90
N VAL B 255 17.97 -38.13 -16.67
CA VAL B 255 18.13 -37.66 -15.31
C VAL B 255 18.12 -36.15 -15.32
N PHE B 256 17.56 -35.55 -14.28
CA PHE B 256 17.59 -34.10 -14.20
C PHE B 256 17.71 -33.64 -12.76
N GLU B 257 18.05 -32.38 -12.60
CA GLU B 257 18.11 -31.76 -11.28
C GLU B 257 17.66 -30.31 -11.44
N LEU B 258 16.67 -29.91 -10.66
CA LEU B 258 16.10 -28.56 -10.71
C LEU B 258 16.30 -27.99 -9.30
N ASN B 259 17.26 -27.08 -9.15
CA ASN B 259 17.62 -26.61 -7.81
C ASN B 259 18.63 -25.47 -7.95
N ARG B 260 19.13 -25.01 -6.82
CA ARG B 260 19.95 -23.82 -6.72
C ARG B 260 21.39 -24.08 -7.20
N VAL B 261 21.96 -23.06 -7.85
CA VAL B 261 23.41 -22.96 -8.04
C VAL B 261 23.80 -21.57 -7.54
N PHE B 262 25.12 -21.35 -7.42
CA PHE B 262 25.65 -20.16 -6.77
C PHE B 262 26.86 -19.66 -7.53
N ARG B 263 26.80 -18.42 -8.03
CA ARG B 263 27.89 -17.85 -8.82
C ARG B 263 28.26 -16.50 -8.22
N ASN B 264 29.49 -16.42 -7.73
CA ASN B 264 29.91 -15.27 -6.92
C ASN B 264 30.31 -14.11 -7.82
N GLU B 265 29.31 -13.60 -8.53
CA GLU B 265 29.51 -12.58 -9.56
C GLU B 265 28.61 -11.38 -9.28
N GLY B 266 28.38 -10.58 -10.31
CA GLY B 266 27.57 -9.38 -10.17
C GLY B 266 26.08 -9.65 -10.27
N SER B 267 25.32 -8.59 -9.94
CA SER B 267 23.86 -8.63 -9.86
C SER B 267 23.31 -7.62 -10.86
N ASP B 268 22.32 -8.03 -11.65
CA ASP B 268 21.57 -7.07 -12.49
C ASP B 268 20.22 -7.68 -12.80
N SER B 269 19.56 -7.14 -13.85
CA SER B 269 18.19 -7.53 -14.18
C SER B 269 18.06 -8.98 -14.65
N THR B 270 19.15 -9.61 -15.13
CA THR B 270 19.11 -11.00 -15.55
C THR B 270 20.07 -11.91 -14.75
N HIS B 271 20.77 -11.38 -13.74
CA HIS B 271 21.75 -12.13 -12.96
C HIS B 271 21.49 -11.95 -11.48
N SER B 272 21.34 -13.05 -10.75
CA SER B 272 21.33 -13.06 -9.30
C SER B 272 22.36 -14.08 -8.82
N PRO B 273 23.28 -13.74 -7.91
CA PRO B 273 24.33 -14.71 -7.55
C PRO B 273 23.82 -16.07 -7.09
N GLU B 274 22.70 -16.12 -6.39
CA GLU B 274 22.01 -17.38 -6.12
C GLU B 274 20.80 -17.45 -7.04
N PHE B 275 20.68 -18.52 -7.83
CA PHE B 275 19.53 -18.62 -8.71
C PHE B 275 19.19 -20.09 -8.93
N SER B 276 17.99 -20.33 -9.43
CA SER B 276 17.52 -21.69 -9.68
C SER B 276 17.78 -22.09 -11.13
N MET B 277 18.19 -23.33 -11.34
CA MET B 277 18.47 -23.82 -12.67
C MET B 277 17.96 -25.24 -12.82
N LEU B 278 17.79 -25.63 -14.08
CA LEU B 278 17.46 -26.99 -14.48
C LEU B 278 18.60 -27.55 -15.31
N GLU B 279 19.04 -28.76 -15.02
CA GLU B 279 19.91 -29.48 -15.95
C GLU B 279 19.34 -30.87 -16.19
N THR B 280 19.37 -31.29 -17.45
CA THR B 280 18.87 -32.61 -17.83
C THR B 280 19.95 -33.33 -18.64
N TYR B 281 19.99 -34.66 -18.50
CA TYR B 281 20.88 -35.50 -19.31
C TYR B 281 20.10 -36.70 -19.82
N GLN B 282 20.34 -37.05 -21.08
CA GLN B 282 19.61 -38.08 -21.81
C GLN B 282 20.61 -38.90 -22.63
N THR B 283 20.70 -40.21 -22.39
CA THR B 283 21.61 -41.00 -23.21
C THR B 283 21.05 -41.22 -24.61
N TYR B 284 21.98 -41.46 -25.55
CA TYR B 284 21.70 -41.75 -26.95
C TYR B 284 20.79 -40.69 -27.57
N GLY B 285 21.05 -39.42 -27.21
CA GLY B 285 20.58 -38.30 -27.98
C GLY B 285 21.72 -37.31 -28.18
N THR B 286 21.55 -36.44 -29.19
CA THR B 286 22.48 -35.36 -29.52
C THR B 286 21.85 -34.00 -29.21
N TYR B 287 22.60 -32.93 -29.48
CA TYR B 287 22.07 -31.59 -29.27
C TYR B 287 20.87 -31.26 -30.14
N ASP B 288 20.65 -31.97 -31.26
CA ASP B 288 19.42 -31.78 -32.03
C ASP B 288 18.20 -32.30 -31.27
N ASP B 289 18.35 -33.40 -30.53
CA ASP B 289 17.25 -33.98 -29.79
C ASP B 289 16.89 -33.13 -28.57
N SER B 290 17.89 -32.57 -27.91
CA SER B 290 17.59 -31.76 -26.73
C SER B 290 17.01 -30.39 -27.11
N ALA B 291 17.34 -29.87 -28.31
CA ALA B 291 16.75 -28.62 -28.75
C ALA B 291 15.26 -28.79 -28.99
N LEU B 292 14.86 -29.92 -29.58
CA LEU B 292 13.45 -30.22 -29.79
C LEU B 292 12.72 -30.37 -28.45
N ILE B 293 13.30 -31.13 -27.53
CA ILE B 293 12.65 -31.34 -26.24
C ILE B 293 12.54 -30.02 -25.48
N THR B 294 13.59 -29.19 -25.53
CA THR B 294 13.57 -27.91 -24.80
C THR B 294 12.49 -26.98 -25.33
N ARG B 295 12.34 -26.87 -26.67
CA ARG B 295 11.25 -26.06 -27.22
C ARG B 295 9.89 -26.59 -26.76
N GLU B 296 9.68 -27.91 -26.88
CA GLU B 296 8.38 -28.48 -26.52
C GLU B 296 8.07 -28.28 -25.05
N LEU B 297 9.09 -28.43 -24.19
CA LEU B 297 8.89 -28.27 -22.76
C LEU B 297 8.47 -26.83 -22.42
N ILE B 298 9.16 -25.84 -22.96
CA ILE B 298 8.83 -24.43 -22.69
C ILE B 298 7.40 -24.14 -23.12
N GLN B 299 7.02 -24.63 -24.30
CA GLN B 299 5.67 -24.42 -24.81
C GLN B 299 4.65 -25.15 -23.96
N GLU B 300 4.99 -26.34 -23.46
CA GLU B 300 4.06 -27.06 -22.60
C GLU B 300 3.91 -26.35 -21.26
N VAL B 301 5.00 -25.77 -20.75
CA VAL B 301 4.97 -25.03 -19.49
C VAL B 301 4.15 -23.76 -19.63
N ALA B 302 4.33 -23.03 -20.75
CA ALA B 302 3.47 -21.88 -21.03
C ALA B 302 2.00 -22.27 -20.98
N ASP B 303 1.62 -23.36 -21.68
CA ASP B 303 0.22 -23.78 -21.70
C ASP B 303 -0.29 -24.06 -20.29
N GLU B 304 0.49 -24.82 -19.52
CA GLU B 304 0.00 -25.34 -18.25
C GLU B 304 0.04 -24.27 -17.15
N ALA B 305 1.09 -23.46 -17.11
CA ALA B 305 1.32 -22.54 -16.00
C ALA B 305 0.84 -21.11 -16.28
N ILE B 306 0.89 -20.66 -17.54
CA ILE B 306 0.52 -19.28 -17.88
C ILE B 306 -0.85 -19.27 -18.55
N GLY B 307 -1.18 -20.34 -19.26
CA GLY B 307 -2.47 -20.45 -19.90
C GLY B 307 -2.51 -20.03 -21.35
N THR B 308 -1.36 -19.75 -21.96
CA THR B 308 -1.36 -19.31 -23.35
C THR B 308 0.06 -19.33 -23.87
N ARG B 309 0.19 -19.30 -25.20
CA ARG B 309 1.46 -19.13 -25.87
C ARG B 309 1.62 -17.76 -26.53
N GLN B 310 0.59 -16.91 -26.46
CA GLN B 310 0.67 -15.50 -26.82
C GLN B 310 0.79 -14.77 -25.49
N LEU B 311 2.01 -14.47 -25.10
CA LEU B 311 2.27 -14.01 -23.74
C LEU B 311 1.99 -12.52 -23.61
N SER B 312 1.13 -12.16 -22.65
CA SER B 312 0.99 -10.75 -22.30
C SER B 312 2.26 -10.23 -21.64
N MET B 313 2.71 -9.08 -22.09
CA MET B 313 3.89 -8.46 -21.52
C MET B 313 3.49 -7.18 -20.79
N PRO B 314 4.29 -6.73 -19.82
CA PRO B 314 3.87 -5.57 -19.02
C PRO B 314 3.57 -4.32 -19.84
N ASP B 315 4.26 -4.09 -20.94
CA ASP B 315 4.00 -2.93 -21.81
C ASP B 315 2.76 -3.09 -22.69
N GLY B 316 1.93 -4.10 -22.47
CA GLY B 316 0.76 -4.32 -23.30
C GLY B 316 0.99 -5.11 -24.56
N SER B 317 2.24 -5.32 -24.97
CA SER B 317 2.51 -6.12 -26.16
C SER B 317 2.31 -7.61 -25.88
N VAL B 318 2.17 -8.36 -26.96
CA VAL B 318 1.93 -9.81 -26.93
C VAL B 318 3.07 -10.51 -27.66
N TYR B 319 3.71 -11.45 -26.97
CA TYR B 319 4.92 -12.09 -27.48
C TYR B 319 4.62 -13.55 -27.78
N ASP B 320 4.72 -13.91 -29.05
CA ASP B 320 4.33 -15.21 -29.55
C ASP B 320 5.48 -16.20 -29.38
N ILE B 321 5.29 -17.23 -28.56
CA ILE B 321 6.28 -18.30 -28.41
C ILE B 321 5.81 -19.62 -29.01
N ASP B 322 4.70 -19.63 -29.74
CA ASP B 322 4.18 -20.83 -30.37
C ASP B 322 4.96 -21.19 -31.64
N GLY B 323 4.79 -22.44 -32.08
CA GLY B 323 5.28 -22.85 -33.39
C GLY B 323 6.73 -23.29 -33.35
N GLU B 324 7.24 -23.56 -34.54
CA GLU B 324 8.65 -23.87 -34.73
C GLU B 324 9.49 -22.61 -34.59
N TRP B 325 10.68 -22.76 -34.03
CA TRP B 325 11.59 -21.63 -33.81
C TRP B 325 12.73 -21.63 -34.83
N ALA B 326 13.13 -20.43 -35.24
CA ALA B 326 14.31 -20.26 -36.09
C ALA B 326 15.56 -20.92 -35.48
N THR B 327 16.41 -21.47 -36.35
CA THR B 327 17.71 -22.02 -35.99
C THR B 327 18.77 -21.44 -36.91
N MET B 328 19.92 -21.04 -36.36
CA MET B 328 21.01 -20.53 -37.16
C MET B 328 22.33 -21.04 -36.60
N GLU B 329 23.36 -21.02 -37.44
CA GLU B 329 24.73 -21.35 -37.06
C GLU B 329 25.51 -20.08 -36.74
N MET B 330 26.36 -20.15 -35.71
CA MET B 330 27.04 -18.96 -35.25
C MET B 330 27.96 -18.36 -36.31
N TYR B 331 28.79 -19.19 -36.94
CA TYR B 331 29.76 -18.66 -37.87
C TYR B 331 29.10 -18.14 -39.14
N SER B 332 28.15 -18.91 -39.70
CA SER B 332 27.51 -18.49 -40.94
CA SER B 332 27.53 -18.47 -40.95
C SER B 332 26.59 -17.28 -40.74
N SER B 333 25.89 -17.24 -39.60
CA SER B 333 25.00 -16.09 -39.38
C SER B 333 25.79 -14.83 -39.10
N LEU B 334 26.93 -14.94 -38.39
CA LEU B 334 27.83 -13.81 -38.25
C LEU B 334 28.37 -13.38 -39.61
N SER B 335 28.78 -14.34 -40.44
CA SER B 335 29.25 -14.03 -41.79
C SER B 335 28.21 -13.23 -42.58
N GLU B 336 26.95 -13.68 -42.57
CA GLU B 336 25.90 -12.97 -43.30
C GLU B 336 25.74 -11.53 -42.80
N ALA B 337 25.74 -11.34 -41.47
CA ALA B 337 25.56 -9.99 -40.93
C ALA B 337 26.74 -9.09 -41.26
N LEU B 338 27.93 -9.65 -41.42
CA LEU B 338 29.10 -8.84 -41.73
C LEU B 338 29.36 -8.69 -43.23
N GLY B 339 28.76 -9.53 -44.07
CA GLY B 339 29.18 -9.59 -45.46
C GLY B 339 30.57 -10.12 -45.68
N GLU B 340 31.12 -10.89 -44.73
CA GLU B 340 32.45 -11.47 -44.84
C GLU B 340 32.42 -12.84 -44.17
N GLN B 341 32.97 -13.87 -44.81
CA GLN B 341 32.94 -15.19 -44.19
C GLN B 341 33.96 -15.27 -43.06
N ILE B 342 33.45 -15.56 -41.86
CA ILE B 342 34.26 -15.88 -40.68
C ILE B 342 34.27 -17.40 -40.51
N THR B 343 35.46 -17.95 -40.32
CA THR B 343 35.67 -19.38 -40.14
C THR B 343 36.54 -19.63 -38.93
N PRO B 344 36.63 -20.88 -38.48
CA PRO B 344 37.56 -21.17 -37.37
C PRO B 344 39.00 -20.77 -37.66
N GLU B 345 39.36 -20.43 -38.90
CA GLU B 345 40.71 -20.02 -39.25
C GLU B 345 40.91 -18.51 -39.25
N THR B 346 39.85 -17.72 -39.09
CA THR B 346 40.03 -16.28 -38.99
C THR B 346 40.89 -15.95 -37.78
N THR B 347 41.91 -15.12 -37.97
CA THR B 347 42.84 -14.83 -36.89
C THR B 347 42.26 -13.81 -35.92
N VAL B 348 42.87 -13.74 -34.73
CA VAL B 348 42.42 -12.74 -33.76
C VAL B 348 42.67 -11.33 -34.29
N ALA B 349 43.79 -11.13 -34.99
CA ALA B 349 44.06 -9.84 -35.63
C ALA B 349 42.91 -9.42 -36.54
N ARG B 350 42.46 -10.31 -37.42
CA ARG B 350 41.34 -9.99 -38.30
C ARG B 350 40.08 -9.68 -37.50
N LEU B 351 39.77 -10.52 -36.51
CA LEU B 351 38.57 -10.30 -35.69
C LEU B 351 38.64 -8.98 -34.95
N ARG B 352 39.83 -8.59 -34.48
CA ARG B 352 39.94 -7.30 -33.79
C ARG B 352 39.78 -6.15 -34.75
N ASP B 353 40.30 -6.27 -35.98
CA ASP B 353 40.09 -5.23 -36.99
C ASP B 353 38.62 -5.06 -37.32
N ILE B 354 37.89 -6.16 -37.48
CA ILE B 354 36.45 -6.10 -37.74
C ILE B 354 35.74 -5.37 -36.61
N ALA B 355 36.08 -5.70 -35.36
CA ALA B 355 35.45 -5.05 -34.20
C ALA B 355 35.70 -3.55 -34.20
N SER B 356 36.96 -3.15 -34.43
CA SER B 356 37.30 -1.73 -34.41
C SER B 356 36.59 -0.96 -35.51
N GLY B 357 36.37 -1.59 -36.68
CA GLY B 357 35.59 -0.96 -37.72
C GLY B 357 34.10 -0.88 -37.43
N LEU B 358 33.59 -1.71 -36.52
CA LEU B 358 32.19 -1.65 -36.12
C LEU B 358 31.98 -0.81 -34.88
N ASP B 359 33.06 -0.27 -34.31
CA ASP B 359 33.03 0.43 -33.02
C ASP B 359 32.37 -0.44 -31.96
N VAL B 360 32.88 -1.66 -31.85
CA VAL B 360 32.53 -2.60 -30.78
C VAL B 360 33.65 -2.53 -29.76
N GLU B 361 33.40 -1.89 -28.62
CA GLU B 361 34.37 -1.92 -27.54
C GLU B 361 34.54 -3.35 -27.05
N ILE B 362 35.77 -3.73 -26.76
CA ILE B 362 36.12 -5.09 -26.35
C ILE B 362 36.89 -5.01 -25.03
N ASP B 363 36.28 -5.53 -23.96
CA ASP B 363 36.91 -5.50 -22.64
C ASP B 363 38.28 -6.16 -22.68
N ASN B 364 39.20 -5.64 -21.87
CA ASN B 364 40.51 -6.28 -21.73
C ASN B 364 40.39 -7.72 -21.24
N SER B 365 39.21 -8.16 -20.83
CA SER B 365 38.97 -9.54 -20.43
C SER B 365 38.83 -10.47 -21.63
N VAL B 366 38.34 -9.97 -22.76
CA VAL B 366 37.98 -10.79 -23.91
C VAL B 366 39.20 -10.96 -24.82
N PHE B 367 39.66 -12.20 -24.98
CA PHE B 367 40.79 -12.49 -25.85
C PHE B 367 40.68 -13.91 -26.40
N GLY B 368 41.37 -14.17 -27.48
CA GLY B 368 41.27 -15.49 -28.09
C GLY B 368 40.20 -15.53 -29.16
N HIS B 369 40.41 -16.43 -30.14
CA HIS B 369 39.54 -16.53 -31.32
C HIS B 369 38.09 -16.74 -30.90
N GLY B 370 37.84 -17.73 -30.03
CA GLY B 370 36.48 -18.12 -29.73
C GLY B 370 35.67 -17.04 -29.03
N LYS B 371 36.28 -16.37 -28.04
CA LYS B 371 35.59 -15.27 -27.36
C LYS B 371 35.34 -14.11 -28.32
N LEU B 372 36.29 -13.81 -29.19
CA LEU B 372 36.09 -12.73 -30.16
C LEU B 372 34.93 -13.05 -31.11
N VAL B 373 34.84 -14.30 -31.60
CA VAL B 373 33.72 -14.67 -32.47
C VAL B 373 32.39 -14.53 -31.74
N GLU B 374 32.33 -14.96 -30.48
CA GLU B 374 31.09 -14.86 -29.72
C GLU B 374 30.72 -13.42 -29.43
N GLU B 375 31.72 -12.58 -29.18
CA GLU B 375 31.44 -11.17 -28.93
C GLU B 375 30.89 -10.50 -30.20
N LEU B 376 31.52 -10.78 -31.35
CA LEU B 376 31.05 -10.22 -32.61
C LEU B 376 29.65 -10.71 -32.96
N TRP B 377 29.39 -12.00 -32.73
CA TRP B 377 28.05 -12.53 -33.02
C TRP B 377 27.00 -11.85 -32.16
N GLU B 378 27.34 -11.56 -30.91
CA GLU B 378 26.37 -10.92 -30.02
C GLU B 378 26.06 -9.51 -30.49
N HIS B 379 27.09 -8.77 -30.92
CA HIS B 379 26.87 -7.40 -31.39
C HIS B 379 26.08 -7.38 -32.69
N ALA B 380 26.45 -8.22 -33.65
CA ALA B 380 25.90 -8.12 -35.00
C ALA B 380 24.64 -8.94 -35.23
N VAL B 381 24.41 -9.98 -34.42
CA VAL B 381 23.28 -10.87 -34.62
C VAL B 381 22.43 -10.98 -33.35
N GLY B 382 23.07 -11.42 -32.26
CA GLY B 382 22.31 -11.77 -31.06
C GLY B 382 21.50 -10.62 -30.49
N ASN B 383 22.10 -9.43 -30.39
CA ASN B 383 21.39 -8.29 -29.83
C ASN B 383 20.20 -7.83 -30.66
N LYS B 384 20.08 -8.29 -31.91
CA LYS B 384 18.98 -7.90 -32.78
C LYS B 384 17.91 -8.97 -32.88
N LEU B 385 18.04 -10.06 -32.14
CA LEU B 385 17.03 -11.09 -32.15
C LEU B 385 15.84 -10.68 -31.29
N THR B 386 14.65 -10.93 -31.81
CA THR B 386 13.43 -10.76 -31.01
C THR B 386 12.70 -12.07 -30.77
N ALA B 387 12.49 -12.88 -31.82
CA ALA B 387 11.72 -14.12 -31.73
C ALA B 387 12.58 -15.25 -31.15
N PRO B 388 11.96 -16.28 -30.57
CA PRO B 388 12.76 -17.39 -30.03
C PRO B 388 13.65 -17.99 -31.11
N THR B 389 14.94 -18.13 -30.79
CA THR B 389 15.96 -18.46 -31.78
C THR B 389 17.03 -19.35 -31.15
N PHE B 390 17.36 -20.46 -31.80
CA PHE B 390 18.53 -21.27 -31.47
C PHE B 390 19.72 -20.83 -32.32
N VAL B 391 20.89 -20.65 -31.68
CA VAL B 391 22.16 -20.50 -32.39
C VAL B 391 23.02 -21.71 -32.04
N LYS B 392 23.59 -22.37 -33.05
CA LYS B 392 24.32 -23.61 -32.81
C LYS B 392 25.71 -23.59 -33.46
N ASP B 393 26.55 -24.55 -33.00
CA ASP B 393 27.90 -24.80 -33.52
C ASP B 393 28.85 -23.69 -33.10
N PHE B 394 29.44 -23.85 -31.91
CA PHE B 394 30.23 -22.85 -31.22
C PHE B 394 31.72 -23.08 -31.41
N PRO B 395 32.54 -22.04 -31.24
CA PRO B 395 34.00 -22.21 -31.29
C PRO B 395 34.47 -23.18 -30.22
N VAL B 396 35.41 -24.05 -30.58
CA VAL B 396 35.86 -25.08 -29.63
C VAL B 396 36.50 -24.47 -28.38
N GLU B 397 37.20 -23.33 -28.51
CA GLU B 397 37.90 -22.74 -27.36
C GLU B 397 36.97 -22.37 -26.21
N THR B 398 35.72 -22.02 -26.49
CA THR B 398 34.83 -21.57 -25.43
C THR B 398 33.89 -22.67 -24.94
N THR B 399 34.05 -23.91 -25.39
CA THR B 399 33.13 -24.99 -25.03
C THR B 399 33.93 -26.24 -24.63
N PRO B 400 34.66 -26.18 -23.51
CA PRO B 400 35.53 -27.32 -23.14
C PRO B 400 34.77 -28.59 -22.76
N LEU B 401 33.48 -28.56 -22.49
CA LEU B 401 32.76 -29.76 -22.08
C LEU B 401 31.84 -30.28 -23.20
N THR B 402 31.92 -29.70 -24.39
CA THR B 402 31.05 -30.05 -25.51
C THR B 402 31.81 -30.89 -26.54
N ARG B 403 31.19 -31.97 -27.01
CA ARG B 403 31.78 -32.77 -28.07
C ARG B 403 32.03 -31.95 -29.34
N GLN B 404 33.15 -32.21 -30.00
CA GLN B 404 33.41 -31.55 -31.27
C GLN B 404 32.40 -32.00 -32.33
N HIS B 405 32.17 -31.13 -33.30
CA HIS B 405 31.20 -31.39 -34.36
C HIS B 405 31.57 -32.64 -35.15
N ARG B 406 30.56 -33.42 -35.52
CA ARG B 406 30.76 -34.66 -36.26
C ARG B 406 31.40 -34.46 -37.64
N SER B 407 31.29 -33.28 -38.25
CA SER B 407 31.89 -33.13 -39.58
C SER B 407 32.58 -31.79 -39.81
N ILE B 408 32.35 -30.76 -39.01
CA ILE B 408 32.92 -29.44 -39.25
C ILE B 408 34.08 -29.23 -38.29
N PRO B 409 35.31 -29.07 -38.77
CA PRO B 409 36.45 -28.83 -37.87
C PRO B 409 36.32 -27.52 -37.12
N GLY B 410 36.76 -27.52 -35.86
CA GLY B 410 36.89 -26.32 -35.09
C GLY B 410 35.66 -25.86 -34.34
N VAL B 411 34.50 -26.51 -34.52
CA VAL B 411 33.31 -26.13 -33.77
C VAL B 411 32.77 -27.34 -33.01
N THR B 412 31.91 -27.06 -32.03
CA THR B 412 31.36 -28.07 -31.13
C THR B 412 29.83 -28.07 -31.21
N GLU B 413 29.24 -29.22 -30.87
CA GLU B 413 27.80 -29.39 -30.96
C GLU B 413 27.10 -28.82 -29.72
N LYS B 414 27.10 -27.49 -29.65
CA LYS B 414 26.39 -26.72 -28.63
C LYS B 414 25.35 -25.85 -29.32
N TRP B 415 24.20 -25.64 -28.65
CA TRP B 415 23.27 -24.56 -29.01
C TRP B 415 22.98 -23.68 -27.80
N ASP B 416 22.74 -22.40 -28.07
CA ASP B 416 22.14 -21.47 -27.12
C ASP B 416 20.75 -21.08 -27.61
N LEU B 417 19.81 -20.95 -26.68
CA LEU B 417 18.45 -20.53 -26.96
C LEU B 417 18.20 -19.13 -26.39
N TYR B 418 17.79 -18.20 -27.25
CA TYR B 418 17.41 -16.86 -26.87
C TYR B 418 15.89 -16.69 -27.01
N VAL B 419 15.27 -16.19 -25.95
CA VAL B 419 13.84 -15.92 -25.93
C VAL B 419 13.66 -14.52 -25.36
N ARG B 420 12.96 -13.66 -26.12
CA ARG B 420 12.74 -12.28 -25.71
C ARG B 420 14.05 -11.57 -25.41
N GLY B 421 15.07 -11.84 -26.23
CA GLY B 421 16.38 -11.28 -26.02
C GLY B 421 17.16 -11.81 -24.84
N VAL B 422 16.60 -12.75 -24.07
CA VAL B 422 17.27 -13.32 -22.90
C VAL B 422 17.90 -14.65 -23.26
N GLU B 423 19.12 -14.88 -22.78
CA GLU B 423 19.77 -16.19 -22.91
C GLU B 423 19.14 -17.14 -21.91
N LEU B 424 18.40 -18.12 -22.42
CA LEU B 424 17.50 -18.92 -21.58
C LEU B 424 18.01 -20.33 -21.32
N ALA B 425 18.59 -20.97 -22.32
CA ALA B 425 18.92 -22.38 -22.18
C ALA B 425 20.06 -22.71 -23.12
N THR B 426 20.69 -23.84 -22.86
CA THR B 426 21.81 -24.28 -23.68
C THR B 426 21.74 -25.80 -23.74
N GLY B 427 22.27 -26.39 -24.81
CA GLY B 427 22.35 -27.85 -24.90
C GLY B 427 23.57 -28.32 -25.66
N TYR B 428 24.10 -29.48 -25.26
CA TYR B 428 25.32 -30.06 -25.86
C TYR B 428 25.06 -31.50 -26.31
N SER B 429 25.72 -31.93 -27.39
CA SER B 429 26.16 -33.32 -27.47
C SER B 429 27.36 -33.47 -26.56
N GLU B 430 27.30 -34.33 -25.56
CA GLU B 430 28.29 -34.24 -24.49
C GLU B 430 29.63 -34.84 -24.89
N LEU B 431 30.71 -34.22 -24.43
CA LEU B 431 32.05 -34.77 -24.65
C LEU B 431 32.24 -35.96 -23.72
N ASN B 432 32.30 -37.18 -24.26
CA ASN B 432 32.52 -38.36 -23.43
C ASN B 432 33.88 -39.02 -23.66
N ASP B 433 34.70 -38.51 -24.57
CA ASP B 433 36.06 -39.01 -24.76
C ASP B 433 36.98 -38.48 -23.67
N PRO B 434 37.45 -39.32 -22.75
CA PRO B 434 38.26 -38.81 -21.63
C PRO B 434 39.61 -38.23 -22.05
N VAL B 435 40.19 -38.71 -23.15
CA VAL B 435 41.48 -38.19 -23.57
C VAL B 435 41.33 -36.78 -24.15
N VAL B 436 40.32 -36.59 -25.00
CA VAL B 436 40.02 -35.27 -25.54
C VAL B 436 39.58 -34.33 -24.43
N GLN B 437 38.80 -34.83 -23.47
CA GLN B 437 38.38 -33.98 -22.35
C GLN B 437 39.60 -33.47 -21.57
N ARG B 438 40.58 -34.33 -21.34
CA ARG B 438 41.81 -33.90 -20.67
C ARG B 438 42.55 -32.82 -21.47
N ASP B 439 42.53 -32.92 -22.82
CA ASP B 439 43.09 -31.86 -23.66
C ASP B 439 42.33 -30.53 -23.51
N ARG B 440 40.99 -30.58 -23.46
CA ARG B 440 40.25 -29.34 -23.29
C ARG B 440 40.64 -28.64 -22.00
N PHE B 441 40.81 -29.41 -20.92
CA PHE B 441 41.25 -28.83 -19.65
C PHE B 441 42.64 -28.23 -19.75
N ALA B 442 43.53 -28.82 -20.57
CA ALA B 442 44.84 -28.22 -20.74
C ALA B 442 44.74 -26.88 -21.46
N ASP B 443 43.82 -26.76 -22.42
CA ASP B 443 43.58 -25.47 -23.07
C ASP B 443 43.01 -24.45 -22.09
N GLN B 444 42.11 -24.89 -21.20
CA GLN B 444 41.62 -24.01 -20.14
C GLN B 444 42.75 -23.55 -19.22
N ALA B 445 43.65 -24.47 -18.85
CA ALA B 445 44.79 -24.08 -18.03
C ALA B 445 45.67 -23.05 -18.74
N ARG B 446 45.80 -23.14 -20.07
CA ARG B 446 46.55 -22.10 -20.78
C ARG B 446 45.81 -20.78 -20.74
N ALA B 447 44.49 -20.81 -20.95
CA ALA B 447 43.68 -19.61 -20.79
C ALA B 447 43.87 -18.98 -19.42
N ALA B 448 43.89 -19.81 -18.37
CA ALA B 448 44.06 -19.29 -17.01
C ALA B 448 45.42 -18.64 -16.83
N ALA B 449 46.48 -19.25 -17.35
CA ALA B 449 47.81 -18.64 -17.23
C ALA B 449 47.89 -17.34 -18.02
N ALA B 450 47.07 -17.19 -19.05
CA ALA B 450 47.05 -15.94 -19.82
C ALA B 450 46.31 -14.83 -19.09
N GLY B 451 45.33 -15.15 -18.24
CA GLY B 451 44.65 -14.14 -17.46
C GLY B 451 43.19 -14.39 -17.13
N ASP B 452 42.62 -15.47 -17.64
CA ASP B 452 41.20 -15.77 -17.44
C ASP B 452 41.00 -16.45 -16.09
N ASP B 453 40.43 -15.74 -15.11
CA ASP B 453 40.13 -16.33 -13.81
C ASP B 453 38.71 -16.92 -13.74
N GLU B 454 38.05 -17.10 -14.89
CA GLU B 454 36.86 -17.91 -15.01
C GLU B 454 37.12 -19.27 -15.66
N ALA B 455 38.37 -19.55 -16.05
CA ALA B 455 38.66 -20.78 -16.79
C ALA B 455 38.51 -21.99 -15.88
N MET B 456 38.07 -23.10 -16.48
CA MET B 456 37.81 -24.30 -15.69
C MET B 456 39.11 -24.96 -15.27
N GLN B 457 39.12 -25.48 -14.04
CA GLN B 457 40.27 -26.24 -13.55
C GLN B 457 40.09 -27.72 -13.80
N LEU B 458 41.21 -28.41 -14.00
CA LEU B 458 41.24 -29.86 -14.17
C LEU B 458 40.64 -30.57 -12.95
N ASP B 459 39.59 -31.37 -13.19
CA ASP B 459 38.89 -32.16 -12.18
C ASP B 459 39.24 -33.64 -12.41
N GLU B 460 40.16 -34.16 -11.61
CA GLU B 460 40.72 -35.48 -11.86
C GLU B 460 39.68 -36.58 -11.64
N ASP B 461 38.88 -36.49 -10.58
CA ASP B 461 37.89 -37.55 -10.37
C ASP B 461 36.80 -37.54 -11.42
N PHE B 462 36.51 -36.37 -12.02
CA PHE B 462 35.57 -36.37 -13.13
C PHE B 462 36.15 -37.13 -14.32
N LEU B 463 37.43 -36.88 -14.63
CA LEU B 463 38.08 -37.62 -15.71
C LEU B 463 38.15 -39.11 -15.40
N THR B 464 38.36 -39.47 -14.13
CA THR B 464 38.34 -40.89 -13.75
C THR B 464 37.02 -41.53 -14.10
N ALA B 465 35.90 -40.84 -13.83
CA ALA B 465 34.59 -41.39 -14.16
C ALA B 465 34.43 -41.57 -15.66
N LEU B 466 34.86 -40.57 -16.46
CA LEU B 466 34.77 -40.71 -17.91
C LEU B 466 35.59 -41.88 -18.40
N GLU B 467 36.69 -42.19 -17.71
CA GLU B 467 37.56 -43.28 -18.08
C GLU B 467 36.95 -44.64 -17.78
N TYR B 468 35.82 -44.69 -17.08
CA TYR B 468 35.08 -45.95 -16.96
C TYR B 468 34.08 -46.14 -18.09
N GLY B 469 33.93 -45.13 -18.97
CA GLY B 469 33.00 -45.23 -20.07
C GLY B 469 31.67 -44.53 -19.83
N MET B 470 31.50 -43.36 -20.44
CA MET B 470 30.21 -42.69 -20.39
C MET B 470 29.46 -42.90 -21.70
N PRO B 471 28.28 -43.48 -21.68
CA PRO B 471 27.47 -43.57 -22.91
C PRO B 471 27.27 -42.20 -23.52
N PRO B 472 27.21 -42.10 -24.85
CA PRO B 472 26.91 -40.81 -25.50
C PRO B 472 25.61 -40.26 -24.97
N CYS B 473 25.54 -38.94 -24.82
CA CYS B 473 24.37 -38.31 -24.22
C CYS B 473 24.29 -36.85 -24.64
N THR B 474 23.11 -36.26 -24.40
CA THR B 474 22.95 -34.82 -24.57
C THR B 474 22.44 -34.23 -23.26
N GLY B 475 23.03 -33.10 -22.85
CA GLY B 475 22.61 -32.38 -21.66
C GLY B 475 22.11 -30.98 -22.01
N THR B 476 21.23 -30.46 -21.17
CA THR B 476 20.74 -29.09 -21.29
C THR B 476 20.86 -28.38 -19.95
N GLY B 477 20.98 -27.06 -20.01
CA GLY B 477 20.80 -26.23 -18.83
C GLY B 477 19.82 -25.12 -19.14
N MET B 478 19.04 -24.74 -18.12
CA MET B 478 18.08 -23.66 -18.30
C MET B 478 17.93 -22.87 -17.01
N GLY B 479 17.99 -21.54 -17.11
CA GLY B 479 17.74 -20.70 -15.95
C GLY B 479 16.26 -20.68 -15.63
N ILE B 480 15.87 -21.11 -14.43
CA ILE B 480 14.44 -21.20 -14.09
C ILE B 480 13.87 -19.80 -13.82
N ASP B 481 14.62 -18.94 -13.15
CA ASP B 481 14.20 -17.56 -13.01
C ASP B 481 14.11 -16.90 -14.39
N ARG B 482 15.09 -17.15 -15.26
CA ARG B 482 15.01 -16.59 -16.60
C ARG B 482 13.80 -17.12 -17.37
N LEU B 483 13.44 -18.38 -17.16
CA LEU B 483 12.22 -18.90 -17.76
C LEU B 483 11.02 -18.05 -17.37
N LEU B 484 10.88 -17.78 -16.08
CA LEU B 484 9.76 -16.99 -15.60
C LEU B 484 9.82 -15.56 -16.17
N MET B 485 11.00 -14.96 -16.21
CA MET B 485 11.19 -13.67 -16.89
C MET B 485 10.68 -13.68 -18.33
N CYS B 486 11.04 -14.71 -19.09
CA CYS B 486 10.64 -14.77 -20.50
C CYS B 486 9.14 -14.97 -20.63
N LEU B 487 8.52 -15.64 -19.66
CA LEU B 487 7.09 -15.90 -19.74
C LEU B 487 6.24 -14.71 -19.29
N THR B 488 6.79 -13.83 -18.45
CA THR B 488 6.06 -12.76 -17.77
C THR B 488 6.56 -11.36 -18.10
N GLY B 489 7.77 -11.22 -18.65
CA GLY B 489 8.35 -9.90 -18.84
C GLY B 489 8.97 -9.28 -17.61
N LEU B 490 9.01 -9.99 -16.49
CA LEU B 490 9.56 -9.41 -15.26
C LEU B 490 11.09 -9.60 -15.20
N SER B 491 11.72 -8.85 -14.30
CA SER B 491 13.13 -8.99 -14.01
C SER B 491 13.37 -10.05 -12.92
N ILE B 492 14.63 -10.47 -12.82
CA ILE B 492 14.92 -11.68 -12.05
C ILE B 492 14.53 -11.51 -10.58
N ARG B 493 14.70 -10.30 -10.01
CA ARG B 493 14.39 -10.10 -8.61
C ARG B 493 12.88 -10.09 -8.32
N GLU B 494 12.04 -9.80 -9.31
CA GLU B 494 10.60 -9.85 -9.11
C GLU B 494 10.05 -11.28 -9.07
N THR B 495 10.76 -12.24 -9.64
CA THR B 495 10.30 -13.64 -9.71
C THR B 495 10.68 -14.46 -8.46
N VAL B 496 11.53 -13.95 -7.61
CA VAL B 496 11.99 -14.65 -6.42
C VAL B 496 11.28 -14.07 -5.21
N LEU B 497 10.82 -14.93 -4.30
CA LEU B 497 10.15 -14.43 -3.09
C LEU B 497 11.04 -13.51 -2.26
N PHE B 498 12.24 -13.96 -1.90
CA PHE B 498 13.11 -13.20 -0.98
C PHE B 498 14.50 -13.00 -1.59
N PRO B 499 14.63 -12.14 -2.60
CA PRO B 499 15.96 -11.88 -3.15
C PRO B 499 16.86 -11.15 -2.14
N ILE B 500 18.15 -11.28 -2.34
CA ILE B 500 19.08 -10.83 -1.31
C ILE B 500 19.19 -9.31 -1.31
N VAL B 501 19.28 -8.71 -0.13
CA VAL B 501 19.48 -7.27 0.02
C VAL B 501 20.50 -7.01 1.12
N ARG B 502 21.30 -5.97 0.93
CA ARG B 502 22.22 -5.55 1.98
C ARG B 502 21.43 -5.15 3.22
N PRO B 503 21.96 -5.41 4.43
CA PRO B 503 21.27 -4.92 5.63
C PRO B 503 21.67 -3.48 6.00
N ASN C 15 49.22 -55.01 -13.28
CA ASN C 15 47.85 -55.16 -12.79
C ASN C 15 46.89 -54.24 -13.55
N ILE C 16 46.26 -53.33 -12.83
CA ILE C 16 45.31 -52.37 -13.40
C ILE C 16 46.01 -51.26 -14.19
N PRO C 17 47.16 -50.73 -13.76
CA PRO C 17 47.87 -49.76 -14.62
C PRO C 17 48.24 -50.32 -15.98
N GLU C 18 48.53 -51.62 -16.06
CA GLU C 18 48.80 -52.24 -17.35
C GLU C 18 47.53 -52.37 -18.18
N GLN C 19 46.41 -52.72 -17.55
CA GLN C 19 45.15 -52.75 -18.26
C GLN C 19 44.78 -51.38 -18.82
N PHE C 20 45.05 -50.31 -18.05
CA PHE C 20 44.81 -48.97 -18.54
C PHE C 20 45.63 -48.67 -19.78
N ARG C 21 46.94 -49.01 -19.74
CA ARG C 21 47.81 -48.79 -20.88
C ARG C 21 47.27 -49.48 -22.13
N ILE C 22 46.89 -50.74 -21.99
CA ILE C 22 46.40 -51.51 -23.14
C ILE C 22 45.11 -50.89 -23.68
N ARG C 23 44.20 -50.52 -22.80
CA ARG C 23 42.92 -49.97 -23.26
C ARG C 23 43.10 -48.59 -23.89
N ARG C 24 44.01 -47.77 -23.33
CA ARG C 24 44.26 -46.44 -23.89
C ARG C 24 44.91 -46.53 -25.27
N ASP C 25 45.79 -47.51 -25.47
CA ASP C 25 46.38 -47.69 -26.80
C ASP C 25 45.34 -48.23 -27.79
N LYS C 26 44.43 -49.10 -27.33
CA LYS C 26 43.31 -49.51 -28.17
C LYS C 26 42.49 -48.30 -28.63
N ARG C 27 42.08 -47.44 -27.69
CA ARG C 27 41.32 -46.25 -28.06
C ARG C 27 42.08 -45.43 -29.10
N ALA C 28 43.38 -45.20 -28.87
CA ALA C 28 44.14 -44.41 -29.82
C ALA C 28 44.26 -45.11 -31.16
N ARG C 29 44.29 -46.44 -31.16
CA ARG C 29 44.39 -47.16 -32.43
C ARG C 29 43.08 -47.09 -33.19
N LEU C 30 41.96 -47.31 -32.50
CA LEU C 30 40.65 -47.21 -33.14
C LEU C 30 40.49 -45.86 -33.84
N LEU C 31 40.82 -44.77 -33.13
CA LEU C 31 40.67 -43.44 -33.69
C LEU C 31 41.56 -43.24 -34.90
N ALA C 32 42.81 -43.70 -34.82
CA ALA C 32 43.72 -43.56 -35.96
C ALA C 32 43.28 -44.40 -37.15
N GLU C 33 42.53 -45.49 -36.92
CA GLU C 33 42.02 -46.31 -38.01
C GLU C 33 40.71 -45.78 -38.57
N GLY C 34 40.08 -44.80 -37.92
CA GLY C 34 38.80 -44.29 -38.37
C GLY C 34 37.59 -44.99 -37.82
N TYR C 35 37.73 -45.80 -36.78
CA TYR C 35 36.62 -46.36 -36.04
C TYR C 35 36.41 -45.50 -34.80
N ASP C 36 35.46 -44.57 -34.84
CA ASP C 36 35.18 -43.63 -33.75
C ASP C 36 34.88 -44.37 -32.45
N PRO C 37 35.80 -44.36 -31.48
CA PRO C 37 35.50 -44.99 -30.18
C PRO C 37 34.52 -44.19 -29.30
N TYR C 38 34.14 -42.97 -29.67
CA TYR C 38 33.10 -42.21 -28.94
C TYR C 38 32.21 -41.51 -29.95
N PRO C 39 31.41 -42.26 -30.71
CA PRO C 39 30.64 -41.66 -31.80
C PRO C 39 29.45 -40.87 -31.27
N VAL C 40 28.94 -39.99 -32.13
CA VAL C 40 27.71 -39.25 -31.86
C VAL C 40 26.62 -39.80 -32.76
N ALA C 41 25.36 -39.66 -32.33
CA ALA C 41 24.12 -39.92 -33.11
C ALA C 41 23.80 -41.40 -33.29
N ILE C 42 24.36 -42.31 -32.49
CA ILE C 42 23.85 -43.67 -32.41
C ILE C 42 22.38 -43.64 -31.98
N GLU C 43 21.52 -44.29 -32.76
CA GLU C 43 20.11 -44.42 -32.42
C GLU C 43 19.85 -45.79 -31.79
N ARG C 44 19.41 -45.79 -30.55
CA ARG C 44 18.99 -46.98 -29.81
C ARG C 44 17.48 -47.11 -29.98
N THR C 45 17.03 -48.23 -30.56
CA THR C 45 15.58 -48.37 -30.79
C THR C 45 14.85 -48.84 -29.54
N HIS C 46 15.52 -49.58 -28.67
CA HIS C 46 14.88 -50.18 -27.51
C HIS C 46 15.86 -50.16 -26.35
N THR C 47 15.33 -49.93 -25.16
CA THR C 47 16.08 -50.28 -23.96
C THR C 47 16.08 -51.80 -23.81
N LEU C 48 17.03 -52.31 -23.02
CA LEU C 48 17.08 -53.74 -22.78
C LEU C 48 15.84 -54.22 -22.04
N ALA C 49 15.30 -53.39 -21.13
CA ALA C 49 14.08 -53.78 -20.41
C ALA C 49 12.87 -53.90 -21.34
N GLU C 50 12.81 -53.08 -22.39
CA GLU C 50 11.73 -53.21 -23.36
C GLU C 50 11.84 -54.53 -24.13
N ILE C 51 13.07 -54.93 -24.49
CA ILE C 51 13.25 -56.20 -25.20
C ILE C 51 12.78 -57.36 -24.33
N ARG C 52 13.24 -57.39 -23.06
CA ARG C 52 12.86 -58.48 -22.18
C ARG C 52 11.36 -58.54 -21.94
N ALA C 53 10.73 -57.37 -21.80
CA ALA C 53 9.27 -57.35 -21.63
C ALA C 53 8.57 -57.82 -22.89
N THR C 54 8.99 -57.33 -24.06
CA THR C 54 8.31 -57.66 -25.30
C THR C 54 8.41 -59.14 -25.63
N TYR C 55 9.58 -59.74 -25.45
CA TYR C 55 9.80 -61.13 -25.84
C TYR C 55 9.87 -62.08 -24.65
N ALA C 56 9.17 -61.73 -23.57
CA ALA C 56 9.17 -62.58 -22.37
C ALA C 56 8.70 -64.00 -22.66
N ASP C 57 7.82 -64.17 -23.65
CA ASP C 57 7.21 -65.47 -23.92
C ASP C 57 7.85 -66.20 -25.09
N LEU C 58 8.93 -65.68 -25.66
CA LEU C 58 9.57 -66.29 -26.81
C LEU C 58 10.13 -67.68 -26.44
N PRO C 59 9.72 -68.74 -27.13
CA PRO C 59 10.17 -70.09 -26.76
C PRO C 59 11.67 -70.29 -26.99
N THR C 60 12.21 -71.27 -26.28
CA THR C 60 13.64 -71.59 -26.38
C THR C 60 14.01 -71.96 -27.80
N ASP C 61 15.22 -71.58 -28.22
CA ASP C 61 15.81 -71.98 -29.50
C ASP C 61 14.90 -71.63 -30.69
N SER C 62 14.42 -70.39 -30.68
CA SER C 62 13.59 -69.93 -31.78
C SER C 62 13.98 -68.50 -32.11
N ALA C 63 13.67 -68.11 -33.34
CA ALA C 63 14.06 -66.82 -33.89
C ALA C 63 12.84 -66.04 -34.36
N THR C 64 12.90 -64.73 -34.19
CA THR C 64 11.97 -63.77 -34.75
C THR C 64 12.63 -63.12 -35.98
N GLU C 65 11.88 -62.27 -36.67
CA GLU C 65 12.42 -61.43 -37.73
C GLU C 65 12.46 -59.97 -37.31
N ASP C 66 12.40 -59.70 -36.02
CA ASP C 66 12.33 -58.34 -35.51
C ASP C 66 13.73 -57.76 -35.39
N ILE C 67 13.98 -56.69 -36.12
CA ILE C 67 15.26 -55.99 -36.10
C ILE C 67 15.23 -54.97 -34.97
N VAL C 68 16.30 -54.93 -34.15
CA VAL C 68 16.41 -53.96 -33.07
C VAL C 68 17.83 -53.42 -33.04
N GLY C 69 17.96 -52.21 -32.50
CA GLY C 69 19.26 -51.65 -32.22
C GLY C 69 19.40 -51.33 -30.74
N VAL C 70 20.27 -52.06 -30.04
CA VAL C 70 20.39 -51.93 -28.59
C VAL C 70 21.81 -51.49 -28.25
N ALA C 71 21.97 -51.10 -26.98
CA ALA C 71 23.25 -50.61 -26.50
C ALA C 71 23.34 -50.92 -25.02
N GLY C 72 24.54 -51.20 -24.56
CA GLY C 72 24.74 -51.55 -23.16
C GLY C 72 26.21 -51.79 -22.88
N ARG C 73 26.49 -52.00 -21.60
CA ARG C 73 27.84 -52.22 -21.13
C ARG C 73 28.15 -53.72 -21.14
N VAL C 74 29.28 -54.08 -21.73
CA VAL C 74 29.73 -55.48 -21.70
C VAL C 74 30.18 -55.81 -20.29
N VAL C 75 29.45 -56.70 -19.61
CA VAL C 75 29.82 -57.15 -18.27
C VAL C 75 30.31 -58.60 -18.23
N PHE C 76 30.02 -59.41 -19.26
CA PHE C 76 30.59 -60.75 -19.36
C PHE C 76 30.80 -61.05 -20.84
N ALA C 77 31.84 -61.81 -21.13
CA ALA C 77 32.16 -62.10 -22.52
C ALA C 77 32.82 -63.48 -22.60
N ARG C 78 32.66 -64.13 -23.76
CA ARG C 78 33.23 -65.45 -23.98
C ARG C 78 33.39 -65.64 -25.49
N ASN C 79 34.60 -65.95 -25.94
CA ASN C 79 34.89 -66.04 -27.38
C ASN C 79 35.11 -67.50 -27.78
N THR C 80 34.56 -67.88 -28.93
CA THR C 80 34.84 -69.15 -29.58
C THR C 80 35.23 -68.86 -31.03
N GLY C 81 35.68 -69.89 -31.74
CA GLY C 81 36.15 -69.75 -33.12
C GLY C 81 35.29 -68.86 -34.00
N LYS C 82 34.02 -69.23 -34.18
CA LYS C 82 33.14 -68.55 -35.12
C LYS C 82 32.03 -67.77 -34.44
N LEU C 83 32.00 -67.72 -33.11
CA LEU C 83 30.83 -67.23 -32.40
C LEU C 83 31.27 -66.65 -31.06
N CYS C 84 30.94 -65.39 -30.82
CA CYS C 84 31.26 -64.70 -29.58
C CYS C 84 29.99 -64.30 -28.85
N PHE C 85 30.00 -64.51 -27.54
CA PHE C 85 28.87 -64.21 -26.67
C PHE C 85 29.23 -63.05 -25.75
N ALA C 86 28.28 -62.14 -25.54
CA ALA C 86 28.50 -61.07 -24.59
C ALA C 86 27.21 -60.78 -23.85
N THR C 87 27.33 -60.53 -22.56
CA THR C 87 26.20 -60.07 -21.76
C THR C 87 26.26 -58.56 -21.71
N LEU C 88 25.23 -57.92 -22.24
CA LEU C 88 25.12 -56.47 -22.18
C LEU C 88 24.25 -56.11 -20.99
N GLN C 89 24.63 -55.05 -20.29
CA GLN C 89 23.86 -54.56 -19.17
C GLN C 89 23.49 -53.10 -19.40
N ASP C 90 22.21 -52.80 -19.28
CA ASP C 90 21.72 -51.43 -19.41
C ASP C 90 21.92 -50.69 -18.09
N GLY C 91 21.69 -49.38 -18.14
CA GLY C 91 21.90 -48.57 -16.95
C GLY C 91 21.06 -49.00 -15.78
N ASP C 92 19.83 -49.45 -16.05
CA ASP C 92 18.94 -49.90 -14.98
C ASP C 92 19.31 -51.28 -14.45
N GLY C 93 20.31 -51.95 -15.04
CA GLY C 93 20.67 -53.28 -14.60
C GLY C 93 20.12 -54.40 -15.46
N THR C 94 19.18 -54.12 -16.35
CA THR C 94 18.65 -55.17 -17.21
C THR C 94 19.77 -55.72 -18.09
N GLN C 95 19.79 -57.03 -18.25
CA GLN C 95 20.81 -57.69 -19.06
C GLN C 95 20.19 -58.35 -20.27
N LEU C 96 20.97 -58.43 -21.34
CA LEU C 96 20.60 -59.11 -22.57
C LEU C 96 21.87 -59.65 -23.20
N GLN C 97 21.75 -60.78 -23.89
CA GLN C 97 22.90 -61.38 -24.54
C GLN C 97 23.03 -60.90 -26.00
N ALA C 98 24.26 -60.61 -26.41
CA ALA C 98 24.58 -60.35 -27.81
C ALA C 98 25.36 -61.53 -28.36
N MET C 99 25.05 -61.93 -29.59
CA MET C 99 25.73 -63.04 -30.25
C MET C 99 26.35 -62.54 -31.54
N ILE C 100 27.68 -62.65 -31.63
CA ILE C 100 28.46 -62.11 -32.74
C ILE C 100 28.97 -63.30 -33.53
N SER C 101 28.32 -63.57 -34.67
CA SER C 101 28.52 -64.79 -35.44
C SER C 101 29.21 -64.49 -36.77
N LEU C 102 30.17 -65.34 -37.13
CA LEU C 102 30.90 -65.21 -38.40
C LEU C 102 29.95 -65.10 -39.59
N ASP C 103 28.98 -66.01 -39.68
CA ASP C 103 28.01 -66.08 -40.76
C ASP C 103 27.08 -64.87 -40.82
N GLU C 104 27.02 -64.06 -39.76
CA GLU C 104 26.11 -62.91 -39.74
C GLU C 104 26.83 -61.59 -39.95
N VAL C 105 27.97 -61.37 -39.30
CA VAL C 105 28.66 -60.09 -39.41
C VAL C 105 29.84 -60.16 -40.37
N GLY C 106 30.33 -61.35 -40.70
CA GLY C 106 31.49 -61.50 -41.54
C GLY C 106 32.79 -61.51 -40.75
N ARG C 107 33.85 -61.98 -41.42
CA ARG C 107 35.13 -62.25 -40.76
C ARG C 107 35.77 -60.98 -40.21
N GLU C 108 35.79 -59.90 -40.99
CA GLU C 108 36.47 -58.67 -40.55
C GLU C 108 35.85 -58.12 -39.27
N SER C 109 34.52 -58.17 -39.18
CA SER C 109 33.80 -57.64 -38.03
C SER C 109 33.95 -58.54 -36.80
N LEU C 110 33.92 -59.86 -37.01
CA LEU C 110 34.10 -60.77 -35.89
C LEU C 110 35.49 -60.60 -35.28
N ASP C 111 36.52 -60.44 -36.13
CA ASP C 111 37.88 -60.23 -35.64
C ASP C 111 38.00 -58.90 -34.89
N ARG C 112 37.39 -57.83 -35.40
CA ARG C 112 37.40 -56.58 -34.65
C ARG C 112 36.72 -56.75 -33.31
N TRP C 113 35.63 -57.51 -33.25
CA TRP C 113 34.98 -57.75 -31.97
C TRP C 113 35.96 -58.36 -30.96
N LYS C 114 36.64 -59.45 -31.35
CA LYS C 114 37.58 -60.12 -30.44
C LYS C 114 38.73 -59.20 -30.05
N ALA C 115 39.22 -58.40 -31.01
CA ALA C 115 40.39 -57.58 -30.73
C ALA C 115 40.07 -56.24 -30.06
N ASP C 116 38.88 -55.67 -30.27
CA ASP C 116 38.63 -54.29 -29.86
C ASP C 116 37.84 -54.17 -28.55
N VAL C 117 37.05 -55.16 -28.19
CA VAL C 117 36.02 -55.04 -27.17
C VAL C 117 36.52 -55.64 -25.86
N ASP C 118 36.30 -54.91 -24.76
CA ASP C 118 36.71 -55.32 -23.44
C ASP C 118 35.54 -55.22 -22.47
N ILE C 119 35.65 -55.93 -21.35
CA ILE C 119 34.71 -55.76 -20.26
C ILE C 119 34.65 -54.29 -19.86
N GLY C 120 33.43 -53.77 -19.69
CA GLY C 120 33.22 -52.38 -19.32
C GLY C 120 32.92 -51.44 -20.49
N ASP C 121 33.33 -51.80 -21.71
CA ASP C 121 32.99 -50.97 -22.87
C ASP C 121 31.50 -50.92 -23.08
N VAL C 122 31.02 -49.76 -23.53
CA VAL C 122 29.64 -49.60 -23.97
C VAL C 122 29.59 -49.86 -25.47
N VAL C 123 28.73 -50.79 -25.90
CA VAL C 123 28.68 -51.12 -27.33
C VAL C 123 27.24 -51.04 -27.83
N TYR C 124 27.12 -50.75 -29.12
CA TYR C 124 25.87 -50.80 -29.86
C TYR C 124 25.86 -52.08 -30.70
N VAL C 125 24.75 -52.81 -30.65
CA VAL C 125 24.57 -54.05 -31.41
C VAL C 125 23.25 -53.94 -32.17
N HIS C 126 23.30 -54.22 -33.47
CA HIS C 126 22.12 -54.14 -34.34
C HIS C 126 21.87 -55.52 -34.93
N GLY C 127 20.64 -56.03 -34.77
CA GLY C 127 20.32 -57.30 -35.36
C GLY C 127 18.94 -57.84 -35.01
N THR C 128 18.80 -59.15 -34.99
CA THR C 128 17.51 -59.80 -34.87
C THR C 128 17.38 -60.46 -33.50
N VAL C 129 16.16 -60.45 -32.94
CA VAL C 129 15.90 -60.99 -31.62
C VAL C 129 15.65 -62.49 -31.73
N ILE C 130 16.39 -63.27 -30.95
CA ILE C 130 16.23 -64.72 -30.92
C ILE C 130 16.29 -65.18 -29.48
N SER C 131 15.94 -66.44 -29.28
CA SER C 131 16.19 -67.17 -28.05
C SER C 131 17.21 -68.24 -28.38
N SER C 132 18.34 -68.24 -27.68
CA SER C 132 19.44 -69.14 -28.04
C SER C 132 19.06 -70.59 -27.73
N ARG C 133 19.96 -71.49 -28.13
CA ARG C 133 19.76 -72.91 -27.85
C ARG C 133 19.63 -73.20 -26.37
N ARG C 134 20.25 -72.38 -25.52
CA ARG C 134 20.16 -72.53 -24.07
C ARG C 134 19.04 -71.68 -23.47
N GLY C 135 18.13 -71.17 -24.29
CA GLY C 135 17.03 -70.39 -23.75
C GLY C 135 17.38 -68.98 -23.36
N GLU C 136 18.46 -68.43 -23.89
CA GLU C 136 18.92 -67.11 -23.52
C GLU C 136 18.44 -66.10 -24.56
N LEU C 137 17.69 -65.10 -24.09
CA LEU C 137 17.17 -64.06 -24.98
C LEU C 137 18.35 -63.23 -25.50
N SER C 138 18.45 -63.09 -26.82
CA SER C 138 19.65 -62.56 -27.44
C SER C 138 19.32 -61.70 -28.64
N VAL C 139 20.23 -60.79 -28.96
CA VAL C 139 20.29 -60.15 -30.26
C VAL C 139 21.37 -60.83 -31.09
N LEU C 140 20.96 -61.45 -32.21
CA LEU C 140 21.88 -62.03 -33.19
C LEU C 140 22.31 -60.91 -34.13
N ALA C 141 23.52 -60.40 -33.94
CA ALA C 141 23.94 -59.17 -34.62
C ALA C 141 24.11 -59.37 -36.11
N ASP C 142 23.71 -58.36 -36.90
CA ASP C 142 24.23 -58.21 -38.24
C ASP C 142 25.30 -57.12 -38.33
N SER C 143 25.47 -56.32 -37.27
CA SER C 143 26.52 -55.31 -37.22
C SER C 143 26.65 -54.85 -35.79
N TRP C 144 27.77 -54.20 -35.48
CA TRP C 144 27.99 -53.66 -34.13
C TRP C 144 28.94 -52.46 -34.25
N ARG C 145 28.93 -51.62 -33.22
CA ARG C 145 29.79 -50.46 -33.14
C ARG C 145 30.22 -50.23 -31.70
N MET C 146 31.44 -49.75 -31.54
CA MET C 146 31.84 -49.21 -30.25
C MET C 146 31.02 -47.95 -29.95
N ALA C 147 30.42 -47.87 -28.76
CA ALA C 147 29.71 -46.66 -28.30
C ALA C 147 30.52 -45.81 -27.33
N ALA C 148 31.23 -46.44 -26.38
CA ALA C 148 32.17 -45.69 -25.53
C ALA C 148 33.26 -46.64 -25.07
N LYS C 149 34.49 -46.43 -25.51
CA LYS C 149 35.58 -47.30 -25.08
C LYS C 149 35.94 -46.96 -23.62
N ALA C 150 35.88 -47.96 -22.74
CA ALA C 150 36.27 -47.79 -21.34
C ALA C 150 37.77 -47.97 -21.18
N LEU C 151 38.43 -46.98 -20.60
CA LEU C 151 39.87 -47.11 -20.36
C LEU C 151 40.20 -47.83 -19.07
N ARG C 152 39.29 -47.85 -18.09
CA ARG C 152 39.56 -48.64 -16.89
C ARG C 152 38.60 -49.81 -16.79
N PRO C 153 39.07 -50.96 -16.32
CA PRO C 153 38.17 -52.11 -16.14
C PRO C 153 37.27 -51.95 -14.93
N LEU C 154 36.09 -52.55 -15.02
CA LEU C 154 35.23 -52.74 -13.87
C LEU C 154 35.88 -53.70 -12.87
N PRO C 155 35.50 -53.62 -11.60
CA PRO C 155 36.01 -54.59 -10.62
C PRO C 155 35.62 -55.99 -11.03
N VAL C 156 36.56 -56.94 -10.85
CA VAL C 156 36.27 -58.34 -11.11
C VAL C 156 35.12 -58.79 -10.21
N ALA C 157 34.46 -59.88 -10.62
CA ALA C 157 33.27 -60.34 -9.91
C ALA C 157 33.58 -60.76 -8.48
N HIS C 158 34.80 -61.22 -8.21
CA HIS C 158 35.17 -61.73 -6.90
C HIS C 158 35.65 -60.66 -5.92
N LYS C 159 35.77 -59.40 -6.36
CA LYS C 159 36.36 -58.34 -5.56
C LYS C 159 35.29 -57.37 -5.09
N GLU C 160 35.05 -57.35 -3.77
CA GLU C 160 34.15 -56.37 -3.17
C GLU C 160 34.83 -55.02 -3.09
N MET C 161 34.07 -53.96 -3.35
CA MET C 161 34.54 -52.62 -3.07
C MET C 161 34.34 -52.31 -1.59
N SER C 162 35.37 -51.71 -0.98
CA SER C 162 35.18 -51.17 0.37
C SER C 162 34.08 -50.13 0.39
N GLU C 163 33.58 -49.85 1.60
CA GLU C 163 32.61 -48.76 1.75
C GLU C 163 33.19 -47.44 1.28
N GLU C 164 34.46 -47.19 1.58
CA GLU C 164 35.09 -45.94 1.17
C GLU C 164 35.12 -45.82 -0.35
N SER C 165 35.43 -46.92 -1.06
CA SER C 165 35.49 -46.88 -2.51
C SER C 165 34.11 -46.79 -3.14
N ARG C 166 33.09 -47.36 -2.47
CA ARG C 166 31.73 -47.13 -2.93
C ARG C 166 31.38 -45.65 -2.93
N VAL C 167 31.78 -44.93 -1.89
CA VAL C 167 31.44 -43.53 -1.79
C VAL C 167 32.24 -42.71 -2.80
N ARG C 168 33.53 -42.99 -2.92
CA ARG C 168 34.40 -42.22 -3.81
C ARG C 168 34.14 -42.51 -5.28
N GLN C 169 33.54 -43.65 -5.61
CA GLN C 169 33.24 -43.99 -6.99
C GLN C 169 31.84 -44.60 -7.05
N ARG C 170 30.84 -43.78 -6.73
CA ARG C 170 29.46 -44.25 -6.77
C ARG C 170 29.08 -44.75 -8.15
N TYR C 171 29.64 -44.13 -9.20
CA TYR C 171 29.29 -44.52 -10.57
C TYR C 171 29.74 -45.95 -10.86
N VAL C 172 30.85 -46.40 -10.28
CA VAL C 172 31.24 -47.81 -10.40
C VAL C 172 30.34 -48.68 -9.54
N ASP C 173 30.09 -48.24 -8.30
CA ASP C 173 29.25 -49.01 -7.37
C ASP C 173 27.87 -49.26 -7.98
N LEU C 174 27.32 -48.26 -8.69
CA LEU C 174 25.99 -48.43 -9.30
C LEU C 174 26.02 -49.46 -10.42
N ILE C 175 27.11 -49.53 -11.18
CA ILE C 175 27.19 -50.52 -12.26
C ILE C 175 27.30 -51.94 -11.69
N VAL C 176 28.09 -52.14 -10.64
CA VAL C 176 28.42 -53.50 -10.22
C VAL C 176 27.58 -54.04 -9.05
N ARG C 177 26.88 -53.20 -8.32
CA ARG C 177 26.18 -53.68 -7.12
C ARG C 177 24.69 -53.41 -7.25
N PRO C 178 23.86 -54.45 -7.45
CA PRO C 178 22.41 -54.21 -7.61
C PRO C 178 21.78 -53.46 -6.45
N GLN C 179 22.26 -53.68 -5.23
CA GLN C 179 21.68 -52.99 -4.08
C GLN C 179 21.95 -51.49 -4.11
N ALA C 180 23.06 -51.06 -4.73
CA ALA C 180 23.31 -49.63 -4.91
C ALA C 180 22.23 -48.98 -5.77
N ARG C 181 21.85 -49.65 -6.85
CA ARG C 181 20.77 -49.15 -7.70
C ARG C 181 19.46 -49.10 -6.95
N GLU C 182 19.18 -50.12 -6.14
CA GLU C 182 17.94 -50.17 -5.39
C GLU C 182 17.82 -49.02 -4.39
N VAL C 183 18.91 -48.72 -3.67
CA VAL C 183 18.89 -47.62 -2.72
C VAL C 183 18.65 -46.29 -3.42
N ALA C 184 19.37 -46.06 -4.53
CA ALA C 184 19.15 -44.83 -5.27
C ALA C 184 17.69 -44.70 -5.69
N ARG C 185 17.09 -45.80 -6.13
CA ARG C 185 15.68 -45.79 -6.50
C ARG C 185 14.81 -45.50 -5.29
N GLN C 186 15.19 -46.03 -4.13
CA GLN C 186 14.39 -45.83 -2.94
C GLN C 186 14.41 -44.38 -2.50
N ARG C 187 15.56 -43.72 -2.55
CA ARG C 187 15.62 -42.32 -2.14
C ARG C 187 14.71 -41.47 -3.01
N ILE C 188 14.73 -41.69 -4.32
CA ILE C 188 13.89 -40.93 -5.25
C ILE C 188 12.42 -41.20 -4.95
N ALA C 189 12.06 -42.47 -4.72
CA ALA C 189 10.66 -42.83 -4.48
C ALA C 189 10.13 -42.27 -3.17
N VAL C 190 10.99 -42.14 -2.16
CA VAL C 190 10.52 -41.65 -0.86
C VAL C 190 10.23 -40.15 -0.96
N ILE C 191 11.14 -39.40 -1.57
CA ILE C 191 10.97 -37.96 -1.75
C ILE C 191 9.71 -37.67 -2.57
N ARG C 192 9.47 -38.47 -3.61
CA ARG C 192 8.24 -38.28 -4.37
C ARG C 192 7.01 -38.64 -3.54
N ALA C 193 7.13 -39.66 -2.69
CA ALA C 193 6.01 -40.00 -1.80
C ALA C 193 5.74 -38.88 -0.79
N VAL C 194 6.79 -38.25 -0.26
CA VAL C 194 6.60 -37.16 0.69
C VAL C 194 5.87 -36.00 0.01
N ARG C 195 6.30 -35.62 -1.19
CA ARG C 195 5.63 -34.56 -1.91
C ARG C 195 4.16 -34.92 -2.20
N ASN C 196 3.89 -36.17 -2.59
CA ASN C 196 2.50 -36.59 -2.86
C ASN C 196 1.62 -36.47 -1.63
N ALA C 197 2.14 -36.83 -0.45
CA ALA C 197 1.32 -36.79 0.75
C ALA C 197 1.01 -35.34 1.16
N LEU C 198 1.95 -34.43 0.92
CA LEU C 198 1.74 -33.03 1.23
C LEU C 198 0.80 -32.37 0.22
N GLU C 199 0.95 -32.66 -1.07
CA GLU C 199 0.01 -32.15 -2.06
C GLU C 199 -1.41 -32.63 -1.78
N ARG C 200 -1.58 -33.90 -1.41
CA ARG C 200 -2.91 -34.38 -1.01
C ARG C 200 -3.51 -33.56 0.11
N ARG C 201 -2.69 -32.86 0.90
CA ARG C 201 -3.20 -32.05 2.00
C ARG C 201 -3.16 -30.56 1.72
N GLY C 202 -2.94 -30.15 0.46
CA GLY C 202 -3.02 -28.75 0.07
C GLY C 202 -1.80 -27.90 0.37
N PHE C 203 -0.66 -28.50 0.69
CA PHE C 203 0.57 -27.75 0.93
C PHE C 203 1.19 -27.33 -0.40
N LEU C 204 1.59 -26.07 -0.52
CA LEU C 204 2.31 -25.61 -1.71
C LEU C 204 3.80 -25.57 -1.41
N GLU C 205 4.61 -25.88 -2.41
CA GLU C 205 6.06 -25.90 -2.24
C GLU C 205 6.67 -24.58 -2.73
N VAL C 206 7.46 -23.94 -1.87
CA VAL C 206 8.10 -22.67 -2.20
C VAL C 206 9.62 -22.84 -2.13
N GLU C 207 10.31 -21.83 -2.67
CA GLU C 207 11.75 -21.70 -2.58
C GLU C 207 12.10 -20.47 -1.74
N THR C 208 12.90 -20.67 -0.71
CA THR C 208 13.39 -19.56 0.10
C THR C 208 14.92 -19.57 0.06
N PRO C 209 15.57 -18.46 0.40
CA PRO C 209 16.99 -18.31 0.05
C PRO C 209 17.93 -19.19 0.87
N MET C 210 18.99 -19.64 0.20
CA MET C 210 20.03 -20.44 0.81
C MET C 210 21.24 -19.63 1.26
N LEU C 211 21.54 -18.52 0.61
CA LEU C 211 22.52 -17.54 1.11
C LEU C 211 21.78 -16.44 1.85
N GLN C 212 22.19 -16.15 3.10
CA GLN C 212 21.45 -15.25 3.97
C GLN C 212 22.42 -14.31 4.69
N THR C 213 21.93 -13.12 5.04
CA THR C 213 22.77 -12.17 5.76
C THR C 213 22.85 -12.51 7.24
N LEU C 214 21.87 -13.25 7.75
CA LEU C 214 21.89 -13.80 9.11
C LEU C 214 21.16 -15.14 9.03
N ALA C 215 21.83 -16.21 9.48
CA ALA C 215 21.28 -17.56 9.42
C ALA C 215 20.63 -17.90 10.76
N GLY C 216 19.31 -17.98 10.78
CA GLY C 216 18.60 -18.37 11.98
C GLY C 216 17.70 -19.58 11.75
N GLY C 217 16.77 -19.81 12.67
CA GLY C 217 15.81 -20.89 12.53
C GLY C 217 16.26 -22.21 13.10
N ALA C 218 17.43 -22.25 13.73
CA ALA C 218 17.98 -23.44 14.37
C ALA C 218 19.16 -22.98 15.22
N ALA C 219 19.62 -23.87 16.09
CA ALA C 219 20.81 -23.64 16.90
C ALA C 219 21.97 -24.42 16.29
N ALA C 220 22.71 -23.77 15.39
CA ALA C 220 23.83 -24.43 14.74
C ALA C 220 24.79 -23.38 14.21
N ARG C 221 26.04 -23.80 13.98
CA ARG C 221 27.06 -22.96 13.39
C ARG C 221 26.93 -22.98 11.87
N PRO C 222 27.02 -21.84 11.21
CA PRO C 222 26.85 -21.85 9.76
C PRO C 222 28.15 -21.92 8.97
N PHE C 223 28.04 -22.22 7.69
CA PHE C 223 29.12 -21.91 6.77
C PHE C 223 29.09 -20.42 6.45
N VAL C 224 30.26 -19.81 6.38
CA VAL C 224 30.38 -18.38 6.09
C VAL C 224 31.15 -18.22 4.78
N THR C 225 30.66 -17.34 3.91
CA THR C 225 31.30 -17.11 2.63
C THR C 225 31.27 -15.63 2.31
N HIS C 226 32.15 -15.21 1.41
CA HIS C 226 32.25 -13.82 1.02
C HIS C 226 31.52 -13.58 -0.30
N SER C 227 30.76 -12.49 -0.34
CA SER C 227 30.04 -12.09 -1.54
C SER C 227 30.82 -11.00 -2.27
N ASN C 228 31.16 -11.23 -3.53
CA ASN C 228 31.79 -10.19 -4.33
C ASN C 228 30.80 -9.10 -4.73
N ALA C 229 29.52 -9.45 -4.92
CA ALA C 229 28.53 -8.45 -5.32
C ALA C 229 28.26 -7.47 -4.19
N LEU C 230 28.05 -7.99 -2.97
CA LEU C 230 27.71 -7.16 -1.83
C LEU C 230 28.92 -6.71 -1.02
N ASP C 231 30.06 -7.39 -1.17
CA ASP C 231 31.26 -7.09 -0.39
C ASP C 231 30.99 -7.18 1.10
N ILE C 232 30.28 -8.24 1.51
CA ILE C 232 30.10 -8.60 2.90
C ILE C 232 30.13 -10.12 2.99
N ASP C 233 30.11 -10.61 4.23
CA ASP C 233 29.94 -12.03 4.45
C ASP C 233 28.47 -12.41 4.36
N LEU C 234 28.22 -13.57 3.77
CA LEU C 234 26.92 -14.23 3.79
C LEU C 234 27.08 -15.58 4.48
N TYR C 235 25.95 -16.17 4.83
CA TYR C 235 25.91 -17.45 5.52
C TYR C 235 24.97 -18.38 4.76
N LEU C 236 25.38 -19.63 4.62
CA LEU C 236 24.50 -20.66 4.11
C LEU C 236 23.45 -20.95 5.17
N ARG C 237 22.21 -21.17 4.74
CA ARG C 237 21.14 -21.32 5.72
C ARG C 237 21.35 -22.58 6.55
N ILE C 238 20.98 -22.50 7.83
CA ILE C 238 20.89 -23.68 8.67
C ILE C 238 19.47 -24.25 8.74
N ALA C 239 18.48 -23.52 8.23
CA ALA C 239 17.06 -23.87 8.28
C ALA C 239 16.29 -22.81 7.52
N PRO C 240 15.21 -23.17 6.82
CA PRO C 240 14.37 -22.16 6.14
C PRO C 240 13.31 -21.51 7.01
N GLU C 241 13.25 -21.88 8.30
CA GLU C 241 12.12 -21.56 9.17
C GLU C 241 11.73 -20.08 9.18
N LEU C 242 12.69 -19.18 9.38
CA LEU C 242 12.34 -17.78 9.52
C LEU C 242 11.79 -17.20 8.21
N PHE C 243 12.19 -17.75 7.06
CA PHE C 243 11.63 -17.30 5.80
C PHE C 243 10.29 -17.97 5.51
N LEU C 244 10.13 -19.23 5.91
CA LEU C 244 8.81 -19.84 5.77
C LEU C 244 7.79 -19.13 6.66
N LYS C 245 8.22 -18.61 7.82
CA LYS C 245 7.29 -17.86 8.66
C LYS C 245 6.91 -16.54 8.01
N ARG C 246 7.87 -15.89 7.30
CA ARG C 246 7.53 -14.72 6.50
C ARG C 246 6.48 -15.04 5.43
N CYS C 247 6.54 -16.24 4.83
CA CYS C 247 5.53 -16.65 3.86
C CYS C 247 4.16 -16.75 4.51
N ILE C 248 4.09 -17.24 5.75
CA ILE C 248 2.81 -17.34 6.45
C ILE C 248 2.23 -15.94 6.71
N VAL C 249 3.06 -14.99 7.18
CA VAL C 249 2.62 -13.60 7.29
C VAL C 249 2.10 -13.10 5.95
N GLY C 250 2.84 -13.34 4.87
CA GLY C 250 2.42 -12.88 3.57
C GLY C 250 1.12 -13.48 3.07
N GLY C 251 0.64 -14.56 3.68
CA GLY C 251 -0.63 -15.16 3.31
C GLY C 251 -0.57 -16.57 2.72
N PHE C 252 0.59 -17.20 2.63
CA PHE C 252 0.60 -18.63 2.37
C PHE C 252 -0.13 -19.33 3.50
N ASP C 253 -1.01 -20.26 3.15
CA ASP C 253 -1.81 -20.97 4.13
C ASP C 253 -1.22 -22.31 4.56
N ARG C 254 -0.73 -23.10 3.59
CA ARG C 254 -0.09 -24.40 3.84
C ARG C 254 1.12 -24.48 2.92
N VAL C 255 2.31 -24.57 3.48
CA VAL C 255 3.51 -24.32 2.68
C VAL C 255 4.62 -25.24 3.16
N PHE C 256 5.45 -25.68 2.22
CA PHE C 256 6.56 -26.53 2.64
C PHE C 256 7.76 -26.23 1.76
N GLU C 257 8.93 -26.60 2.27
CA GLU C 257 10.14 -26.63 1.45
C GLU C 257 10.91 -27.90 1.77
N LEU C 258 11.28 -28.66 0.75
CA LEU C 258 12.06 -29.87 0.87
C LEU C 258 13.37 -29.63 0.11
N ASN C 259 14.46 -29.36 0.82
CA ASN C 259 15.70 -29.00 0.15
C ASN C 259 16.84 -29.00 1.16
N ARG C 260 18.03 -28.64 0.66
CA ARG C 260 19.28 -28.67 1.42
C ARG C 260 19.31 -27.60 2.51
N VAL C 261 19.90 -27.96 3.66
CA VAL C 261 20.40 -26.99 4.63
C VAL C 261 21.84 -27.37 4.95
N PHE C 262 22.56 -26.47 5.60
CA PHE C 262 23.99 -26.61 5.82
C PHE C 262 24.34 -26.24 7.26
N ARG C 263 25.04 -27.15 7.95
CA ARG C 263 25.43 -26.95 9.34
C ARG C 263 26.89 -27.32 9.47
N ASN C 264 27.69 -26.34 9.86
CA ASN C 264 29.14 -26.48 9.81
C ASN C 264 29.63 -27.21 11.07
N GLU C 265 29.08 -28.40 11.31
CA GLU C 265 29.37 -29.25 12.47
C GLU C 265 29.81 -30.62 12.00
N GLY C 266 30.14 -31.48 12.97
CA GLY C 266 30.74 -32.77 12.67
C GLY C 266 29.69 -33.81 12.30
N SER C 267 30.05 -34.64 11.33
CA SER C 267 29.20 -35.70 10.82
C SER C 267 29.52 -37.04 11.47
N ASP C 268 28.58 -37.99 11.32
CA ASP C 268 28.81 -39.40 11.63
C ASP C 268 27.82 -40.26 10.84
N SER C 269 27.29 -41.32 11.46
CA SER C 269 26.35 -42.22 10.76
C SER C 269 24.95 -41.64 10.63
N THR C 270 24.62 -40.55 11.33
CA THR C 270 23.35 -39.87 11.18
C THR C 270 23.49 -38.37 10.91
N HIS C 271 24.73 -37.87 10.82
CA HIS C 271 25.03 -36.46 10.56
C HIS C 271 25.85 -36.32 9.29
N SER C 272 25.83 -35.11 8.75
CA SER C 272 26.47 -34.71 7.50
C SER C 272 26.38 -33.18 7.42
N PRO C 273 27.49 -32.48 7.18
CA PRO C 273 27.43 -31.01 7.06
C PRO C 273 26.35 -30.51 6.10
N GLU C 274 25.97 -31.30 5.09
CA GLU C 274 24.97 -30.90 4.12
C GLU C 274 23.89 -31.97 4.06
N PHE C 275 22.63 -31.62 4.26
CA PHE C 275 21.61 -32.64 4.19
C PHE C 275 20.27 -32.04 3.76
N SER C 276 19.34 -32.92 3.43
CA SER C 276 18.02 -32.53 2.95
C SER C 276 17.01 -32.55 4.08
N MET C 277 16.22 -31.49 4.18
CA MET C 277 15.23 -31.37 5.22
CA MET C 277 15.24 -31.33 5.23
C MET C 277 13.89 -30.98 4.62
N LEU C 278 12.83 -31.42 5.28
CA LEU C 278 11.46 -30.98 5.01
C LEU C 278 11.03 -30.08 6.16
N GLU C 279 10.53 -28.89 5.85
CA GLU C 279 9.82 -28.05 6.78
C GLU C 279 8.46 -27.70 6.18
N THR C 280 7.41 -27.77 7.01
CA THR C 280 6.04 -27.46 6.62
C THR C 280 5.44 -26.49 7.63
N TYR C 281 4.50 -25.66 7.16
CA TYR C 281 3.78 -24.71 8.00
C TYR C 281 2.30 -24.73 7.61
N GLN C 282 1.44 -24.74 8.62
CA GLN C 282 0.00 -24.89 8.39
C GLN C 282 -0.74 -23.97 9.36
N THR C 283 -1.50 -23.01 8.82
CA THR C 283 -2.21 -22.07 9.68
C THR C 283 -3.42 -22.72 10.33
N TYR C 284 -3.80 -22.18 11.48
CA TYR C 284 -4.96 -22.65 12.24
C TYR C 284 -4.87 -24.14 12.48
N GLY C 285 -3.67 -24.58 12.89
CA GLY C 285 -3.49 -25.88 13.50
C GLY C 285 -2.49 -25.74 14.61
N THR C 286 -2.46 -26.73 15.49
CA THR C 286 -1.53 -26.75 16.61
C THR C 286 -0.58 -27.93 16.48
N TYR C 287 0.33 -28.06 17.44
CA TYR C 287 1.27 -29.16 17.41
C TYR C 287 0.59 -30.52 17.51
N ASP C 288 -0.63 -30.59 18.06
CA ASP C 288 -1.41 -31.82 18.01
C ASP C 288 -1.79 -32.16 16.56
N ASP C 289 -2.11 -31.14 15.76
CA ASP C 289 -2.53 -31.40 14.39
C ASP C 289 -1.37 -31.87 13.54
N SER C 290 -0.20 -31.26 13.72
CA SER C 290 0.97 -31.63 12.95
C SER C 290 1.59 -32.94 13.43
N ALA C 291 1.36 -33.34 14.68
CA ALA C 291 1.81 -34.66 15.09
C ALA C 291 1.01 -35.75 14.38
N LEU C 292 -0.31 -35.56 14.27
CA LEU C 292 -1.13 -36.51 13.53
C LEU C 292 -0.71 -36.57 12.07
N ILE C 293 -0.59 -35.41 11.41
CA ILE C 293 -0.24 -35.38 9.99
C ILE C 293 1.10 -36.07 9.76
N THR C 294 2.06 -35.85 10.66
CA THR C 294 3.39 -36.41 10.46
C THR C 294 3.39 -37.94 10.55
N ARG C 295 2.64 -38.51 11.50
CA ARG C 295 2.54 -39.97 11.54
C ARG C 295 1.89 -40.49 10.27
N GLU C 296 0.75 -39.90 9.88
CA GLU C 296 0.05 -40.36 8.68
C GLU C 296 0.94 -40.24 7.45
N LEU C 297 1.75 -39.18 7.39
CA LEU C 297 2.62 -38.99 6.24
C LEU C 297 3.72 -40.04 6.20
N ILE C 298 4.34 -40.34 7.34
CA ILE C 298 5.38 -41.36 7.37
C ILE C 298 4.81 -42.72 6.98
N GLN C 299 3.58 -43.01 7.43
CA GLN C 299 2.97 -44.30 7.10
C GLN C 299 2.55 -44.35 5.63
N GLU C 300 2.09 -43.23 5.07
CA GLU C 300 1.75 -43.21 3.65
C GLU C 300 3.00 -43.28 2.77
N VAL C 301 4.13 -42.78 3.25
CA VAL C 301 5.37 -42.86 2.48
C VAL C 301 5.87 -44.30 2.43
N ALA C 302 5.84 -44.99 3.58
CA ALA C 302 6.19 -46.40 3.60
C ALA C 302 5.30 -47.20 2.67
N ASP C 303 4.00 -46.95 2.72
CA ASP C 303 3.05 -47.60 1.82
C ASP C 303 3.46 -47.44 0.35
N GLU C 304 3.64 -46.19 -0.08
CA GLU C 304 3.88 -45.91 -1.50
C GLU C 304 5.29 -46.26 -1.94
N ALA C 305 6.28 -45.97 -1.11
CA ALA C 305 7.67 -46.11 -1.53
C ALA C 305 8.30 -47.43 -1.09
N ILE C 306 7.87 -48.02 0.02
CA ILE C 306 8.45 -49.26 0.51
C ILE C 306 7.56 -50.46 0.23
N GLY C 307 6.24 -50.29 0.34
CA GLY C 307 5.30 -51.36 0.07
C GLY C 307 4.76 -52.06 1.29
N THR C 308 5.22 -51.70 2.49
CA THR C 308 4.78 -52.35 3.71
C THR C 308 5.01 -51.39 4.88
N ARG C 309 4.27 -51.63 5.97
CA ARG C 309 4.52 -50.96 7.23
C ARG C 309 5.24 -51.85 8.23
N GLN C 310 5.62 -53.07 7.82
CA GLN C 310 6.46 -53.99 8.59
C GLN C 310 7.82 -53.99 7.90
N LEU C 311 8.73 -53.16 8.39
CA LEU C 311 9.92 -52.76 7.65
C LEU C 311 11.05 -53.77 7.87
N SER C 312 11.61 -54.27 6.77
CA SER C 312 12.75 -55.18 6.84
C SER C 312 14.02 -54.40 7.11
N MET C 313 14.74 -54.79 8.13
CA MET C 313 16.00 -54.12 8.42
C MET C 313 17.16 -54.97 7.89
N PRO C 314 18.34 -54.36 7.71
CA PRO C 314 19.48 -55.15 7.20
C PRO C 314 19.89 -56.29 8.12
N ASP C 315 19.66 -56.18 9.43
CA ASP C 315 19.98 -57.34 10.28
C ASP C 315 18.96 -58.46 10.16
N GLY C 316 18.02 -58.39 9.21
CA GLY C 316 16.99 -59.39 9.09
C GLY C 316 15.84 -59.24 10.05
N SER C 317 15.83 -58.21 10.89
CA SER C 317 14.70 -57.99 11.78
C SER C 317 13.59 -57.25 11.04
N VAL C 318 12.43 -57.18 11.67
CA VAL C 318 11.28 -56.45 11.15
C VAL C 318 10.88 -55.40 12.18
N TYR C 319 10.69 -54.17 11.73
CA TYR C 319 10.34 -53.06 12.61
C TYR C 319 8.95 -52.56 12.27
N ASP C 320 8.08 -52.48 13.28
CA ASP C 320 6.68 -52.15 13.10
C ASP C 320 6.46 -50.64 13.28
N ILE C 321 6.05 -49.96 12.21
CA ILE C 321 5.68 -48.55 12.29
C ILE C 321 4.19 -48.35 12.08
N ASP C 322 3.41 -49.42 11.99
CA ASP C 322 1.98 -49.30 11.79
C ASP C 322 1.28 -48.95 13.10
N GLY C 323 -0.01 -48.61 12.98
CA GLY C 323 -0.83 -48.25 14.12
C GLY C 323 -0.62 -46.82 14.57
N GLU C 324 -1.28 -46.50 15.68
CA GLU C 324 -1.00 -45.25 16.36
C GLU C 324 0.22 -45.40 17.26
N TRP C 325 0.88 -44.28 17.53
CA TRP C 325 2.12 -44.30 18.28
C TRP C 325 1.94 -43.70 19.67
N ALA C 326 2.87 -44.01 20.56
CA ALA C 326 2.77 -43.56 21.93
C ALA C 326 3.21 -42.11 22.08
N THR C 327 2.65 -41.43 23.08
CA THR C 327 3.00 -40.06 23.42
C THR C 327 3.30 -39.99 24.91
N MET C 328 4.36 -39.26 25.24
CA MET C 328 4.72 -38.97 26.63
C MET C 328 5.06 -37.50 26.76
N GLU C 329 5.02 -37.01 27.98
CA GLU C 329 5.45 -35.64 28.26
C GLU C 329 6.84 -35.69 28.85
N MET C 330 7.67 -34.69 28.51
CA MET C 330 9.07 -34.72 28.94
C MET C 330 9.20 -34.75 30.46
N TYR C 331 8.54 -33.81 31.15
CA TYR C 331 8.68 -33.72 32.59
C TYR C 331 8.07 -34.94 33.29
N SER C 332 6.98 -35.49 32.74
CA SER C 332 6.30 -36.59 33.41
C SER C 332 7.09 -37.89 33.26
N SER C 333 7.67 -38.13 32.09
CA SER C 333 8.37 -39.39 31.85
C SER C 333 9.76 -39.40 32.49
N LEU C 334 10.44 -38.26 32.51
CA LEU C 334 11.71 -38.17 33.22
C LEU C 334 11.53 -38.38 34.73
N SER C 335 10.39 -37.94 35.27
CA SER C 335 10.12 -38.17 36.69
C SER C 335 9.83 -39.64 36.98
N GLU C 336 8.96 -40.26 36.17
CA GLU C 336 8.69 -41.68 36.33
C GLU C 336 9.95 -42.51 36.16
N ALA C 337 10.86 -42.08 35.29
CA ALA C 337 12.10 -42.81 35.06
C ALA C 337 13.09 -42.62 36.21
N LEU C 338 13.15 -41.43 36.79
CA LEU C 338 14.06 -41.15 37.89
C LEU C 338 13.50 -41.52 39.25
N GLY C 339 12.21 -41.82 39.33
CA GLY C 339 11.57 -42.03 40.63
C GLY C 339 11.37 -40.77 41.44
N GLU C 340 11.67 -39.61 40.88
CA GLU C 340 11.62 -38.33 41.58
C GLU C 340 10.85 -37.33 40.72
N GLN C 341 9.87 -36.67 41.32
CA GLN C 341 9.09 -35.68 40.60
C GLN C 341 9.98 -34.50 40.19
N ILE C 342 9.92 -34.14 38.92
CA ILE C 342 10.69 -33.03 38.36
C ILE C 342 9.73 -32.16 37.55
N THR C 343 9.70 -30.88 37.87
CA THR C 343 8.79 -29.90 37.29
C THR C 343 9.62 -28.72 36.81
N PRO C 344 9.02 -27.79 36.05
CA PRO C 344 9.77 -26.59 35.65
C PRO C 344 10.29 -25.80 36.84
N GLU C 345 9.65 -25.90 38.01
CA GLU C 345 10.11 -25.19 39.20
C GLU C 345 11.30 -25.87 39.86
N THR C 346 11.80 -26.97 39.31
CA THR C 346 12.96 -27.65 39.88
C THR C 346 14.20 -26.79 39.69
N THR C 347 14.98 -26.65 40.76
CA THR C 347 16.15 -25.79 40.76
C THR C 347 17.28 -26.38 39.91
N VAL C 348 18.17 -25.50 39.47
CA VAL C 348 19.33 -25.92 38.67
C VAL C 348 20.34 -26.66 39.53
N ALA C 349 20.49 -26.28 40.81
CA ALA C 349 21.38 -27.02 41.69
C ALA C 349 20.92 -28.46 41.87
N ARG C 350 19.61 -28.67 41.97
CA ARG C 350 19.08 -30.03 42.12
C ARG C 350 19.32 -30.84 40.85
N LEU C 351 19.04 -30.25 39.68
CA LEU C 351 19.23 -30.96 38.43
C LEU C 351 20.72 -31.26 38.17
N ARG C 352 21.60 -30.34 38.58
CA ARG C 352 23.03 -30.58 38.42
C ARG C 352 23.49 -31.73 39.31
N ASP C 353 22.94 -31.82 40.52
CA ASP C 353 23.29 -32.92 41.42
C ASP C 353 22.82 -34.26 40.88
N ILE C 354 21.60 -34.31 40.35
CA ILE C 354 21.08 -35.52 39.72
C ILE C 354 22.01 -35.97 38.60
N ALA C 355 22.52 -35.01 37.81
CA ALA C 355 23.34 -35.35 36.66
C ALA C 355 24.63 -36.05 37.07
N SER C 356 25.33 -35.49 38.06
CA SER C 356 26.60 -36.07 38.48
C SER C 356 26.40 -37.45 39.09
N GLY C 357 25.31 -37.64 39.85
CA GLY C 357 25.05 -38.94 40.44
C GLY C 357 24.66 -39.99 39.42
N LEU C 358 24.07 -39.57 38.30
CA LEU C 358 23.68 -40.48 37.24
C LEU C 358 24.77 -40.66 36.18
N ASP C 359 25.96 -40.07 36.40
CA ASP C 359 27.09 -40.15 35.46
C ASP C 359 26.71 -39.59 34.09
N VAL C 360 26.29 -38.32 34.07
CA VAL C 360 25.85 -37.63 32.87
C VAL C 360 26.57 -36.30 32.79
N GLU C 361 27.19 -36.02 31.64
CA GLU C 361 28.09 -34.88 31.50
C GLU C 361 27.31 -33.60 31.19
N ILE C 362 27.56 -32.57 31.98
CA ILE C 362 26.89 -31.29 31.85
C ILE C 362 27.91 -30.16 31.92
N ASP C 363 27.58 -29.05 31.27
CA ASP C 363 28.47 -27.90 31.16
C ASP C 363 28.16 -26.93 32.30
N ASN C 364 29.12 -26.76 33.22
CA ASN C 364 28.90 -25.86 34.36
C ASN C 364 28.52 -24.45 33.92
N SER C 365 29.09 -23.98 32.81
CA SER C 365 28.93 -22.58 32.43
C SER C 365 27.74 -22.37 31.49
N VAL C 366 27.60 -23.21 30.46
CA VAL C 366 26.70 -22.92 29.35
C VAL C 366 25.42 -23.76 29.39
N PHE C 367 25.13 -24.42 30.51
CA PHE C 367 23.92 -25.25 30.64
C PHE C 367 23.05 -24.72 31.77
N GLY C 368 21.80 -24.39 31.44
CA GLY C 368 20.81 -23.97 32.41
C GLY C 368 19.71 -24.99 32.61
N HIS C 369 18.61 -24.55 33.24
CA HIS C 369 17.55 -25.48 33.61
C HIS C 369 17.08 -26.30 32.42
N GLY C 370 16.85 -25.65 31.28
CA GLY C 370 16.27 -26.34 30.14
C GLY C 370 17.21 -27.37 29.53
N LYS C 371 18.47 -26.98 29.32
CA LYS C 371 19.41 -27.93 28.74
C LYS C 371 19.67 -29.11 29.68
N LEU C 372 19.56 -28.89 31.00
CA LEU C 372 19.75 -29.97 31.96
C LEU C 372 18.61 -30.99 31.87
N VAL C 373 17.37 -30.51 31.89
CA VAL C 373 16.22 -31.41 31.80
C VAL C 373 16.29 -32.22 30.51
N GLU C 374 16.60 -31.55 29.39
CA GLU C 374 16.68 -32.26 28.12
C GLU C 374 17.80 -33.28 28.13
N GLU C 375 18.98 -32.90 28.63
CA GLU C 375 20.09 -33.86 28.68
C GLU C 375 19.77 -35.02 29.60
N LEU C 376 19.08 -34.75 30.72
CA LEU C 376 18.68 -35.85 31.61
C LEU C 376 17.64 -36.75 30.94
N TRP C 377 16.74 -36.17 30.16
CA TRP C 377 15.71 -36.98 29.51
C TRP C 377 16.30 -37.87 28.43
N GLU C 378 17.27 -37.35 27.67
CA GLU C 378 17.93 -38.18 26.65
C GLU C 378 18.70 -39.31 27.30
N HIS C 379 19.24 -39.09 28.49
CA HIS C 379 20.03 -40.10 29.17
C HIS C 379 19.16 -41.25 29.66
N ALA C 380 18.04 -40.93 30.33
CA ALA C 380 17.26 -41.94 31.05
C ALA C 380 16.04 -42.45 30.30
N VAL C 381 15.55 -41.70 29.32
CA VAL C 381 14.36 -42.07 28.56
C VAL C 381 14.65 -42.16 27.06
N GLY C 382 15.26 -41.11 26.50
CA GLY C 382 15.39 -41.04 25.05
C GLY C 382 16.16 -42.19 24.45
N ASN C 383 17.35 -42.47 24.99
CA ASN C 383 18.19 -43.52 24.41
C ASN C 383 17.63 -44.91 24.59
N LYS C 384 16.59 -45.10 25.42
CA LYS C 384 16.00 -46.41 25.64
C LYS C 384 14.73 -46.63 24.82
N LEU C 385 14.44 -45.76 23.84
CA LEU C 385 13.18 -45.77 23.13
C LEU C 385 13.21 -46.77 21.97
N THR C 386 12.30 -47.73 22.00
CA THR C 386 12.22 -48.76 20.95
C THR C 386 11.26 -48.34 19.84
N ALA C 387 9.97 -48.33 20.15
CA ALA C 387 8.91 -48.12 19.17
C ALA C 387 8.81 -46.64 18.80
N PRO C 388 8.05 -46.30 17.76
CA PRO C 388 7.87 -44.87 17.44
C PRO C 388 7.15 -44.14 18.55
N THR C 389 7.72 -43.02 18.97
CA THR C 389 7.25 -42.32 20.16
C THR C 389 7.34 -40.82 19.98
N PHE C 390 6.25 -40.14 20.34
CA PHE C 390 6.25 -38.68 20.47
C PHE C 390 6.56 -38.31 21.91
N VAL C 391 7.43 -37.32 22.09
CA VAL C 391 7.63 -36.68 23.38
C VAL C 391 7.31 -35.21 23.21
N LYS C 392 6.51 -34.66 24.13
CA LYS C 392 5.97 -33.32 23.97
C LYS C 392 6.09 -32.52 25.25
N ASP C 393 5.97 -31.19 25.11
CA ASP C 393 5.93 -30.21 26.19
C ASP C 393 7.32 -29.96 26.76
N PHE C 394 8.11 -29.16 26.05
CA PHE C 394 9.54 -28.95 26.26
C PHE C 394 9.79 -27.74 27.16
N PRO C 395 10.96 -27.70 27.81
CA PRO C 395 11.29 -26.52 28.63
C PRO C 395 11.44 -25.28 27.76
N VAL C 396 10.87 -24.17 28.24
CA VAL C 396 10.80 -22.96 27.42
C VAL C 396 12.21 -22.47 27.05
N GLU C 397 13.18 -22.71 27.92
CA GLU C 397 14.52 -22.15 27.78
C GLU C 397 15.19 -22.62 26.50
N THR C 398 14.89 -23.83 26.05
CA THR C 398 15.53 -24.41 24.88
C THR C 398 14.62 -24.44 23.64
N THR C 399 13.52 -23.69 23.65
CA THR C 399 12.61 -23.62 22.51
C THR C 399 12.26 -22.16 22.23
N PRO C 400 13.22 -21.37 21.77
CA PRO C 400 12.98 -19.93 21.57
C PRO C 400 11.90 -19.59 20.54
N LEU C 401 11.57 -20.49 19.61
CA LEU C 401 10.63 -20.18 18.53
C LEU C 401 9.28 -20.88 18.71
N THR C 402 9.06 -21.51 19.84
CA THR C 402 7.87 -22.29 20.12
C THR C 402 6.93 -21.54 21.05
N ARG C 403 5.63 -21.59 20.77
CA ARG C 403 4.65 -20.92 21.63
C ARG C 403 4.60 -21.60 23.00
N GLN C 404 4.44 -20.79 24.04
CA GLN C 404 4.30 -21.35 25.38
C GLN C 404 2.99 -22.14 25.47
N HIS C 405 2.98 -23.14 26.36
CA HIS C 405 1.83 -24.01 26.52
C HIS C 405 0.59 -23.21 26.95
N ARG C 406 -0.58 -23.65 26.47
CA ARG C 406 -1.81 -22.92 26.69
C ARG C 406 -2.31 -22.98 28.13
N SER C 407 -1.76 -23.86 28.98
CA SER C 407 -2.21 -23.91 30.37
C SER C 407 -1.11 -24.27 31.36
N ILE C 408 -0.14 -25.09 30.97
CA ILE C 408 0.93 -25.52 31.86
C ILE C 408 2.06 -24.49 31.81
N PRO C 409 2.42 -23.86 32.93
CA PRO C 409 3.49 -22.86 32.89
C PRO C 409 4.86 -23.50 32.72
N GLY C 410 5.76 -22.76 32.07
CA GLY C 410 7.14 -23.15 31.94
C GLY C 410 7.48 -24.11 30.81
N VAL C 411 6.48 -24.62 30.09
CA VAL C 411 6.72 -25.54 28.99
C VAL C 411 6.11 -24.97 27.70
N THR C 412 6.61 -25.45 26.57
CA THR C 412 6.17 -24.99 25.26
C THR C 412 5.56 -26.14 24.47
N GLU C 413 4.72 -25.78 23.50
CA GLU C 413 3.99 -26.75 22.68
C GLU C 413 4.89 -27.22 21.54
N LYS C 414 5.83 -28.10 21.89
CA LYS C 414 6.72 -28.73 20.93
C LYS C 414 6.72 -30.23 21.18
N TRP C 415 6.81 -31.00 20.09
CA TRP C 415 7.04 -32.45 20.18
C TRP C 415 8.24 -32.84 19.33
N ASP C 416 8.97 -33.83 19.82
CA ASP C 416 9.99 -34.55 19.04
C ASP C 416 9.49 -35.96 18.78
N LEU C 417 9.81 -36.49 17.60
CA LEU C 417 9.41 -37.83 17.24
C LEU C 417 10.62 -38.74 17.08
N TYR C 418 10.61 -39.85 17.80
CA TYR C 418 11.70 -40.83 17.75
C TYR C 418 11.19 -42.10 17.08
N VAL C 419 11.88 -42.51 16.01
CA VAL C 419 11.52 -43.70 15.24
C VAL C 419 12.77 -44.57 15.12
N ARG C 420 12.68 -45.82 15.60
CA ARG C 420 13.81 -46.75 15.59
C ARG C 420 14.99 -46.20 16.38
N GLY C 421 14.69 -45.54 17.50
CA GLY C 421 15.69 -44.88 18.30
C GLY C 421 16.22 -43.58 17.73
N VAL C 422 15.78 -43.18 16.53
CA VAL C 422 16.34 -42.06 15.79
C VAL C 422 15.44 -40.84 15.95
N GLU C 423 16.05 -39.69 16.25
CA GLU C 423 15.32 -38.42 16.30
C GLU C 423 14.95 -38.02 14.87
N LEU C 424 13.68 -38.17 14.51
CA LEU C 424 13.26 -38.08 13.11
C LEU C 424 12.61 -36.74 12.74
N ALA C 425 11.70 -36.23 13.56
CA ALA C 425 10.95 -35.03 13.21
C ALA C 425 10.60 -34.25 14.48
N THR C 426 10.11 -33.03 14.28
CA THR C 426 9.71 -32.15 15.36
C THR C 426 8.61 -31.22 14.87
N GLY C 427 7.73 -30.82 15.78
CA GLY C 427 6.66 -29.91 15.43
C GLY C 427 6.39 -28.93 16.55
N TYR C 428 5.99 -27.71 16.17
CA TYR C 428 5.65 -26.65 17.13
C TYR C 428 4.24 -26.14 16.91
N SER C 429 3.60 -25.71 17.99
CA SER C 429 2.66 -24.59 17.90
C SER C 429 3.50 -23.34 17.83
N GLU C 430 3.46 -22.63 16.69
CA GLU C 430 4.43 -21.57 16.45
C GLU C 430 4.17 -20.34 17.32
N LEU C 431 5.27 -19.73 17.79
CA LEU C 431 5.20 -18.44 18.49
C LEU C 431 4.96 -17.34 17.48
N ASN C 432 3.80 -16.72 17.51
CA ASN C 432 3.54 -15.59 16.63
C ASN C 432 3.47 -14.25 17.36
N ASP C 433 3.51 -14.25 18.69
CA ASP C 433 3.53 -13.03 19.51
C ASP C 433 4.87 -12.31 19.37
N PRO C 434 4.94 -11.17 18.69
CA PRO C 434 6.26 -10.55 18.44
C PRO C 434 6.94 -10.01 19.68
N VAL C 435 6.18 -9.58 20.70
CA VAL C 435 6.82 -9.08 21.92
C VAL C 435 7.48 -10.22 22.68
N VAL C 436 6.75 -11.32 22.89
CA VAL C 436 7.34 -12.48 23.55
C VAL C 436 8.52 -13.00 22.73
N GLN C 437 8.37 -13.04 21.40
CA GLN C 437 9.46 -13.54 20.56
C GLN C 437 10.73 -12.69 20.73
N ARG C 438 10.57 -11.38 20.96
CA ARG C 438 11.74 -10.55 21.26
C ARG C 438 12.35 -10.92 22.60
N ASP C 439 11.53 -11.35 23.57
CA ASP C 439 12.06 -11.78 24.87
C ASP C 439 12.85 -13.06 24.74
N ARG C 440 12.33 -14.02 23.96
CA ARG C 440 13.08 -15.25 23.70
C ARG C 440 14.47 -14.94 23.14
N PHE C 441 14.55 -14.00 22.19
CA PHE C 441 15.84 -13.65 21.62
C PHE C 441 16.74 -13.01 22.66
N ALA C 442 16.18 -12.20 23.58
CA ALA C 442 16.98 -11.64 24.66
C ALA C 442 17.54 -12.75 25.55
N ASP C 443 16.72 -13.78 25.85
CA ASP C 443 17.24 -14.90 26.60
C ASP C 443 18.33 -15.65 25.81
N GLN C 444 18.16 -15.76 24.49
CA GLN C 444 19.20 -16.39 23.69
C GLN C 444 20.49 -15.57 23.72
N ALA C 445 20.36 -14.24 23.69
CA ALA C 445 21.54 -13.38 23.78
C ALA C 445 22.28 -13.58 25.10
N ARG C 446 21.57 -13.93 26.18
CA ARG C 446 22.23 -14.26 27.44
C ARG C 446 22.99 -15.56 27.33
N ALA C 447 22.39 -16.58 26.71
CA ALA C 447 23.08 -17.84 26.48
C ALA C 447 24.39 -17.60 25.73
N ALA C 448 24.33 -16.83 24.64
CA ALA C 448 25.55 -16.52 23.88
C ALA C 448 26.59 -15.82 24.74
N ALA C 449 26.16 -14.89 25.61
CA ALA C 449 27.10 -14.25 26.52
C ALA C 449 27.76 -15.25 27.45
N ALA C 450 27.07 -16.32 27.81
CA ALA C 450 27.65 -17.37 28.64
C ALA C 450 28.50 -18.37 27.85
N GLY C 451 28.63 -18.21 26.54
CA GLY C 451 29.50 -19.08 25.77
C GLY C 451 28.78 -20.03 24.83
N ASP C 452 27.46 -19.96 24.75
CA ASP C 452 26.72 -20.81 23.81
C ASP C 452 26.69 -20.09 22.47
N ASP C 453 27.72 -20.35 21.65
CA ASP C 453 27.84 -19.67 20.37
C ASP C 453 26.92 -20.22 19.29
N GLU C 454 26.04 -21.16 19.60
CA GLU C 454 25.00 -21.58 18.67
C GLU C 454 23.65 -20.99 19.00
N ALA C 455 23.54 -20.23 20.10
CA ALA C 455 22.26 -19.59 20.45
C ALA C 455 21.79 -18.68 19.32
N MET C 456 20.48 -18.54 19.20
CA MET C 456 19.91 -17.78 18.09
C MET C 456 20.17 -16.28 18.24
N GLN C 457 20.65 -15.66 17.17
CA GLN C 457 20.85 -14.22 17.15
C GLN C 457 19.55 -13.52 16.77
N LEU C 458 19.37 -12.34 17.35
CA LEU C 458 18.20 -11.50 17.11
C LEU C 458 18.11 -11.12 15.64
N ASP C 459 17.04 -11.55 14.97
CA ASP C 459 16.81 -11.20 13.58
C ASP C 459 15.72 -10.12 13.55
N GLU C 460 16.14 -8.88 13.32
CA GLU C 460 15.21 -7.77 13.46
C GLU C 460 14.16 -7.77 12.33
N ASP C 461 14.57 -8.09 11.10
CA ASP C 461 13.60 -8.13 10.00
C ASP C 461 12.59 -9.26 10.15
N PHE C 462 12.98 -10.37 10.77
CA PHE C 462 12.01 -11.41 11.11
C PHE C 462 11.02 -10.92 12.16
N LEU C 463 11.51 -10.20 13.17
CA LEU C 463 10.60 -9.61 14.15
C LEU C 463 9.67 -8.59 13.50
N THR C 464 10.19 -7.77 12.58
CA THR C 464 9.32 -6.85 11.84
C THR C 464 8.17 -7.59 11.19
N ALA C 465 8.45 -8.75 10.59
CA ALA C 465 7.40 -9.53 9.92
C ALA C 465 6.33 -10.00 10.90
N LEU C 466 6.76 -10.47 12.08
CA LEU C 466 5.79 -10.89 13.09
C LEU C 466 4.95 -9.69 13.56
N GLU C 467 5.53 -8.49 13.52
CA GLU C 467 4.82 -7.29 13.94
C GLU C 467 3.73 -6.85 12.97
N TYR C 468 3.65 -7.45 11.78
CA TYR C 468 2.52 -7.20 10.88
C TYR C 468 1.37 -8.18 11.11
N GLY C 469 1.54 -9.16 12.00
CA GLY C 469 0.52 -10.16 12.24
C GLY C 469 0.76 -11.46 11.51
N MET C 470 1.23 -12.48 12.22
CA MET C 470 1.30 -13.84 11.68
C MET C 470 0.16 -14.66 12.23
N PRO C 471 -0.74 -15.19 11.41
CA PRO C 471 -1.81 -16.02 11.94
C PRO C 471 -1.25 -17.22 12.66
N PRO C 472 -1.98 -17.76 13.64
CA PRO C 472 -1.49 -18.93 14.36
C PRO C 472 -1.23 -20.06 13.39
N CYS C 473 -0.20 -20.85 13.67
CA CYS C 473 0.14 -21.94 12.78
C CYS C 473 0.99 -22.97 13.53
N THR C 474 1.17 -24.11 12.88
CA THR C 474 2.04 -25.17 13.39
C THR C 474 3.01 -25.57 12.28
N GLY C 475 4.29 -25.61 12.63
CA GLY C 475 5.34 -26.03 11.71
C GLY C 475 5.96 -27.35 12.14
N THR C 476 6.49 -28.09 11.16
CA THR C 476 7.24 -29.31 11.40
C THR C 476 8.56 -29.25 10.64
N GLY C 477 9.53 -30.04 11.13
CA GLY C 477 10.78 -30.25 10.45
C GLY C 477 11.14 -31.73 10.45
N MET C 478 11.70 -32.23 9.35
CA MET C 478 12.07 -33.64 9.32
C MET C 478 13.26 -33.86 8.37
N GLY C 479 14.27 -34.55 8.87
CA GLY C 479 15.41 -34.89 8.04
C GLY C 479 15.01 -35.94 7.04
N ILE C 480 15.21 -35.66 5.75
CA ILE C 480 14.84 -36.62 4.71
C ILE C 480 15.80 -37.81 4.73
N ASP C 481 17.09 -37.54 4.91
CA ASP C 481 18.06 -38.63 5.03
C ASP C 481 17.75 -39.50 6.24
N ARG C 482 17.35 -38.89 7.37
CA ARG C 482 16.96 -39.67 8.54
C ARG C 482 15.69 -40.46 8.29
N LEU C 483 14.73 -39.88 7.55
CA LEU C 483 13.57 -40.65 7.14
C LEU C 483 14.00 -41.94 6.45
N LEU C 484 14.97 -41.85 5.54
CA LEU C 484 15.49 -43.04 4.87
C LEU C 484 16.12 -44.02 5.85
N MET C 485 16.97 -43.52 6.75
CA MET C 485 17.59 -44.37 7.76
CA MET C 485 17.60 -44.39 7.74
C MET C 485 16.56 -45.15 8.56
N CYS C 486 15.41 -44.51 8.84
CA CYS C 486 14.38 -45.16 9.65
C CYS C 486 13.62 -46.20 8.84
N LEU C 487 13.42 -45.96 7.53
CA LEU C 487 12.63 -46.87 6.73
C LEU C 487 13.44 -48.05 6.21
N THR C 488 14.75 -47.89 6.06
CA THR C 488 15.60 -48.90 5.44
C THR C 488 16.76 -49.35 6.31
N GLY C 489 17.12 -48.61 7.36
CA GLY C 489 18.21 -49.02 8.22
C GLY C 489 19.59 -48.62 7.74
N LEU C 490 19.68 -47.70 6.78
CA LEU C 490 20.94 -47.35 6.13
C LEU C 490 21.43 -45.96 6.53
N SER C 491 22.73 -45.86 6.81
CA SER C 491 23.37 -44.60 7.14
C SER C 491 23.19 -43.57 6.02
N ILE C 492 23.37 -42.30 6.39
CA ILE C 492 23.24 -41.24 5.39
C ILE C 492 24.31 -41.35 4.33
N ARG C 493 25.49 -41.86 4.67
CA ARG C 493 26.51 -42.06 3.64
C ARG C 493 26.18 -43.18 2.67
N GLU C 494 25.10 -43.92 2.89
CA GLU C 494 24.66 -44.93 1.96
C GLU C 494 23.48 -44.47 1.12
N THR C 495 22.68 -43.54 1.62
CA THR C 495 21.47 -43.12 0.91
C THR C 495 21.68 -41.88 0.06
N VAL C 496 22.86 -41.27 0.13
CA VAL C 496 23.19 -40.09 -0.67
C VAL C 496 24.11 -40.54 -1.80
N LEU C 497 23.80 -40.12 -3.03
CA LEU C 497 24.59 -40.55 -4.18
C LEU C 497 26.06 -40.16 -4.03
N PHE C 498 26.34 -38.91 -3.68
CA PHE C 498 27.72 -38.43 -3.62
C PHE C 498 28.02 -37.76 -2.29
N PRO C 499 28.17 -38.54 -1.20
CA PRO C 499 28.62 -37.96 0.07
C PRO C 499 29.99 -37.31 -0.09
N ILE C 500 30.20 -36.18 0.58
CA ILE C 500 31.41 -35.41 0.37
C ILE C 500 32.61 -36.14 0.97
N VAL C 501 33.69 -36.25 0.19
CA VAL C 501 34.93 -36.89 0.61
C VAL C 501 36.08 -35.90 0.51
N ARG C 502 37.10 -36.16 1.31
CA ARG C 502 38.35 -35.42 1.21
CA ARG C 502 38.33 -35.41 1.20
C ARG C 502 39.07 -35.79 -0.08
N PRO C 503 39.71 -34.84 -0.76
CA PRO C 503 40.47 -35.18 -1.98
C PRO C 503 41.69 -36.03 -1.64
N HIS C 504 42.37 -36.48 -2.70
CA HIS C 504 43.43 -37.49 -2.62
C HIS C 504 42.90 -38.79 -2.03
N ASN D 15 2.02 18.27 43.22
CA ASN D 15 2.22 19.72 43.17
C ASN D 15 1.24 20.40 42.21
N ILE D 16 0.86 19.69 41.14
CA ILE D 16 -0.08 20.22 40.14
C ILE D 16 -1.49 19.70 40.40
N PRO D 17 -1.71 18.40 40.69
CA PRO D 17 -3.06 17.98 41.12
C PRO D 17 -3.40 18.44 42.52
N GLU D 18 -2.40 18.78 43.34
CA GLU D 18 -2.70 19.43 44.62
C GLU D 18 -3.26 20.83 44.41
N GLN D 19 -2.69 21.57 43.46
CA GLN D 19 -3.23 22.88 43.12
C GLN D 19 -4.66 22.77 42.61
N PHE D 20 -4.92 21.75 41.78
CA PHE D 20 -6.26 21.51 41.28
C PHE D 20 -7.23 21.24 42.43
N ARG D 21 -6.82 20.36 43.36
CA ARG D 21 -7.67 20.06 44.51
C ARG D 21 -8.00 21.32 45.31
N ILE D 22 -7.00 22.18 45.53
CA ILE D 22 -7.22 23.39 46.32
C ILE D 22 -8.19 24.33 45.59
N ARG D 23 -7.95 24.56 44.30
CA ARG D 23 -8.82 25.48 43.55
C ARG D 23 -10.25 24.96 43.45
N ARG D 24 -10.40 23.64 43.29
CA ARG D 24 -11.74 23.04 43.20
C ARG D 24 -12.50 23.15 44.52
N ASP D 25 -11.80 23.01 45.66
CA ASP D 25 -12.47 23.21 46.94
C ASP D 25 -12.86 24.67 47.15
N LYS D 26 -12.04 25.62 46.66
CA LYS D 26 -12.40 27.04 46.71
C LYS D 26 -13.66 27.33 45.92
N ARG D 27 -13.75 26.77 44.70
CA ARG D 27 -14.95 26.93 43.89
C ARG D 27 -16.19 26.46 44.63
N ALA D 28 -16.14 25.24 45.20
CA ALA D 28 -17.28 24.72 45.94
C ALA D 28 -17.58 25.57 47.16
N ARG D 29 -16.54 26.07 47.85
CA ARG D 29 -16.77 26.90 49.03
C ARG D 29 -17.41 28.24 48.64
N LEU D 30 -16.90 28.85 47.57
CA LEU D 30 -17.50 30.11 47.11
C LEU D 30 -18.97 29.92 46.76
N LEU D 31 -19.27 28.88 45.98
CA LEU D 31 -20.65 28.61 45.60
C LEU D 31 -21.52 28.40 46.83
N ALA D 32 -21.05 27.63 47.80
CA ALA D 32 -21.85 27.36 49.00
C ALA D 32 -22.03 28.60 49.86
N GLU D 33 -21.05 29.50 49.88
CA GLU D 33 -21.17 30.75 50.64
C GLU D 33 -22.01 31.80 49.92
N GLY D 34 -22.29 31.64 48.63
CA GLY D 34 -23.10 32.58 47.89
C GLY D 34 -22.35 33.57 47.03
N TYR D 35 -21.04 33.42 46.88
CA TYR D 35 -20.24 34.23 45.95
C TYR D 35 -20.08 33.42 44.67
N ASP D 36 -21.04 33.58 43.76
CA ASP D 36 -21.07 32.90 42.47
C ASP D 36 -19.73 32.94 41.76
N PRO D 37 -19.00 31.82 41.70
CA PRO D 37 -17.72 31.80 40.98
C PRO D 37 -17.83 31.86 39.46
N TYR D 38 -19.04 31.77 38.90
CA TYR D 38 -19.25 31.89 37.44
C TYR D 38 -20.51 32.71 37.19
N PRO D 39 -20.50 33.99 37.54
CA PRO D 39 -21.74 34.77 37.46
C PRO D 39 -22.12 35.10 36.02
N VAL D 40 -23.39 35.47 35.84
CA VAL D 40 -23.89 35.98 34.56
C VAL D 40 -24.20 37.48 34.72
N ALA D 41 -24.14 38.21 33.59
CA ALA D 41 -24.55 39.62 33.46
C ALA D 41 -23.57 40.61 34.07
N ILE D 42 -22.32 40.23 34.28
CA ILE D 42 -21.27 41.21 34.52
C ILE D 42 -21.15 42.16 33.33
N GLU D 43 -21.18 43.46 33.59
CA GLU D 43 -21.03 44.47 32.55
C GLU D 43 -19.63 45.06 32.60
N ARG D 44 -18.85 44.81 31.55
CA ARG D 44 -17.53 45.38 31.34
C ARG D 44 -17.70 46.72 30.63
N THR D 45 -17.26 47.82 31.24
CA THR D 45 -17.46 49.09 30.54
C THR D 45 -16.36 49.37 29.51
N HIS D 46 -15.15 48.84 29.69
CA HIS D 46 -14.04 49.09 28.79
C HIS D 46 -13.19 47.83 28.69
N THR D 47 -12.61 47.61 27.51
CA THR D 47 -11.49 46.68 27.44
C THR D 47 -10.24 47.33 28.02
N LEU D 48 -9.24 46.50 28.34
CA LEU D 48 -7.99 47.04 28.89
C LEU D 48 -7.28 47.92 27.87
N ALA D 49 -7.33 47.54 26.58
CA ALA D 49 -6.71 48.34 25.54
C ALA D 49 -7.35 49.73 25.43
N GLU D 50 -8.66 49.82 25.61
CA GLU D 50 -9.31 51.13 25.64
C GLU D 50 -8.76 51.98 26.78
N ILE D 51 -8.57 51.37 27.95
CA ILE D 51 -8.04 52.11 29.10
C ILE D 51 -6.64 52.63 28.78
N ARG D 52 -5.78 51.76 28.24
CA ARG D 52 -4.41 52.20 27.98
C ARG D 52 -4.38 53.30 26.93
N ALA D 53 -5.25 53.19 25.91
CA ALA D 53 -5.31 54.23 24.88
C ALA D 53 -5.82 55.54 25.47
N THR D 54 -6.90 55.49 26.25
CA THR D 54 -7.50 56.72 26.75
C THR D 54 -6.58 57.44 27.74
N TYR D 55 -5.73 56.72 28.47
CA TYR D 55 -4.96 57.33 29.57
C TYR D 55 -3.46 57.24 29.35
N ALA D 56 -3.03 57.17 28.09
CA ALA D 56 -1.62 56.99 27.77
C ALA D 56 -0.75 58.15 28.25
N ASP D 57 -1.28 59.36 28.30
CA ASP D 57 -0.51 60.53 28.70
C ASP D 57 -0.77 60.94 30.15
N LEU D 58 -1.41 60.08 30.94
CA LEU D 58 -1.75 60.40 32.31
C LEU D 58 -0.48 60.47 33.16
N PRO D 59 -0.21 61.59 33.85
CA PRO D 59 1.07 61.74 34.55
C PRO D 59 1.23 60.75 35.71
N THR D 60 2.49 60.52 36.05
CA THR D 60 2.84 59.60 37.12
C THR D 60 2.27 60.06 38.45
N ASP D 61 1.77 59.11 39.24
CA ASP D 61 1.34 59.39 40.62
C ASP D 61 0.20 60.40 40.67
N SER D 62 -0.80 60.17 39.82
CA SER D 62 -1.96 61.04 39.81
C SER D 62 -3.22 60.20 39.64
N ALA D 63 -4.33 60.77 40.08
CA ALA D 63 -5.63 60.11 40.05
C ALA D 63 -6.60 60.89 39.18
N THR D 64 -7.48 60.16 38.51
CA THR D 64 -8.62 60.72 37.82
C THR D 64 -9.86 60.49 38.68
N GLU D 65 -11.00 60.97 38.19
CA GLU D 65 -12.29 60.68 38.79
C GLU D 65 -13.12 59.76 37.92
N ASP D 66 -12.51 59.12 36.93
CA ASP D 66 -13.25 58.31 35.96
C ASP D 66 -13.43 56.92 36.54
N ILE D 67 -14.68 56.48 36.62
CA ILE D 67 -15.04 55.18 37.15
C ILE D 67 -15.21 54.21 35.99
N VAL D 68 -14.56 53.03 36.07
CA VAL D 68 -14.62 52.02 35.04
C VAL D 68 -14.84 50.67 35.70
N GLY D 69 -15.40 49.75 34.92
CA GLY D 69 -15.49 48.35 35.30
C GLY D 69 -14.77 47.48 34.30
N VAL D 70 -13.67 46.86 34.71
CA VAL D 70 -12.82 46.09 33.80
C VAL D 70 -12.82 44.64 34.26
N ALA D 71 -12.35 43.77 33.37
CA ALA D 71 -12.27 42.34 33.66
C ALA D 71 -11.09 41.78 32.91
N GLY D 72 -10.38 40.85 33.53
CA GLY D 72 -9.28 40.20 32.86
C GLY D 72 -8.73 39.10 33.74
N ARG D 73 -7.72 38.43 33.22
CA ARG D 73 -7.16 37.26 33.87
C ARG D 73 -5.97 37.69 34.72
N VAL D 74 -5.97 37.29 35.99
CA VAL D 74 -4.85 37.58 36.88
C VAL D 74 -3.65 36.76 36.42
N VAL D 75 -2.60 37.43 35.94
CA VAL D 75 -1.38 36.76 35.53
C VAL D 75 -0.21 37.02 36.47
N PHE D 76 -0.32 38.01 37.36
CA PHE D 76 0.66 38.22 38.42
C PHE D 76 -0.07 38.85 39.60
N ALA D 77 0.37 38.51 40.80
CA ALA D 77 -0.23 39.04 42.01
C ALA D 77 0.82 39.15 43.10
N ARG D 78 0.65 40.12 43.97
CA ARG D 78 1.55 40.38 45.09
C ARG D 78 0.72 40.99 46.22
N ASN D 79 0.79 40.39 47.42
CA ASN D 79 -0.01 40.84 48.55
C ASN D 79 0.86 41.53 49.60
N THR D 80 0.32 42.61 50.17
CA THR D 80 0.91 43.28 51.33
C THR D 80 -0.19 43.46 52.36
N GLY D 81 0.20 43.93 53.56
CA GLY D 81 -0.72 44.01 54.68
C GLY D 81 -2.06 44.65 54.34
N LYS D 82 -2.03 45.86 53.78
CA LYS D 82 -3.24 46.63 53.52
C LYS D 82 -3.51 46.84 52.04
N LEU D 83 -2.69 46.31 51.15
CA LEU D 83 -2.73 46.72 49.75
C LEU D 83 -2.28 45.55 48.88
N CYS D 84 -3.18 45.08 48.01
CA CYS D 84 -2.87 43.98 47.10
C CYS D 84 -2.79 44.47 45.67
N PHE D 85 -1.79 43.96 44.95
CA PHE D 85 -1.53 44.29 43.55
C PHE D 85 -1.78 43.08 42.66
N ALA D 86 -2.38 43.30 41.51
CA ALA D 86 -2.55 42.24 40.52
C ALA D 86 -2.39 42.82 39.13
N THR D 87 -1.76 42.05 38.24
CA THR D 87 -1.70 42.37 36.82
C THR D 87 -2.82 41.61 36.12
N LEU D 88 -3.76 42.35 35.53
CA LEU D 88 -4.83 41.75 34.74
C LEU D 88 -4.43 41.74 33.29
N GLN D 89 -4.75 40.66 32.59
CA GLN D 89 -4.46 40.52 31.18
C GLN D 89 -5.75 40.26 30.43
N ASP D 90 -6.05 41.11 29.44
CA ASP D 90 -7.20 40.92 28.58
C ASP D 90 -6.88 39.87 27.51
N GLY D 91 -7.90 39.51 26.73
CA GLY D 91 -7.74 38.40 25.79
C GLY D 91 -6.76 38.70 24.68
N ASP D 92 -6.67 39.95 24.27
CA ASP D 92 -5.74 40.40 23.25
C ASP D 92 -4.32 40.55 23.77
N GLY D 93 -4.06 40.27 25.06
CA GLY D 93 -2.72 40.44 25.61
C GLY D 93 -2.50 41.71 26.42
N THR D 94 -3.37 42.71 26.28
CA THR D 94 -3.16 43.96 26.99
C THR D 94 -3.24 43.76 28.49
N GLN D 95 -2.34 44.44 29.22
CA GLN D 95 -2.25 44.32 30.66
C GLN D 95 -2.55 45.66 31.33
N LEU D 96 -3.07 45.56 32.56
CA LEU D 96 -3.42 46.70 33.39
C LEU D 96 -3.36 46.26 34.84
N GLN D 97 -2.92 47.14 35.73
CA GLN D 97 -2.79 46.79 37.14
C GLN D 97 -4.07 47.09 37.91
N ALA D 98 -4.42 46.21 38.84
CA ALA D 98 -5.53 46.43 39.76
C ALA D 98 -4.95 46.59 41.16
N MET D 99 -5.47 47.55 41.90
CA MET D 99 -5.02 47.81 43.26
C MET D 99 -6.21 47.61 44.20
N ILE D 100 -6.05 46.69 45.15
CA ILE D 100 -7.10 46.31 46.09
C ILE D 100 -6.67 46.81 47.46
N SER D 101 -7.27 47.89 47.92
CA SER D 101 -6.78 48.63 49.07
C SER D 101 -7.79 48.57 50.22
N LEU D 102 -7.28 48.37 51.44
CA LEU D 102 -8.12 48.34 52.64
C LEU D 102 -9.02 49.57 52.75
N ASP D 103 -8.44 50.76 52.54
CA ASP D 103 -9.17 52.03 52.68
C ASP D 103 -10.23 52.23 51.61
N GLU D 104 -10.22 51.46 50.54
CA GLU D 104 -11.17 51.60 49.43
C GLU D 104 -12.26 50.54 49.40
N VAL D 105 -11.92 49.27 49.60
CA VAL D 105 -12.90 48.18 49.53
C VAL D 105 -13.29 47.64 50.89
N GLY D 106 -12.57 47.98 51.96
CA GLY D 106 -12.89 47.47 53.28
C GLY D 106 -12.23 46.13 53.58
N ARG D 107 -12.19 45.81 54.89
CA ARG D 107 -11.40 44.68 55.36
C ARG D 107 -11.95 43.35 54.86
N GLU D 108 -13.27 43.18 54.88
CA GLU D 108 -13.87 41.90 54.46
C GLU D 108 -13.54 41.57 53.01
N SER D 109 -13.66 42.57 52.13
CA SER D 109 -13.37 42.36 50.71
C SER D 109 -11.88 42.18 50.45
N LEU D 110 -11.03 42.89 51.20
CA LEU D 110 -9.58 42.70 51.05
C LEU D 110 -9.19 41.28 51.46
N ASP D 111 -9.74 40.80 52.57
CA ASP D 111 -9.44 39.44 53.01
C ASP D 111 -9.95 38.41 51.99
N ARG D 112 -11.15 38.62 51.44
CA ARG D 112 -11.64 37.72 50.40
C ARG D 112 -10.72 37.73 49.19
N TRP D 113 -10.22 38.90 48.80
CA TRP D 113 -9.27 38.91 47.68
C TRP D 113 -8.08 38.00 47.96
N LYS D 114 -7.53 38.05 49.18
CA LYS D 114 -6.35 37.26 49.49
C LYS D 114 -6.67 35.78 49.58
N ALA D 115 -7.85 35.43 50.10
CA ALA D 115 -8.17 34.02 50.27
C ALA D 115 -8.76 33.41 48.99
N ASP D 116 -9.38 34.20 48.12
CA ASP D 116 -10.20 33.63 47.03
C ASP D 116 -9.53 33.65 45.66
N VAL D 117 -8.61 34.56 45.40
CA VAL D 117 -8.09 34.82 44.05
C VAL D 117 -6.76 34.10 43.84
N ASP D 118 -6.64 33.42 42.70
CA ASP D 118 -5.45 32.70 42.31
C ASP D 118 -5.02 33.13 40.91
N ILE D 119 -3.73 32.91 40.62
CA ILE D 119 -3.24 33.14 39.25
C ILE D 119 -4.09 32.32 38.27
N GLY D 120 -4.51 32.96 37.19
CA GLY D 120 -5.34 32.33 36.20
C GLY D 120 -6.80 32.68 36.29
N ASP D 121 -7.29 33.08 37.47
CA ASP D 121 -8.69 33.44 37.62
C ASP D 121 -9.02 34.64 36.76
N VAL D 122 -10.24 34.66 36.22
CA VAL D 122 -10.76 35.83 35.54
C VAL D 122 -11.57 36.61 36.57
N VAL D 123 -11.22 37.88 36.79
CA VAL D 123 -11.87 38.70 37.81
C VAL D 123 -12.39 39.99 37.20
N TYR D 124 -13.40 40.57 37.87
CA TYR D 124 -13.97 41.85 37.52
C TYR D 124 -13.59 42.87 38.60
N VAL D 125 -13.15 44.05 38.18
CA VAL D 125 -12.70 45.09 39.10
C VAL D 125 -13.37 46.41 38.73
N HIS D 126 -13.99 47.05 39.71
CA HIS D 126 -14.69 48.33 39.52
C HIS D 126 -14.03 49.38 40.40
N GLY D 127 -13.66 50.50 39.80
CA GLY D 127 -13.00 51.56 40.56
C GLY D 127 -12.62 52.71 39.67
N THR D 128 -11.64 53.49 40.12
CA THR D 128 -11.18 54.70 39.44
C THR D 128 -9.81 54.48 38.81
N VAL D 129 -9.59 55.12 37.66
CA VAL D 129 -8.33 55.04 36.94
C VAL D 129 -7.32 55.98 37.59
N ILE D 130 -6.15 55.44 37.95
CA ILE D 130 -5.08 56.24 38.54
C ILE D 130 -3.75 55.80 37.92
N SER D 131 -2.71 56.58 38.20
CA SER D 131 -1.33 56.20 37.92
C SER D 131 -0.60 56.10 39.25
N SER D 132 -0.04 54.92 39.54
CA SER D 132 0.57 54.68 40.83
C SER D 132 1.86 55.49 40.98
N ARG D 133 2.41 55.45 42.20
CA ARG D 133 3.70 56.07 42.46
C ARG D 133 4.78 55.61 41.49
N ARG D 134 4.72 54.36 41.04
CA ARG D 134 5.68 53.83 40.09
C ARG D 134 5.27 54.07 38.65
N GLY D 135 4.30 54.95 38.41
CA GLY D 135 3.86 55.21 37.05
C GLY D 135 3.12 54.06 36.40
N GLU D 136 2.51 53.18 37.19
CA GLU D 136 1.75 52.05 36.65
C GLU D 136 0.28 52.44 36.52
N LEU D 137 -0.24 52.38 35.30
CA LEU D 137 -1.65 52.66 35.06
C LEU D 137 -2.49 51.60 35.76
N SER D 138 -3.42 52.02 36.61
CA SER D 138 -4.11 51.09 37.48
C SER D 138 -5.57 51.48 37.63
N VAL D 139 -6.39 50.49 37.98
CA VAL D 139 -7.71 50.73 38.55
C VAL D 139 -7.62 50.59 40.07
N LEU D 140 -7.96 51.67 40.78
CA LEU D 140 -8.06 51.63 42.25
C LEU D 140 -9.48 51.17 42.58
N ALA D 141 -9.61 49.92 43.00
CA ALA D 141 -10.93 49.31 43.14
C ALA D 141 -11.73 49.92 44.30
N ASP D 142 -13.04 50.04 44.12
CA ASP D 142 -13.96 50.13 45.25
C ASP D 142 -14.75 48.84 45.43
N SER D 143 -14.68 47.92 44.48
CA SER D 143 -15.26 46.59 44.64
C SER D 143 -14.66 45.68 43.57
N TRP D 144 -14.82 44.39 43.78
CA TRP D 144 -14.40 43.41 42.79
C TRP D 144 -15.28 42.19 42.94
N ARG D 145 -15.29 41.35 41.90
CA ARG D 145 -15.92 40.04 42.04
C ARG D 145 -15.24 39.02 41.14
N MET D 146 -15.35 37.77 41.53
CA MET D 146 -14.90 36.66 40.71
C MET D 146 -15.74 36.59 39.43
N ALA D 147 -15.07 36.48 38.27
CA ALA D 147 -15.80 36.31 37.01
C ALA D 147 -15.70 34.90 36.44
N ALA D 148 -14.58 34.21 36.63
CA ALA D 148 -14.51 32.78 36.33
C ALA D 148 -13.38 32.21 37.15
N LYS D 149 -13.72 31.34 38.10
CA LYS D 149 -12.69 30.68 38.88
C LYS D 149 -11.99 29.63 38.01
N ALA D 150 -10.66 29.70 37.94
CA ALA D 150 -9.84 28.74 37.22
C ALA D 150 -9.47 27.59 38.14
N LEU D 151 -9.81 26.36 37.72
CA LEU D 151 -9.45 25.19 38.50
C LEU D 151 -8.01 24.75 38.27
N ARG D 152 -7.41 25.13 37.14
CA ARG D 152 -6.05 24.74 36.82
C ARG D 152 -5.15 25.97 36.72
N PRO D 153 -3.92 25.89 37.22
CA PRO D 153 -3.00 27.03 37.11
C PRO D 153 -2.40 27.15 35.71
N LEU D 154 -2.16 28.39 35.32
CA LEU D 154 -1.36 28.62 34.12
C LEU D 154 0.06 28.10 34.35
N PRO D 155 0.77 27.74 33.28
CA PRO D 155 2.19 27.40 33.43
C PRO D 155 2.98 28.63 33.84
N VAL D 156 4.11 28.37 34.51
CA VAL D 156 4.97 29.45 34.94
C VAL D 156 6.25 29.46 34.10
N GLU D 160 7.10 26.36 31.09
CA GLU D 160 7.46 26.31 29.68
C GLU D 160 6.78 25.14 28.95
N MET D 161 6.23 25.41 27.76
CA MET D 161 5.41 24.43 27.03
C MET D 161 6.17 23.88 25.84
N SER D 162 6.19 22.54 25.72
CA SER D 162 6.72 21.91 24.52
C SER D 162 5.88 22.27 23.30
N GLU D 163 6.49 22.09 22.12
CA GLU D 163 5.76 22.26 20.86
C GLU D 163 4.49 21.43 20.84
N GLU D 164 4.60 20.17 21.30
CA GLU D 164 3.45 19.28 21.32
C GLU D 164 2.37 19.77 22.29
N SER D 165 2.77 20.32 23.44
CA SER D 165 1.78 20.82 24.40
C SER D 165 1.08 22.06 23.88
N ARG D 166 1.76 22.87 23.07
CA ARG D 166 1.12 24.02 22.45
C ARG D 166 -0.05 23.59 21.59
N VAL D 167 0.11 22.48 20.86
CA VAL D 167 -0.91 22.06 19.91
C VAL D 167 -2.11 21.50 20.64
N ARG D 168 -1.86 20.70 21.69
CA ARG D 168 -2.97 20.09 22.43
C ARG D 168 -3.70 21.08 23.32
N GLN D 169 -3.07 22.19 23.69
CA GLN D 169 -3.71 23.19 24.54
C GLN D 169 -3.39 24.58 24.00
N ARG D 170 -3.90 24.84 22.80
CA ARG D 170 -3.69 26.14 22.17
C ARG D 170 -4.25 27.27 23.00
N TYR D 171 -5.34 27.00 23.75
CA TYR D 171 -5.96 28.03 24.58
C TYR D 171 -5.00 28.51 25.68
N VAL D 172 -4.21 27.60 26.25
CA VAL D 172 -3.17 28.00 27.19
C VAL D 172 -2.07 28.76 26.46
N ASP D 173 -1.65 28.23 25.30
CA ASP D 173 -0.56 28.81 24.52
C ASP D 173 -0.87 30.26 24.13
N LEU D 174 -2.12 30.53 23.72
CA LEU D 174 -2.52 31.89 23.38
C LEU D 174 -2.46 32.82 24.59
N ILE D 175 -2.76 32.31 25.78
CA ILE D 175 -2.71 33.14 26.98
C ILE D 175 -1.26 33.50 27.34
N VAL D 176 -0.35 32.53 27.31
CA VAL D 176 0.97 32.74 27.93
C VAL D 176 2.06 33.10 26.94
N ARG D 177 1.86 32.94 25.64
CA ARG D 177 2.92 33.18 24.67
C ARG D 177 2.48 34.22 23.65
N PRO D 178 2.99 35.45 23.72
CA PRO D 178 2.55 36.51 22.80
C PRO D 178 2.68 36.15 21.33
N GLN D 179 3.71 35.38 20.97
CA GLN D 179 3.91 34.99 19.58
C GLN D 179 2.77 34.11 19.08
N ALA D 180 2.16 33.31 19.96
CA ALA D 180 0.98 32.55 19.55
C ALA D 180 -0.14 33.46 19.12
N ARG D 181 -0.37 34.56 19.85
CA ARG D 181 -1.41 35.52 19.46
C ARG D 181 -1.07 36.19 18.14
N GLU D 182 0.21 36.51 17.94
CA GLU D 182 0.62 37.16 16.71
C GLU D 182 0.42 36.26 15.50
N VAL D 183 0.76 34.97 15.62
CA VAL D 183 0.59 34.05 14.51
C VAL D 183 -0.89 33.94 14.16
N ALA D 184 -1.74 33.82 15.18
CA ALA D 184 -3.17 33.71 14.95
C ALA D 184 -3.70 34.97 14.25
N ARG D 185 -3.23 36.14 14.68
CA ARG D 185 -3.60 37.37 13.98
C ARG D 185 -3.11 37.36 12.55
N GLN D 186 -1.88 36.87 12.32
CA GLN D 186 -1.32 36.85 10.98
C GLN D 186 -2.14 36.00 10.05
N ARG D 187 -2.57 34.82 10.52
CA ARG D 187 -3.37 33.96 9.65
C ARG D 187 -4.65 34.65 9.21
N ILE D 188 -5.34 35.31 10.14
CA ILE D 188 -6.58 35.98 9.82
C ILE D 188 -6.33 37.11 8.83
N ALA D 189 -5.25 37.86 9.03
CA ALA D 189 -4.94 38.99 8.17
C ALA D 189 -4.55 38.55 6.76
N VAL D 190 -3.81 37.44 6.65
CA VAL D 190 -3.40 36.97 5.33
C VAL D 190 -4.60 36.51 4.52
N ILE D 191 -5.53 35.79 5.16
CA ILE D 191 -6.72 35.32 4.46
C ILE D 191 -7.59 36.49 4.02
N ARG D 192 -7.69 37.51 4.87
CA ARG D 192 -8.45 38.69 4.48
C ARG D 192 -7.80 39.39 3.30
N ALA D 193 -6.46 39.51 3.32
CA ALA D 193 -5.75 40.16 2.21
C ALA D 193 -5.88 39.37 0.90
N VAL D 194 -5.95 38.04 0.97
CA VAL D 194 -6.15 37.25 -0.24
C VAL D 194 -7.52 37.55 -0.84
N ARG D 195 -8.56 37.49 -0.01
CA ARG D 195 -9.90 37.86 -0.46
C ARG D 195 -9.93 39.28 -1.03
N ASN D 196 -9.21 40.23 -0.39
CA ASN D 196 -9.21 41.59 -0.90
C ASN D 196 -8.57 41.69 -2.29
N ALA D 197 -7.48 40.95 -2.51
CA ALA D 197 -6.81 41.03 -3.80
C ALA D 197 -7.67 40.47 -4.91
N LEU D 198 -8.47 39.46 -4.60
CA LEU D 198 -9.36 38.84 -5.58
C LEU D 198 -10.59 39.71 -5.86
N GLU D 199 -11.16 40.35 -4.84
CA GLU D 199 -12.27 41.29 -5.04
C GLU D 199 -11.87 42.46 -5.93
N ARG D 200 -10.67 43.01 -5.73
CA ARG D 200 -10.17 44.08 -6.59
C ARG D 200 -10.16 43.68 -8.06
N ARG D 201 -10.00 42.39 -8.35
CA ARG D 201 -9.99 41.90 -9.71
C ARG D 201 -11.32 41.31 -10.13
N GLY D 202 -12.38 41.51 -9.34
CA GLY D 202 -13.71 41.12 -9.73
C GLY D 202 -14.08 39.67 -9.57
N PHE D 203 -13.30 38.89 -8.82
CA PHE D 203 -13.69 37.51 -8.56
C PHE D 203 -14.82 37.46 -7.53
N LEU D 204 -15.70 36.48 -7.67
CA LEU D 204 -16.78 36.23 -6.74
C LEU D 204 -16.54 34.93 -5.98
N GLU D 205 -16.90 34.91 -4.70
CA GLU D 205 -16.70 33.75 -3.86
C GLU D 205 -17.98 32.91 -3.83
N VAL D 206 -17.86 31.61 -4.13
CA VAL D 206 -18.98 30.70 -4.12
C VAL D 206 -18.70 29.57 -3.13
N GLU D 207 -19.73 28.77 -2.88
CA GLU D 207 -19.67 27.58 -2.04
C GLU D 207 -20.02 26.36 -2.90
N THR D 208 -19.11 25.41 -2.97
CA THR D 208 -19.41 24.16 -3.66
C THR D 208 -19.30 23.02 -2.65
N PRO D 209 -19.88 21.85 -2.94
CA PRO D 209 -20.08 20.86 -1.88
C PRO D 209 -18.79 20.16 -1.44
N MET D 210 -18.74 19.85 -0.14
CA MET D 210 -17.65 19.10 0.44
C MET D 210 -17.91 17.59 0.52
N LEU D 211 -19.17 17.17 0.64
CA LEU D 211 -19.53 15.77 0.49
C LEU D 211 -19.91 15.52 -0.96
N GLN D 212 -19.26 14.53 -1.60
CA GLN D 212 -19.41 14.29 -3.03
C GLN D 212 -19.63 12.80 -3.29
N THR D 213 -20.41 12.49 -4.32
CA THR D 213 -20.60 11.09 -4.70
C THR D 213 -19.39 10.55 -5.43
N LEU D 214 -18.58 11.43 -6.01
CA LEU D 214 -17.32 11.06 -6.64
C LEU D 214 -16.39 12.24 -6.43
N ALA D 215 -15.25 11.99 -5.81
CA ALA D 215 -14.31 13.04 -5.47
C ALA D 215 -13.23 13.13 -6.55
N GLY D 216 -13.29 14.17 -7.37
CA GLY D 216 -12.26 14.38 -8.37
C GLY D 216 -11.56 15.73 -8.25
N GLY D 217 -10.88 16.16 -9.30
CA GLY D 217 -10.20 17.45 -9.31
C GLY D 217 -8.78 17.43 -8.80
N ALA D 218 -8.27 16.26 -8.40
CA ALA D 218 -6.89 16.12 -8.00
C ALA D 218 -6.56 14.63 -8.01
N ALA D 219 -5.30 14.31 -7.77
CA ALA D 219 -4.85 12.92 -7.65
C ALA D 219 -4.56 12.65 -6.18
N ALA D 220 -5.56 12.18 -5.46
CA ALA D 220 -5.41 11.90 -4.03
C ALA D 220 -6.46 10.88 -3.61
N ARG D 221 -6.15 10.19 -2.53
CA ARG D 221 -7.09 9.30 -1.88
C ARG D 221 -8.03 10.11 -0.99
N PRO D 222 -9.33 9.84 -1.04
CA PRO D 222 -10.28 10.61 -0.23
C PRO D 222 -10.67 9.93 1.06
N PHE D 223 -11.16 10.71 2.00
CA PHE D 223 -11.92 10.16 3.12
C PHE D 223 -13.27 9.67 2.62
N VAL D 224 -13.68 8.49 3.08
CA VAL D 224 -14.93 7.85 2.69
C VAL D 224 -15.82 7.80 3.91
N THR D 225 -17.10 8.08 3.72
CA THR D 225 -18.04 8.07 4.82
C THR D 225 -19.38 7.54 4.32
N HIS D 226 -20.17 7.01 5.24
CA HIS D 226 -21.48 6.47 4.89
C HIS D 226 -22.56 7.51 5.14
N SER D 227 -23.47 7.64 4.18
CA SER D 227 -24.61 8.54 4.29
C SER D 227 -25.84 7.78 4.78
N ASN D 228 -26.40 8.20 5.91
CA ASN D 228 -27.66 7.60 6.36
C ASN D 228 -28.82 7.99 5.45
N ALA D 229 -28.81 9.24 4.93
CA ALA D 229 -29.93 9.69 4.11
C ALA D 229 -29.98 8.96 2.78
N LEU D 230 -28.83 8.79 2.11
CA LEU D 230 -28.77 8.16 0.79
C LEU D 230 -28.41 6.68 0.85
N ASP D 231 -27.93 6.19 2.00
CA ASP D 231 -27.55 4.80 2.17
C ASP D 231 -26.54 4.37 1.11
N ILE D 232 -25.54 5.22 0.90
CA ILE D 232 -24.41 4.95 0.04
C ILE D 232 -23.17 5.57 0.67
N ASP D 233 -22.01 5.33 0.06
CA ASP D 233 -20.80 6.00 0.49
C ASP D 233 -20.68 7.38 -0.14
N LEU D 234 -20.23 8.33 0.65
CA LEU D 234 -19.86 9.65 0.14
C LEU D 234 -18.38 9.86 0.39
N TYR D 235 -17.82 10.83 -0.31
CA TYR D 235 -16.42 11.15 -0.20
C TYR D 235 -16.28 12.63 0.15
N LEU D 236 -15.36 12.94 1.07
CA LEU D 236 -15.00 14.33 1.32
C LEU D 236 -14.19 14.81 0.13
N ARG D 237 -14.38 16.06 -0.26
CA ARG D 237 -13.75 16.54 -1.48
C ARG D 237 -12.24 16.58 -1.30
N ILE D 238 -11.52 16.26 -2.38
CA ILE D 238 -10.09 16.50 -2.44
C ILE D 238 -9.76 17.83 -3.13
N ALA D 239 -10.75 18.46 -3.78
CA ALA D 239 -10.56 19.69 -4.56
C ALA D 239 -11.93 20.19 -4.99
N PRO D 240 -12.14 21.50 -5.10
CA PRO D 240 -13.41 22.00 -5.65
C PRO D 240 -13.45 22.12 -7.18
N GLU D 241 -12.35 21.75 -7.85
CA GLU D 241 -12.14 22.07 -9.26
C GLU D 241 -13.32 21.69 -10.16
N LEU D 242 -13.82 20.45 -10.06
CA LEU D 242 -14.83 20.04 -11.02
C LEU D 242 -16.14 20.79 -10.81
N PHE D 243 -16.44 21.22 -9.58
CA PHE D 243 -17.64 22.03 -9.38
C PHE D 243 -17.41 23.49 -9.72
N LEU D 244 -16.20 24.02 -9.51
CA LEU D 244 -15.95 25.38 -9.97
C LEU D 244 -16.00 25.47 -11.49
N LYS D 245 -15.58 24.42 -12.21
CA LYS D 245 -15.71 24.40 -13.67
C LYS D 245 -17.18 24.37 -14.10
N ARG D 246 -18.02 23.65 -13.36
CA ARG D 246 -19.45 23.70 -13.65
C ARG D 246 -19.99 25.14 -13.44
N CYS D 247 -19.48 25.86 -12.44
CA CYS D 247 -19.84 27.27 -12.28
C CYS D 247 -19.45 28.08 -13.51
N ILE D 248 -18.30 27.78 -14.11
CA ILE D 248 -17.89 28.48 -15.33
C ILE D 248 -18.86 28.19 -16.47
N VAL D 249 -19.21 26.91 -16.68
CA VAL D 249 -20.23 26.55 -17.68
C VAL D 249 -21.50 27.35 -17.44
N GLY D 250 -21.93 27.44 -16.18
CA GLY D 250 -23.18 28.11 -15.88
C GLY D 250 -23.15 29.62 -16.04
N GLY D 251 -21.97 30.22 -16.12
CA GLY D 251 -21.87 31.64 -16.43
C GLY D 251 -21.18 32.48 -15.39
N PHE D 252 -20.64 31.93 -14.31
CA PHE D 252 -19.71 32.72 -13.51
C PHE D 252 -18.52 33.08 -14.38
N ASP D 253 -18.12 34.34 -14.33
CA ASP D 253 -17.01 34.80 -15.16
C ASP D 253 -15.67 34.70 -14.45
N ARG D 254 -15.63 35.13 -13.18
CA ARG D 254 -14.43 35.08 -12.35
C ARG D 254 -14.89 34.63 -10.97
N VAL D 255 -14.47 33.43 -10.55
CA VAL D 255 -15.03 32.78 -9.38
C VAL D 255 -13.92 32.19 -8.53
N PHE D 256 -14.12 32.14 -7.21
CA PHE D 256 -13.11 31.51 -6.38
C PHE D 256 -13.77 30.86 -5.17
N GLU D 257 -13.03 29.94 -4.56
CA GLU D 257 -13.41 29.34 -3.29
C GLU D 257 -12.17 29.19 -2.43
N LEU D 258 -12.23 29.75 -1.22
CA LEU D 258 -11.17 29.66 -0.24
C LEU D 258 -11.75 28.90 0.95
N ASN D 259 -11.39 27.63 1.08
CA ASN D 259 -12.01 26.77 2.08
C ASN D 259 -11.26 25.43 2.12
N ARG D 260 -11.79 24.52 2.93
CA ARG D 260 -11.15 23.28 3.31
C ARG D 260 -11.24 22.22 2.21
N VAL D 261 -10.17 21.45 2.04
CA VAL D 261 -10.20 20.19 1.29
C VAL D 261 -9.61 19.10 2.16
N PHE D 262 -9.84 17.84 1.78
CA PHE D 262 -9.52 16.71 2.64
C PHE D 262 -8.85 15.62 1.81
N ARG D 263 -7.62 15.25 2.21
CA ARG D 263 -6.82 14.24 1.50
C ARG D 263 -6.30 13.23 2.51
N ASN D 264 -6.69 11.97 2.32
CA ASN D 264 -6.41 10.93 3.31
C ASN D 264 -5.02 10.32 3.09
N GLU D 265 -3.99 11.19 3.18
CA GLU D 265 -2.59 10.83 3.00
C GLU D 265 -1.73 11.22 4.18
N GLY D 266 -0.41 11.08 4.02
CA GLY D 266 0.51 11.29 5.13
C GLY D 266 0.71 12.76 5.46
N SER D 267 1.14 12.98 6.70
CA SER D 267 1.26 14.31 7.29
C SER D 267 2.70 14.56 7.71
N ASP D 268 3.15 15.80 7.55
CA ASP D 268 4.48 16.19 8.02
C ASP D 268 4.51 17.71 8.18
N SER D 269 5.68 18.32 7.95
CA SER D 269 5.87 19.75 8.21
C SER D 269 5.14 20.62 7.20
N THR D 270 4.88 20.11 5.99
CA THR D 270 4.17 20.87 4.97
C THR D 270 2.82 20.26 4.58
N HIS D 271 2.43 19.13 5.19
CA HIS D 271 1.20 18.42 4.86
C HIS D 271 0.34 18.25 6.12
N SER D 272 -0.96 18.20 5.90
CA SER D 272 -1.98 17.95 6.92
C SER D 272 -3.22 17.37 6.20
N PRO D 273 -3.80 16.27 6.69
CA PRO D 273 -4.99 15.68 6.03
C PRO D 273 -6.10 16.70 5.71
N GLU D 274 -6.29 17.72 6.53
CA GLU D 274 -7.28 18.75 6.31
C GLU D 274 -6.55 20.08 6.18
N PHE D 275 -6.79 20.80 5.09
CA PHE D 275 -6.10 22.07 4.95
C PHE D 275 -6.95 23.04 4.13
N SER D 276 -6.53 24.30 4.14
CA SER D 276 -7.25 25.36 3.44
C SER D 276 -6.60 25.65 2.09
N MET D 277 -7.44 25.73 1.06
CA MET D 277 -6.98 25.92 -0.31
CA MET D 277 -6.98 25.92 -0.31
C MET D 277 -7.77 27.05 -0.95
N LEU D 278 -7.10 27.75 -1.86
CA LEU D 278 -7.71 28.73 -2.75
C LEU D 278 -7.66 28.16 -4.17
N GLU D 279 -8.81 28.12 -4.82
CA GLU D 279 -8.90 27.87 -6.26
C GLU D 279 -9.65 29.03 -6.91
N THR D 280 -9.13 29.53 -8.04
CA THR D 280 -9.74 30.61 -8.80
C THR D 280 -9.92 30.18 -10.25
N TYR D 281 -10.95 30.73 -10.90
CA TYR D 281 -11.19 30.47 -12.33
C TYR D 281 -11.58 31.77 -13.01
N GLN D 282 -11.07 31.97 -14.21
CA GLN D 282 -11.17 33.25 -14.90
C GLN D 282 -11.33 32.98 -16.38
N THR D 283 -12.47 33.37 -16.94
CA THR D 283 -12.71 33.14 -18.36
C THR D 283 -11.85 34.05 -19.20
N TYR D 284 -11.52 33.58 -20.41
CA TYR D 284 -10.78 34.36 -21.41
C TYR D 284 -9.42 34.82 -20.88
N GLY D 285 -8.77 33.92 -20.13
CA GLY D 285 -7.37 34.06 -19.83
C GLY D 285 -6.69 32.71 -19.99
N THR D 286 -5.37 32.75 -20.03
CA THR D 286 -4.54 31.55 -20.14
C THR D 286 -3.64 31.44 -18.92
N TYR D 287 -2.80 30.40 -18.91
CA TYR D 287 -1.93 30.18 -17.76
C TYR D 287 -0.88 31.27 -17.63
N ASP D 288 -0.63 32.04 -18.69
CA ASP D 288 0.23 33.21 -18.55
C ASP D 288 -0.46 34.30 -17.75
N ASP D 289 -1.76 34.52 -17.98
CA ASP D 289 -2.47 35.55 -17.25
C ASP D 289 -2.58 35.21 -15.77
N SER D 290 -2.83 33.94 -15.45
CA SER D 290 -2.94 33.55 -14.06
C SER D 290 -1.58 33.51 -13.36
N ALA D 291 -0.49 33.30 -14.10
CA ALA D 291 0.83 33.43 -13.49
C ALA D 291 1.06 34.86 -13.00
N LEU D 292 0.71 35.85 -13.82
CA LEU D 292 0.92 37.24 -13.42
C LEU D 292 0.08 37.59 -12.20
N ILE D 293 -1.22 37.27 -12.24
CA ILE D 293 -2.11 37.58 -11.12
C ILE D 293 -1.62 36.91 -9.84
N THR D 294 -1.18 35.65 -9.95
CA THR D 294 -0.75 34.95 -8.75
C THR D 294 0.49 35.62 -8.13
N ARG D 295 1.40 36.09 -8.97
CA ARG D 295 2.55 36.83 -8.44
C ARG D 295 2.09 38.12 -7.78
N GLU D 296 1.27 38.90 -8.47
CA GLU D 296 0.79 40.16 -7.92
C GLU D 296 0.00 39.94 -6.64
N LEU D 297 -0.84 38.89 -6.60
CA LEU D 297 -1.63 38.61 -5.41
C LEU D 297 -0.74 38.31 -4.22
N ILE D 298 0.28 37.46 -4.40
CA ILE D 298 1.16 37.11 -3.29
C ILE D 298 1.88 38.35 -2.77
N GLN D 299 2.34 39.22 -3.66
CA GLN D 299 3.06 40.41 -3.23
C GLN D 299 2.13 41.43 -2.56
N GLU D 300 0.91 41.57 -3.06
CA GLU D 300 -0.05 42.45 -2.41
C GLU D 300 -0.42 41.94 -1.03
N VAL D 301 -0.51 40.62 -0.88
CA VAL D 301 -0.84 40.02 0.41
C VAL D 301 0.27 40.29 1.43
N ALA D 302 1.53 40.10 1.02
CA ALA D 302 2.63 40.46 1.89
C ALA D 302 2.61 41.94 2.24
N ASP D 303 2.30 42.79 1.26
CA ASP D 303 2.18 44.23 1.52
C ASP D 303 1.16 44.50 2.62
N GLU D 304 -0.05 43.95 2.46
CA GLU D 304 -1.16 44.31 3.32
C GLU D 304 -1.07 43.64 4.70
N ALA D 305 -0.71 42.36 4.72
CA ALA D 305 -0.75 41.56 5.94
C ALA D 305 0.60 41.44 6.64
N ILE D 306 1.71 41.52 5.93
CA ILE D 306 3.04 41.38 6.53
C ILE D 306 3.72 42.73 6.71
N GLY D 307 3.62 43.62 5.72
CA GLY D 307 4.19 44.95 5.81
C GLY D 307 5.45 45.14 5.00
N THR D 308 6.00 44.09 4.42
CA THR D 308 7.20 44.20 3.60
C THR D 308 7.20 43.09 2.56
N ARG D 309 8.09 43.23 1.58
CA ARG D 309 8.41 42.14 0.66
C ARG D 309 9.80 41.55 0.95
N GLN D 310 10.49 42.07 1.97
CA GLN D 310 11.72 41.48 2.49
C GLN D 310 11.34 40.74 3.77
N LEU D 311 11.03 39.45 3.62
CA LEU D 311 10.37 38.68 4.67
C LEU D 311 11.38 38.19 5.69
N SER D 312 11.20 38.57 6.95
CA SER D 312 12.03 38.07 8.03
C SER D 312 11.65 36.63 8.35
N MET D 313 12.66 35.80 8.58
CA MET D 313 12.42 34.38 8.86
C MET D 313 12.83 34.05 10.28
N PRO D 314 12.35 32.90 10.81
CA PRO D 314 12.72 32.53 12.20
C PRO D 314 14.22 32.43 12.44
N ASP D 315 15.03 32.07 11.45
CA ASP D 315 16.46 31.91 11.68
C ASP D 315 17.23 33.21 11.62
N GLY D 316 16.56 34.34 11.41
CA GLY D 316 17.21 35.63 11.27
C GLY D 316 17.41 36.08 9.85
N SER D 317 17.27 35.18 8.87
CA SER D 317 17.50 35.55 7.49
C SER D 317 16.34 36.41 6.97
N VAL D 318 16.54 36.97 5.78
CA VAL D 318 15.54 37.77 5.10
C VAL D 318 15.41 37.27 3.66
N TYR D 319 14.18 36.94 3.27
CA TYR D 319 13.87 36.35 1.96
C TYR D 319 13.13 37.36 1.10
N ASP D 320 13.63 37.58 -0.11
CA ASP D 320 13.14 38.62 -1.01
C ASP D 320 12.11 38.05 -1.98
N ILE D 321 10.87 38.51 -1.89
CA ILE D 321 9.82 38.11 -2.82
C ILE D 321 9.41 39.25 -3.74
N ASP D 322 10.16 40.34 -3.77
CA ASP D 322 9.82 41.47 -4.62
C ASP D 322 10.31 41.24 -6.05
N GLY D 323 9.81 42.07 -6.96
CA GLY D 323 10.24 42.04 -8.34
C GLY D 323 9.52 40.97 -9.14
N GLU D 324 9.83 40.95 -10.43
CA GLU D 324 9.36 39.89 -11.29
C GLU D 324 10.18 38.64 -11.04
N TRP D 325 9.53 37.48 -11.12
CA TRP D 325 10.18 36.23 -10.77
C TRP D 325 10.63 35.47 -12.02
N ALA D 326 11.54 34.52 -11.80
CA ALA D 326 12.08 33.73 -12.90
C ALA D 326 11.09 32.68 -13.37
N THR D 327 11.21 32.32 -14.65
CA THR D 327 10.34 31.32 -15.27
C THR D 327 11.20 30.35 -16.08
N MET D 328 10.90 29.06 -15.98
CA MET D 328 11.62 28.04 -16.72
C MET D 328 10.64 27.01 -17.28
N GLU D 329 11.11 26.26 -18.28
CA GLU D 329 10.34 25.16 -18.85
C GLU D 329 10.83 23.85 -18.26
N MET D 330 9.90 22.92 -18.03
CA MET D 330 10.28 21.66 -17.38
C MET D 330 11.24 20.84 -18.24
N TYR D 331 10.89 20.59 -19.50
CA TYR D 331 11.76 19.76 -20.33
C TYR D 331 13.11 20.43 -20.58
N SER D 332 13.11 21.75 -20.78
CA SER D 332 14.36 22.44 -21.12
C SER D 332 15.32 22.49 -19.93
N SER D 333 14.82 22.87 -18.75
CA SER D 333 15.71 23.01 -17.59
C SER D 333 16.21 21.66 -17.10
N LEU D 334 15.39 20.61 -17.20
CA LEU D 334 15.87 19.27 -16.85
C LEU D 334 17.00 18.85 -17.79
N SER D 335 16.92 19.23 -19.06
CA SER D 335 18.01 18.93 -19.99
C SER D 335 19.27 19.68 -19.61
N GLU D 336 19.15 20.99 -19.36
CA GLU D 336 20.31 21.77 -18.93
C GLU D 336 20.98 21.15 -17.71
N ALA D 337 20.17 20.69 -16.74
CA ALA D 337 20.72 20.11 -15.52
C ALA D 337 21.29 18.71 -15.74
N LEU D 338 20.78 17.95 -16.69
CA LEU D 338 21.31 16.61 -16.95
C LEU D 338 22.42 16.60 -17.99
N GLY D 339 22.57 17.67 -18.77
CA GLY D 339 23.47 17.65 -19.91
C GLY D 339 23.02 16.77 -21.06
N GLU D 340 21.87 16.13 -20.93
CA GLU D 340 21.31 15.27 -21.97
C GLU D 340 19.99 15.86 -22.43
N GLN D 341 19.71 15.76 -23.73
CA GLN D 341 18.50 16.34 -24.30
C GLN D 341 17.29 15.46 -23.97
N ILE D 342 16.36 16.02 -23.20
CA ILE D 342 15.12 15.34 -22.83
C ILE D 342 13.97 16.09 -23.50
N THR D 343 13.16 15.36 -24.26
CA THR D 343 11.96 15.87 -24.92
C THR D 343 10.82 14.93 -24.64
N PRO D 344 9.59 15.31 -25.01
CA PRO D 344 8.47 14.35 -24.88
C PRO D 344 8.70 13.05 -25.64
N GLU D 345 9.56 13.03 -26.66
CA GLU D 345 9.78 11.81 -27.42
C GLU D 345 10.71 10.83 -26.72
N THR D 346 11.36 11.22 -25.63
CA THR D 346 12.27 10.33 -24.92
C THR D 346 11.52 9.12 -24.36
N THR D 347 12.12 7.93 -24.55
CA THR D 347 11.52 6.67 -24.16
C THR D 347 11.53 6.48 -22.65
N VAL D 348 10.60 5.64 -22.18
CA VAL D 348 10.57 5.25 -20.77
C VAL D 348 11.89 4.59 -20.36
N ALA D 349 12.41 3.70 -21.20
CA ALA D 349 13.64 2.99 -20.86
C ALA D 349 14.79 3.96 -20.58
N ARG D 350 14.96 4.96 -21.45
CA ARG D 350 16.00 5.96 -21.24
C ARG D 350 15.82 6.69 -19.91
N LEU D 351 14.59 7.00 -19.53
CA LEU D 351 14.35 7.78 -18.32
C LEU D 351 14.55 6.94 -17.07
N ARG D 352 14.08 5.70 -17.07
CA ARG D 352 14.33 4.83 -15.92
C ARG D 352 15.81 4.49 -15.80
N ASP D 353 16.53 4.51 -16.93
CA ASP D 353 17.99 4.34 -16.89
C ASP D 353 18.66 5.52 -16.21
N ILE D 354 18.28 6.74 -16.61
CA ILE D 354 18.81 7.95 -16.01
C ILE D 354 18.56 7.96 -14.52
N ALA D 355 17.44 7.38 -14.07
CA ALA D 355 17.06 7.44 -12.67
C ALA D 355 18.00 6.62 -11.81
N SER D 356 18.20 5.35 -12.15
CA SER D 356 19.10 4.52 -11.35
C SER D 356 20.51 5.09 -11.33
N GLY D 357 20.96 5.62 -12.47
CA GLY D 357 22.28 6.23 -12.51
C GLY D 357 22.40 7.44 -11.62
N LEU D 358 21.29 8.10 -11.31
CA LEU D 358 21.27 9.24 -10.41
C LEU D 358 20.81 8.87 -9.00
N ASP D 359 20.39 7.62 -8.79
CA ASP D 359 20.03 7.08 -7.47
C ASP D 359 18.72 7.67 -6.93
N VAL D 360 17.74 7.85 -7.81
CA VAL D 360 16.39 8.21 -7.40
C VAL D 360 15.45 7.08 -7.78
N GLU D 361 14.44 6.85 -6.93
CA GLU D 361 13.63 5.64 -7.00
C GLU D 361 12.37 5.86 -7.81
N ILE D 362 12.04 4.87 -8.64
CA ILE D 362 10.88 4.90 -9.53
C ILE D 362 10.15 3.56 -9.44
N ASP D 363 8.89 3.58 -9.89
CA ASP D 363 7.99 2.42 -9.80
C ASP D 363 8.00 1.68 -11.14
N ASN D 364 8.41 0.40 -11.11
CA ASN D 364 8.54 -0.38 -12.34
C ASN D 364 7.20 -0.58 -13.04
N SER D 365 6.10 -0.52 -12.30
CA SER D 365 4.78 -0.77 -12.86
C SER D 365 3.97 0.51 -13.07
N VAL D 366 3.89 1.36 -12.04
CA VAL D 366 2.99 2.51 -12.08
C VAL D 366 3.58 3.63 -12.94
N PHE D 367 4.85 3.96 -12.74
CA PHE D 367 5.42 5.17 -13.31
C PHE D 367 5.63 5.03 -14.82
N GLY D 368 5.13 6.01 -15.57
CA GLY D 368 5.34 6.10 -17.01
C GLY D 368 6.15 7.33 -17.38
N HIS D 369 6.16 7.69 -18.67
CA HIS D 369 7.02 8.79 -19.13
C HIS D 369 6.83 10.05 -18.29
N GLY D 370 5.57 10.42 -18.02
CA GLY D 370 5.30 11.70 -17.38
C GLY D 370 5.80 11.77 -15.94
N LYS D 371 5.44 10.78 -15.12
CA LYS D 371 5.90 10.82 -13.74
C LYS D 371 7.41 10.66 -13.63
N LEU D 372 8.04 10.07 -14.64
CA LEU D 372 9.50 9.97 -14.65
C LEU D 372 10.14 11.33 -14.88
N VAL D 373 9.70 12.06 -15.91
CA VAL D 373 10.22 13.40 -16.16
C VAL D 373 9.95 14.31 -14.96
N GLU D 374 8.77 14.18 -14.34
CA GLU D 374 8.45 15.01 -13.19
C GLU D 374 9.38 14.69 -12.02
N GLU D 375 9.57 13.41 -11.72
CA GLU D 375 10.42 13.03 -10.60
C GLU D 375 11.87 13.40 -10.87
N LEU D 376 12.33 13.24 -12.11
CA LEU D 376 13.69 13.64 -12.47
C LEU D 376 13.86 15.15 -12.35
N TRP D 377 12.86 15.92 -12.80
CA TRP D 377 12.96 17.37 -12.68
C TRP D 377 13.00 17.79 -11.21
N GLU D 378 12.19 17.13 -10.36
CA GLU D 378 12.15 17.47 -8.95
C GLU D 378 13.51 17.27 -8.29
N HIS D 379 14.21 16.20 -8.65
CA HIS D 379 15.47 15.88 -7.99
C HIS D 379 16.63 16.71 -8.52
N ALA D 380 16.64 17.00 -9.83
CA ALA D 380 17.75 17.72 -10.44
C ALA D 380 17.57 19.24 -10.46
N VAL D 381 16.34 19.72 -10.49
CA VAL D 381 16.11 21.16 -10.58
C VAL D 381 15.26 21.62 -9.41
N GLY D 382 14.09 21.00 -9.24
CA GLY D 382 13.11 21.39 -8.25
C GLY D 382 13.64 21.58 -6.85
N ASN D 383 14.29 20.55 -6.29
CA ASN D 383 14.74 20.62 -4.92
C ASN D 383 15.85 21.64 -4.69
N LYS D 384 16.45 22.19 -5.75
CA LYS D 384 17.57 23.12 -5.61
C LYS D 384 17.16 24.58 -5.86
N LEU D 385 15.89 24.93 -5.71
CA LEU D 385 15.40 26.25 -6.08
C LEU D 385 15.44 27.20 -4.89
N THR D 386 16.10 28.35 -5.07
CA THR D 386 16.20 29.37 -4.02
C THR D 386 15.05 30.36 -4.13
N ALA D 387 15.06 31.18 -5.17
CA ALA D 387 14.18 32.32 -5.31
C ALA D 387 12.81 31.89 -5.80
N PRO D 388 11.83 32.80 -5.81
CA PRO D 388 10.54 32.47 -6.44
C PRO D 388 10.73 32.09 -7.90
N THR D 389 10.11 30.99 -8.30
CA THR D 389 10.33 30.43 -9.63
C THR D 389 9.06 29.74 -10.11
N PHE D 390 8.70 30.00 -11.37
CA PHE D 390 7.69 29.26 -12.10
C PHE D 390 8.35 28.20 -12.96
N VAL D 391 7.75 27.02 -13.01
CA VAL D 391 8.11 26.01 -14.00
C VAL D 391 6.84 25.67 -14.78
N LYS D 392 6.93 25.76 -16.11
CA LYS D 392 5.77 25.63 -16.97
C LYS D 392 5.99 24.56 -18.03
N ASP D 393 4.87 24.11 -18.61
CA ASP D 393 4.82 23.22 -19.76
C ASP D 393 5.10 21.77 -19.37
N PHE D 394 4.10 21.12 -18.78
CA PHE D 394 4.19 19.81 -18.13
C PHE D 394 3.88 18.69 -19.12
N PRO D 395 4.31 17.47 -18.81
CA PRO D 395 3.93 16.32 -19.66
C PRO D 395 2.45 16.02 -19.55
N VAL D 396 1.85 15.60 -20.67
CA VAL D 396 0.40 15.48 -20.73
C VAL D 396 -0.11 14.36 -19.83
N GLU D 397 0.71 13.30 -19.66
CA GLU D 397 0.29 12.13 -18.88
C GLU D 397 -0.07 12.47 -17.44
N THR D 398 0.62 13.45 -16.86
CA THR D 398 0.46 13.82 -15.46
C THR D 398 -0.44 15.05 -15.26
N THR D 399 -1.08 15.55 -16.33
CA THR D 399 -1.95 16.73 -16.24
C THR D 399 -3.23 16.46 -17.03
N PRO D 400 -4.10 15.57 -16.51
CA PRO D 400 -5.31 15.19 -17.25
C PRO D 400 -6.36 16.30 -17.41
N LEU D 401 -6.31 17.36 -16.61
CA LEU D 401 -7.32 18.43 -16.66
C LEU D 401 -6.81 19.70 -17.32
N THR D 402 -5.59 19.66 -17.86
CA THR D 402 -4.92 20.82 -18.42
C THR D 402 -4.95 20.78 -19.94
N ARG D 403 -5.21 21.93 -20.57
CA ARG D 403 -5.24 22.00 -22.02
C ARG D 403 -3.86 21.70 -22.60
N GLN D 404 -3.81 20.93 -23.67
CA GLN D 404 -2.55 20.73 -24.36
C GLN D 404 -2.00 22.07 -24.85
N HIS D 405 -0.68 22.12 -24.96
CA HIS D 405 0.01 23.34 -25.37
C HIS D 405 -0.39 23.75 -26.79
N ARG D 406 -0.40 25.06 -27.03
CA ARG D 406 -0.91 25.60 -28.29
C ARG D 406 0.02 25.34 -29.47
N SER D 407 1.25 24.87 -29.25
CA SER D 407 2.14 24.61 -30.39
C SER D 407 3.07 23.43 -30.16
N ILE D 408 3.48 23.19 -28.92
CA ILE D 408 4.48 22.17 -28.62
C ILE D 408 3.75 20.86 -28.32
N PRO D 409 4.04 19.78 -29.04
CA PRO D 409 3.35 18.51 -28.81
C PRO D 409 3.81 17.80 -27.54
N GLY D 410 2.89 17.03 -26.97
CA GLY D 410 3.16 16.22 -25.78
C GLY D 410 3.16 16.98 -24.48
N VAL D 411 2.84 18.27 -24.50
CA VAL D 411 3.08 19.19 -23.39
C VAL D 411 1.77 19.94 -23.11
N THR D 412 1.48 20.21 -21.83
CA THR D 412 0.28 20.94 -21.46
C THR D 412 0.61 22.27 -20.80
N GLU D 413 -0.36 23.19 -20.84
CA GLU D 413 -0.18 24.57 -20.39
C GLU D 413 -0.47 24.66 -18.89
N LYS D 414 0.50 24.20 -18.10
CA LYS D 414 0.43 24.26 -16.66
C LYS D 414 1.74 24.85 -16.14
N TRP D 415 1.65 25.63 -15.06
CA TRP D 415 2.83 26.05 -14.32
C TRP D 415 2.68 25.68 -12.85
N ASP D 416 3.81 25.38 -12.20
CA ASP D 416 3.91 25.27 -10.76
C ASP D 416 4.78 26.41 -10.25
N LEU D 417 4.45 26.95 -9.08
CA LEU D 417 5.18 28.06 -8.50
C LEU D 417 5.86 27.62 -7.21
N TYR D 418 7.17 27.83 -7.13
CA TYR D 418 7.98 27.44 -5.99
C TYR D 418 8.50 28.69 -5.30
N VAL D 419 8.14 28.85 -4.02
CA VAL D 419 8.58 29.99 -3.21
C VAL D 419 9.27 29.45 -1.96
N ARG D 420 10.50 29.91 -1.73
CA ARG D 420 11.32 29.43 -0.60
C ARG D 420 11.47 27.91 -0.62
N GLY D 421 11.70 27.36 -1.82
CA GLY D 421 11.77 25.91 -1.99
C GLY D 421 10.47 25.18 -1.69
N VAL D 422 9.36 25.90 -1.58
CA VAL D 422 8.06 25.33 -1.23
C VAL D 422 7.15 25.40 -2.45
N GLU D 423 6.60 24.25 -2.84
CA GLU D 423 5.57 24.20 -3.89
C GLU D 423 4.31 24.89 -3.39
N LEU D 424 4.02 26.07 -3.92
CA LEU D 424 3.00 26.95 -3.34
C LEU D 424 1.70 27.01 -4.14
N ALA D 425 1.77 27.16 -5.47
CA ALA D 425 0.59 27.40 -6.29
C ALA D 425 0.74 26.71 -7.64
N THR D 426 -0.37 26.59 -8.35
CA THR D 426 -0.36 25.99 -9.68
C THR D 426 -1.44 26.65 -10.54
N GLY D 427 -1.22 26.65 -11.86
CA GLY D 427 -2.17 27.26 -12.78
C GLY D 427 -2.25 26.56 -14.13
N TYR D 428 -3.46 26.51 -14.71
CA TYR D 428 -3.69 25.85 -15.99
C TYR D 428 -4.36 26.79 -16.98
N SER D 429 -4.04 26.60 -18.27
CA SER D 429 -5.03 26.84 -19.31
C SER D 429 -5.98 25.63 -19.28
N GLU D 430 -7.23 25.86 -18.91
CA GLU D 430 -8.12 24.74 -18.60
C GLU D 430 -8.52 23.98 -19.87
N LEU D 431 -8.55 22.65 -19.77
CA LEU D 431 -9.07 21.82 -20.85
C LEU D 431 -10.59 21.96 -20.90
N ASN D 432 -11.12 22.51 -22.00
CA ASN D 432 -12.56 22.65 -22.13
C ASN D 432 -13.15 21.81 -23.27
N ASP D 433 -12.32 21.20 -24.10
CA ASP D 433 -12.77 20.25 -25.13
C ASP D 433 -13.27 18.96 -24.45
N PRO D 434 -14.56 18.65 -24.52
CA PRO D 434 -15.06 17.47 -23.79
C PRO D 434 -14.65 16.14 -24.40
N VAL D 435 -14.35 16.09 -25.70
CA VAL D 435 -13.91 14.83 -26.29
C VAL D 435 -12.51 14.48 -25.81
N VAL D 436 -11.59 15.45 -25.83
CA VAL D 436 -10.25 15.20 -25.34
C VAL D 436 -10.26 14.91 -23.85
N GLN D 437 -11.15 15.59 -23.11
CA GLN D 437 -11.22 15.35 -21.67
C GLN D 437 -11.61 13.89 -21.40
N ARG D 438 -12.54 13.35 -22.19
CA ARG D 438 -12.88 11.94 -22.08
C ARG D 438 -11.66 11.06 -22.38
N ASP D 439 -10.82 11.45 -23.34
CA ASP D 439 -9.60 10.71 -23.63
C ASP D 439 -8.63 10.72 -22.45
N ARG D 440 -8.51 11.87 -21.79
CA ARG D 440 -7.63 11.97 -20.62
C ARG D 440 -8.09 11.04 -19.51
N PHE D 441 -9.41 10.98 -19.27
CA PHE D 441 -9.92 10.05 -18.28
C PHE D 441 -9.63 8.60 -18.69
N ALA D 442 -9.69 8.31 -19.99
CA ALA D 442 -9.33 6.97 -20.44
C ALA D 442 -7.88 6.65 -20.11
N ASP D 443 -6.97 7.61 -20.31
CA ASP D 443 -5.58 7.36 -19.94
C ASP D 443 -5.44 7.16 -18.43
N GLN D 444 -6.17 7.94 -17.63
CA GLN D 444 -6.15 7.76 -16.19
C GLN D 444 -6.71 6.40 -15.79
N ALA D 445 -7.70 5.91 -16.53
CA ALA D 445 -8.23 4.57 -16.27
C ALA D 445 -7.16 3.51 -16.50
N ARG D 446 -6.26 3.74 -17.46
CA ARG D 446 -5.13 2.82 -17.64
C ARG D 446 -4.18 2.89 -16.47
N ALA D 447 -3.90 4.11 -15.97
CA ALA D 447 -3.03 4.23 -14.83
C ALA D 447 -3.59 3.47 -13.63
N ALA D 448 -4.90 3.60 -13.39
CA ALA D 448 -5.50 2.87 -12.26
C ALA D 448 -5.39 1.37 -12.47
N ALA D 449 -5.63 0.90 -13.69
CA ALA D 449 -5.49 -0.52 -13.98
C ALA D 449 -4.07 -1.02 -13.70
N ALA D 450 -3.07 -0.16 -13.82
CA ALA D 450 -1.69 -0.55 -13.55
C ALA D 450 -1.34 -0.48 -12.06
N GLY D 451 -2.25 -0.02 -11.21
CA GLY D 451 -2.00 0.04 -9.78
C GLY D 451 -2.03 1.45 -9.20
N ASP D 452 -2.23 2.50 -9.99
CA ASP D 452 -2.22 3.86 -9.46
C ASP D 452 -3.63 4.17 -8.95
N ASP D 453 -3.85 3.91 -7.67
CA ASP D 453 -5.18 4.05 -7.11
C ASP D 453 -5.55 5.50 -6.81
N GLU D 454 -4.66 6.45 -7.09
CA GLU D 454 -4.94 7.88 -6.99
C GLU D 454 -5.33 8.51 -8.32
N ALA D 455 -5.27 7.76 -9.43
CA ALA D 455 -5.65 8.31 -10.72
C ALA D 455 -7.11 8.78 -10.69
N MET D 456 -7.44 9.68 -11.61
CA MET D 456 -8.76 10.31 -11.60
C MET D 456 -9.80 9.39 -12.22
N GLN D 457 -10.83 9.05 -11.46
CA GLN D 457 -11.95 8.29 -12.00
C GLN D 457 -12.80 9.17 -12.91
N LEU D 458 -13.39 8.56 -13.93
CA LEU D 458 -14.20 9.28 -14.89
C LEU D 458 -15.45 9.82 -14.23
N ASP D 459 -15.68 11.13 -14.35
CA ASP D 459 -16.85 11.78 -13.77
C ASP D 459 -17.78 12.14 -14.92
N GLU D 460 -18.79 11.32 -15.15
CA GLU D 460 -19.64 11.51 -16.32
C GLU D 460 -20.43 12.83 -16.25
N ASP D 461 -20.92 13.20 -15.06
CA ASP D 461 -21.67 14.46 -14.99
C ASP D 461 -20.78 15.68 -15.23
N PHE D 462 -19.51 15.61 -14.85
CA PHE D 462 -18.59 16.70 -15.21
C PHE D 462 -18.43 16.78 -16.74
N LEU D 463 -18.27 15.63 -17.40
CA LEU D 463 -18.16 15.59 -18.86
C LEU D 463 -19.44 16.12 -19.50
N THR D 464 -20.60 15.74 -18.96
CA THR D 464 -21.85 16.31 -19.43
C THR D 464 -21.81 17.84 -19.39
N ALA D 465 -21.31 18.40 -18.28
CA ALA D 465 -21.21 19.85 -18.16
C ALA D 465 -20.32 20.45 -19.25
N LEU D 466 -19.16 19.84 -19.49
CA LEU D 466 -18.28 20.32 -20.57
C LEU D 466 -18.96 20.23 -21.92
N GLU D 467 -19.88 19.28 -22.08
CA GLU D 467 -20.54 19.06 -23.37
C GLU D 467 -21.63 20.08 -23.67
N TYR D 468 -21.98 20.93 -22.72
CA TYR D 468 -22.81 22.09 -22.97
C TYR D 468 -22.01 23.33 -23.38
N GLY D 469 -20.68 23.26 -23.33
CA GLY D 469 -19.84 24.39 -23.70
C GLY D 469 -19.27 25.19 -22.55
N MET D 470 -18.00 24.96 -22.24
CA MET D 470 -17.33 25.78 -21.24
C MET D 470 -16.42 26.78 -21.92
N PRO D 471 -16.57 28.08 -21.66
CA PRO D 471 -15.67 29.04 -22.28
C PRO D 471 -14.25 28.80 -21.85
N PRO D 472 -13.27 29.16 -22.68
CA PRO D 472 -11.87 29.05 -22.28
C PRO D 472 -11.64 29.82 -21.00
N CYS D 473 -10.77 29.29 -20.15
CA CYS D 473 -10.54 29.92 -18.86
C CYS D 473 -9.22 29.41 -18.30
N THR D 474 -8.78 30.05 -17.23
CA THR D 474 -7.56 29.65 -16.54
C THR D 474 -7.86 29.57 -15.05
N GLY D 475 -7.45 28.45 -14.45
CA GLY D 475 -7.66 28.21 -13.04
C GLY D 475 -6.34 28.14 -12.29
N THR D 476 -6.38 28.49 -11.00
CA THR D 476 -5.23 28.37 -10.12
C THR D 476 -5.64 27.66 -8.83
N GLY D 477 -4.65 27.06 -8.20
CA GLY D 477 -4.83 26.48 -6.87
C GLY D 477 -3.66 26.89 -6.00
N MET D 478 -3.96 27.16 -4.73
CA MET D 478 -2.89 27.59 -3.82
C MET D 478 -3.24 27.20 -2.38
N GLY D 479 -2.28 26.58 -1.70
CA GLY D 479 -2.47 26.20 -0.32
C GLY D 479 -2.33 27.41 0.58
N ILE D 480 -3.37 27.71 1.36
CA ILE D 480 -3.33 28.88 2.23
C ILE D 480 -2.30 28.67 3.35
N ASP D 481 -2.30 27.49 3.95
CA ASP D 481 -1.34 27.22 5.01
C ASP D 481 0.08 27.31 4.47
N ARG D 482 0.30 26.83 3.23
CA ARG D 482 1.61 26.97 2.61
C ARG D 482 1.91 28.43 2.26
N LEU D 483 0.90 29.19 1.83
CA LEU D 483 1.13 30.63 1.67
C LEU D 483 1.68 31.22 2.96
N LEU D 484 1.10 30.84 4.10
CA LEU D 484 1.59 31.32 5.39
C LEU D 484 3.04 30.90 5.61
N MET D 485 3.34 29.62 5.41
CA MET D 485 4.68 29.12 5.58
C MET D 485 5.69 29.91 4.77
N CYS D 486 5.32 30.31 3.54
CA CYS D 486 6.25 31.03 2.70
C CYS D 486 6.50 32.44 3.20
N LEU D 487 5.45 33.10 3.72
CA LEU D 487 5.60 34.48 4.17
C LEU D 487 6.26 34.59 5.53
N THR D 488 6.11 33.57 6.39
CA THR D 488 6.55 33.66 7.77
C THR D 488 7.57 32.61 8.18
N GLY D 489 7.72 31.54 7.42
CA GLY D 489 8.65 30.48 7.79
C GLY D 489 8.13 29.51 8.83
N LEU D 490 6.82 29.45 9.04
CA LEU D 490 6.23 28.64 10.11
C LEU D 490 5.57 27.39 9.56
N SER D 491 5.71 26.29 10.29
CA SER D 491 5.07 25.02 9.94
C SER D 491 3.55 25.15 9.97
N ILE D 492 2.88 24.23 9.26
CA ILE D 492 1.43 24.27 9.21
C ILE D 492 0.84 24.00 10.58
N ARG D 493 1.53 23.25 11.43
CA ARG D 493 1.08 22.99 12.79
C ARG D 493 1.34 24.17 13.73
N GLU D 494 1.93 25.25 13.23
CA GLU D 494 2.03 26.48 14.00
C GLU D 494 1.00 27.50 13.58
N THR D 495 0.56 27.46 12.33
CA THR D 495 -0.34 28.46 11.77
C THR D 495 -1.81 28.07 11.86
N VAL D 496 -2.12 26.85 12.27
CA VAL D 496 -3.49 26.40 12.44
C VAL D 496 -3.80 26.42 13.93
N LEU D 497 -4.97 26.94 14.30
CA LEU D 497 -5.31 27.07 15.71
C LEU D 497 -5.33 25.71 16.40
N PHE D 498 -6.07 24.76 15.82
CA PHE D 498 -6.23 23.44 16.44
C PHE D 498 -5.85 22.33 15.46
N PRO D 499 -4.54 22.13 15.24
CA PRO D 499 -4.12 20.98 14.42
C PRO D 499 -4.58 19.69 15.09
N ILE D 500 -5.02 18.74 14.28
CA ILE D 500 -5.59 17.50 14.82
C ILE D 500 -4.48 16.68 15.49
N VAL D 501 -4.78 16.18 16.69
CA VAL D 501 -3.88 15.31 17.45
C VAL D 501 -4.66 14.08 17.90
N ARG D 502 -3.90 13.01 18.18
CA ARG D 502 -4.49 11.79 18.68
C ARG D 502 -4.92 11.95 20.13
N PRO D 503 -6.03 11.35 20.54
CA PRO D 503 -6.48 11.47 21.93
C PRO D 503 -5.74 10.53 22.88
N HIS D 504 -6.04 10.70 24.17
CA HIS D 504 -5.41 9.99 25.30
C HIS D 504 -3.92 10.34 25.41
#